data_5YCQ
# 
_entry.id   5YCQ 
# 
_audit_conform.dict_name       mmcif_pdbx.dic 
_audit_conform.dict_version    5.397 
_audit_conform.dict_location   http://mmcif.pdb.org/dictionaries/ascii/mmcif_pdbx.dic 
# 
loop_
_database_2.database_id 
_database_2.database_code 
_database_2.pdbx_database_accession 
_database_2.pdbx_DOI 
PDB   5YCQ         pdb_00005ycq 10.2210/pdb5ycq/pdb 
WWPDB D_1300005043 ?            ?                   
# 
loop_
_pdbx_audit_revision_history.ordinal 
_pdbx_audit_revision_history.data_content_type 
_pdbx_audit_revision_history.major_revision 
_pdbx_audit_revision_history.minor_revision 
_pdbx_audit_revision_history.revision_date 
1 'Structure model' 1 0 2018-04-11 
2 'Structure model' 1 1 2024-10-16 
# 
_pdbx_audit_revision_details.ordinal             1 
_pdbx_audit_revision_details.revision_ordinal    1 
_pdbx_audit_revision_details.data_content_type   'Structure model' 
_pdbx_audit_revision_details.provider            repository 
_pdbx_audit_revision_details.type                'Initial release' 
_pdbx_audit_revision_details.description         ? 
_pdbx_audit_revision_details.details             ? 
# 
loop_
_pdbx_audit_revision_group.ordinal 
_pdbx_audit_revision_group.revision_ordinal 
_pdbx_audit_revision_group.data_content_type 
_pdbx_audit_revision_group.group 
1 2 'Structure model' 'Data collection'     
2 2 'Structure model' 'Database references' 
3 2 'Structure model' 'Structure summary'   
# 
loop_
_pdbx_audit_revision_category.ordinal 
_pdbx_audit_revision_category.revision_ordinal 
_pdbx_audit_revision_category.data_content_type 
_pdbx_audit_revision_category.category 
1 2 'Structure model' chem_comp_atom            
2 2 'Structure model' chem_comp_bond            
3 2 'Structure model' database_2                
4 2 'Structure model' pdbx_entry_details        
5 2 'Structure model' pdbx_modification_feature 
# 
loop_
_pdbx_audit_revision_item.ordinal 
_pdbx_audit_revision_item.revision_ordinal 
_pdbx_audit_revision_item.data_content_type 
_pdbx_audit_revision_item.item 
1 2 'Structure model' '_database_2.pdbx_DOI'                
2 2 'Structure model' '_database_2.pdbx_database_accession' 
# 
_pdbx_database_PDB_obs_spr.id               SPRSDE 
_pdbx_database_PDB_obs_spr.date             2018-04-11 
_pdbx_database_PDB_obs_spr.pdb_id           5YCQ 
_pdbx_database_PDB_obs_spr.replace_pdb_id   1VBV 
_pdbx_database_PDB_obs_spr.details          ? 
# 
_pdbx_database_status.status_code                     REL 
_pdbx_database_status.status_code_sf                  REL 
_pdbx_database_status.status_code_mr                  ? 
_pdbx_database_status.entry_id                        5YCQ 
_pdbx_database_status.recvd_initial_deposition_date   2017-09-08 
_pdbx_database_status.SG_entry                        N 
_pdbx_database_status.deposit_site                    PDBJ 
_pdbx_database_status.process_site                    PDBJ 
_pdbx_database_status.status_code_cs                  ? 
_pdbx_database_status.methods_development_category    ? 
_pdbx_database_status.pdb_format_compatible           Y 
_pdbx_database_status.status_code_nmr_data            ? 
# 
loop_
_audit_author.name 
_audit_author.pdbx_ordinal 
_audit_author.identifier_ORCID 
'Abe, Y.'      1 ? 
'Shioi, S.'    2 ? 
'Kita, S.'     3 ? 
'Nakata, H.'   4 ? 
'Maenaka, K.'  5 ? 
'Kohda, D.'    6 ? 
'Katayama, T.' 7 ? 
'Ueda, T.'     8 ? 
# 
_citation.abstract                  ? 
_citation.abstract_id_CAS           ? 
_citation.book_id_ISBN              ? 
_citation.book_publisher            ? 
_citation.book_publisher_city       ? 
_citation.book_title                ? 
_citation.coordinate_linkage        ? 
_citation.country                   NE 
_citation.database_id_Medline       ? 
_citation.details                   ? 
_citation.id                        primary 
_citation.journal_abbrev            'FEBS Lett.' 
_citation.journal_id_ASTM           FEBLAL 
_citation.journal_id_CSD            0165 
_citation.journal_id_ISSN           1873-3468 
_citation.journal_full              ? 
_citation.journal_issue             ? 
_citation.journal_volume            591 
_citation.language                  ? 
_citation.page_first                3805 
_citation.page_last                 3816 
_citation.title                     
'X-ray crystal structure of Escherichia coli HspQ, a protein involved in the retardation of replication initiation' 
_citation.year                      2017 
_citation.database_id_CSD           ? 
_citation.pdbx_database_id_DOI      10.1002/1873-3468.12892 
_citation.pdbx_database_id_PubMed   29083032 
_citation.unpublished_flag          ? 
# 
loop_
_citation_author.citation_id 
_citation_author.name 
_citation_author.ordinal 
_citation_author.identifier_ORCID 
primary 'Abe, Y.'      1 ? 
primary 'Shioi, S.'    2 ? 
primary 'Kita, S.'     3 ? 
primary 'Nakata, H.'   4 ? 
primary 'Maenaka, K.'  5 ? 
primary 'Kohda, D.'    6 ? 
primary 'Katayama, T.' 7 ? 
primary 'Ueda, T.'     8 ? 
# 
loop_
_entity.id 
_entity.type 
_entity.src_method 
_entity.pdbx_description 
_entity.formula_weight 
_entity.pdbx_number_of_molecules 
_entity.pdbx_ec 
_entity.pdbx_mutation 
_entity.pdbx_fragment 
_entity.details 
1 polymer man 'Heat shock protein HspQ' 11930.830 1 ? ? ? ? 
2 water   nat water                     18.015    6 ? ? ? ? 
# 
_entity_poly.entity_id                      1 
_entity_poly.type                           'polypeptide(L)' 
_entity_poly.nstd_linkage                   no 
_entity_poly.nstd_monomer                   yes 
_entity_poly.pdbx_seq_one_letter_code       
;(MSE)IASKFGIGQQVRHSLLGYLGVVVDIDPVYSLSEPSPDELAVNDELRAAPWYHVV(MSE)EDDNGLPVHTYLAEAQ
LSSELQDEHPEQPS(MSE)DELAQTIRKQLQAPRLRN
;
_entity_poly.pdbx_seq_one_letter_code_can   
;MIASKFGIGQQVRHSLLGYLGVVVDIDPVYSLSEPSPDELAVNDELRAAPWYHVVMEDDNGLPVHTYLAEAQLSSELQDE
HPEQPSMDELAQTIRKQLQAPRLRN
;
_entity_poly.pdbx_strand_id                 A 
_entity_poly.pdbx_target_identifier         ? 
# 
_pdbx_entity_nonpoly.entity_id   2 
_pdbx_entity_nonpoly.name        water 
_pdbx_entity_nonpoly.comp_id     HOH 
# 
loop_
_entity_poly_seq.entity_id 
_entity_poly_seq.num 
_entity_poly_seq.mon_id 
_entity_poly_seq.hetero 
1 1   MSE n 
1 2   ILE n 
1 3   ALA n 
1 4   SER n 
1 5   LYS n 
1 6   PHE n 
1 7   GLY n 
1 8   ILE n 
1 9   GLY n 
1 10  GLN n 
1 11  GLN n 
1 12  VAL n 
1 13  ARG n 
1 14  HIS n 
1 15  SER n 
1 16  LEU n 
1 17  LEU n 
1 18  GLY n 
1 19  TYR n 
1 20  LEU n 
1 21  GLY n 
1 22  VAL n 
1 23  VAL n 
1 24  VAL n 
1 25  ASP n 
1 26  ILE n 
1 27  ASP n 
1 28  PRO n 
1 29  VAL n 
1 30  TYR n 
1 31  SER n 
1 32  LEU n 
1 33  SER n 
1 34  GLU n 
1 35  PRO n 
1 36  SER n 
1 37  PRO n 
1 38  ASP n 
1 39  GLU n 
1 40  LEU n 
1 41  ALA n 
1 42  VAL n 
1 43  ASN n 
1 44  ASP n 
1 45  GLU n 
1 46  LEU n 
1 47  ARG n 
1 48  ALA n 
1 49  ALA n 
1 50  PRO n 
1 51  TRP n 
1 52  TYR n 
1 53  HIS n 
1 54  VAL n 
1 55  VAL n 
1 56  MSE n 
1 57  GLU n 
1 58  ASP n 
1 59  ASP n 
1 60  ASN n 
1 61  GLY n 
1 62  LEU n 
1 63  PRO n 
1 64  VAL n 
1 65  HIS n 
1 66  THR n 
1 67  TYR n 
1 68  LEU n 
1 69  ALA n 
1 70  GLU n 
1 71  ALA n 
1 72  GLN n 
1 73  LEU n 
1 74  SER n 
1 75  SER n 
1 76  GLU n 
1 77  LEU n 
1 78  GLN n 
1 79  ASP n 
1 80  GLU n 
1 81  HIS n 
1 82  PRO n 
1 83  GLU n 
1 84  GLN n 
1 85  PRO n 
1 86  SER n 
1 87  MSE n 
1 88  ASP n 
1 89  GLU n 
1 90  LEU n 
1 91  ALA n 
1 92  GLN n 
1 93  THR n 
1 94  ILE n 
1 95  ARG n 
1 96  LYS n 
1 97  GLN n 
1 98  LEU n 
1 99  GLN n 
1 100 ALA n 
1 101 PRO n 
1 102 ARG n 
1 103 LEU n 
1 104 ARG n 
1 105 ASN n 
# 
_entity_src_gen.entity_id                          1 
_entity_src_gen.pdbx_src_id                        1 
_entity_src_gen.pdbx_alt_source_flag               sample 
_entity_src_gen.pdbx_seq_type                      'Biological sequence' 
_entity_src_gen.pdbx_beg_seq_num                   1 
_entity_src_gen.pdbx_end_seq_num                   105 
_entity_src_gen.gene_src_common_name               ? 
_entity_src_gen.gene_src_genus                     ? 
_entity_src_gen.pdbx_gene_src_gene                 'hspQ, EC55989_1015' 
_entity_src_gen.gene_src_species                   ? 
_entity_src_gen.gene_src_strain                    '55989 / EAEC' 
_entity_src_gen.gene_src_tissue                    ? 
_entity_src_gen.gene_src_tissue_fraction           ? 
_entity_src_gen.gene_src_details                   ? 
_entity_src_gen.pdbx_gene_src_fragment             ? 
_entity_src_gen.pdbx_gene_src_scientific_name      'Escherichia coli (strain 55989 / EAEC)' 
_entity_src_gen.pdbx_gene_src_ncbi_taxonomy_id     585055 
_entity_src_gen.pdbx_gene_src_variant              ? 
_entity_src_gen.pdbx_gene_src_cell_line            ? 
_entity_src_gen.pdbx_gene_src_atcc                 ? 
_entity_src_gen.pdbx_gene_src_organ                ? 
_entity_src_gen.pdbx_gene_src_organelle            ? 
_entity_src_gen.pdbx_gene_src_cell                 ? 
_entity_src_gen.pdbx_gene_src_cellular_location    ? 
_entity_src_gen.host_org_common_name               ? 
_entity_src_gen.pdbx_host_org_scientific_name      'Escherichia coli BL21(DE3)' 
_entity_src_gen.pdbx_host_org_ncbi_taxonomy_id     469008 
_entity_src_gen.host_org_genus                     ? 
_entity_src_gen.pdbx_host_org_gene                 ? 
_entity_src_gen.pdbx_host_org_organ                ? 
_entity_src_gen.host_org_species                   ? 
_entity_src_gen.pdbx_host_org_tissue               ? 
_entity_src_gen.pdbx_host_org_tissue_fraction      ? 
_entity_src_gen.pdbx_host_org_strain               'BL21(DE3)' 
_entity_src_gen.pdbx_host_org_variant              ? 
_entity_src_gen.pdbx_host_org_cell_line            ? 
_entity_src_gen.pdbx_host_org_atcc                 ? 
_entity_src_gen.pdbx_host_org_culture_collection   ? 
_entity_src_gen.pdbx_host_org_cell                 ? 
_entity_src_gen.pdbx_host_org_organelle            ? 
_entity_src_gen.pdbx_host_org_cellular_location    ? 
_entity_src_gen.pdbx_host_org_vector_type          ? 
_entity_src_gen.pdbx_host_org_vector               ? 
_entity_src_gen.host_org_details                   ? 
_entity_src_gen.expression_system_id               ? 
_entity_src_gen.plasmid_name                       ? 
_entity_src_gen.plasmid_details                    ? 
_entity_src_gen.pdbx_description                   ? 
# 
loop_
_chem_comp.id 
_chem_comp.type 
_chem_comp.mon_nstd_flag 
_chem_comp.name 
_chem_comp.pdbx_synonyms 
_chem_comp.formula 
_chem_comp.formula_weight 
ALA 'L-peptide linking' y ALANINE          ? 'C3 H7 N O2'     89.093  
ARG 'L-peptide linking' y ARGININE         ? 'C6 H15 N4 O2 1' 175.209 
ASN 'L-peptide linking' y ASPARAGINE       ? 'C4 H8 N2 O3'    132.118 
ASP 'L-peptide linking' y 'ASPARTIC ACID'  ? 'C4 H7 N O4'     133.103 
GLN 'L-peptide linking' y GLUTAMINE        ? 'C5 H10 N2 O3'   146.144 
GLU 'L-peptide linking' y 'GLUTAMIC ACID'  ? 'C5 H9 N O4'     147.129 
GLY 'peptide linking'   y GLYCINE          ? 'C2 H5 N O2'     75.067  
HIS 'L-peptide linking' y HISTIDINE        ? 'C6 H10 N3 O2 1' 156.162 
HOH non-polymer         . WATER            ? 'H2 O'           18.015  
ILE 'L-peptide linking' y ISOLEUCINE       ? 'C6 H13 N O2'    131.173 
LEU 'L-peptide linking' y LEUCINE          ? 'C6 H13 N O2'    131.173 
LYS 'L-peptide linking' y LYSINE           ? 'C6 H15 N2 O2 1' 147.195 
MSE 'L-peptide linking' n SELENOMETHIONINE ? 'C5 H11 N O2 Se' 196.106 
PHE 'L-peptide linking' y PHENYLALANINE    ? 'C9 H11 N O2'    165.189 
PRO 'L-peptide linking' y PROLINE          ? 'C5 H9 N O2'     115.130 
SER 'L-peptide linking' y SERINE           ? 'C3 H7 N O3'     105.093 
THR 'L-peptide linking' y THREONINE        ? 'C4 H9 N O3'     119.119 
TRP 'L-peptide linking' y TRYPTOPHAN       ? 'C11 H12 N2 O2'  204.225 
TYR 'L-peptide linking' y TYROSINE         ? 'C9 H11 N O3'    181.189 
VAL 'L-peptide linking' y VALINE           ? 'C5 H11 N O2'    117.146 
# 
loop_
_pdbx_poly_seq_scheme.asym_id 
_pdbx_poly_seq_scheme.entity_id 
_pdbx_poly_seq_scheme.seq_id 
_pdbx_poly_seq_scheme.mon_id 
_pdbx_poly_seq_scheme.ndb_seq_num 
_pdbx_poly_seq_scheme.pdb_seq_num 
_pdbx_poly_seq_scheme.auth_seq_num 
_pdbx_poly_seq_scheme.pdb_mon_id 
_pdbx_poly_seq_scheme.auth_mon_id 
_pdbx_poly_seq_scheme.pdb_strand_id 
_pdbx_poly_seq_scheme.pdb_ins_code 
_pdbx_poly_seq_scheme.hetero 
A 1 1   MSE 1   1   ?  ?   ?   A . n 
A 1 2   ILE 2   2   ?  ?   ?   A . n 
A 1 3   ALA 3   3   3  ALA ALA A . n 
A 1 4   SER 4   4   4  SER SER A . n 
A 1 5   LYS 5   5   5  LYS LYS A . n 
A 1 6   PHE 6   6   6  PHE PHE A . n 
A 1 7   GLY 7   7   7  GLY GLY A . n 
A 1 8   ILE 8   8   8  ILE ILE A . n 
A 1 9   GLY 9   9   9  GLY GLY A . n 
A 1 10  GLN 10  10  10 GLN GLN A . n 
A 1 11  GLN 11  11  11 GLN GLN A . n 
A 1 12  VAL 12  12  12 VAL VAL A . n 
A 1 13  ARG 13  13  13 ARG ARG A . n 
A 1 14  HIS 14  14  14 HIS HIS A . n 
A 1 15  SER 15  15  15 SER SER A . n 
A 1 16  LEU 16  16  16 LEU LEU A . n 
A 1 17  LEU 17  17  17 LEU LEU A . n 
A 1 18  GLY 18  18  18 GLY GLY A . n 
A 1 19  TYR 19  19  19 TYR TYR A . n 
A 1 20  LEU 20  20  20 LEU LEU A . n 
A 1 21  GLY 21  21  21 GLY GLY A . n 
A 1 22  VAL 22  22  22 VAL VAL A . n 
A 1 23  VAL 23  23  23 VAL VAL A . n 
A 1 24  VAL 24  24  24 VAL VAL A . n 
A 1 25  ASP 25  25  25 ASP ASP A . n 
A 1 26  ILE 26  26  26 ILE ILE A . n 
A 1 27  ASP 27  27  27 ASP ASP A . n 
A 1 28  PRO 28  28  28 PRO PRO A . n 
A 1 29  VAL 29  29  29 VAL VAL A . n 
A 1 30  TYR 30  30  ?  ?   ?   A . n 
A 1 31  SER 31  31  ?  ?   ?   A . n 
A 1 32  LEU 32  32  ?  ?   ?   A . n 
A 1 33  SER 33  33  ?  ?   ?   A . n 
A 1 34  GLU 34  34  ?  ?   ?   A . n 
A 1 35  PRO 35  35  ?  ?   ?   A . n 
A 1 36  SER 36  36  ?  ?   ?   A . n 
A 1 37  PRO 37  37  ?  ?   ?   A . n 
A 1 38  ASP 38  38  ?  ?   ?   A . n 
A 1 39  GLU 39  39  ?  ?   ?   A . n 
A 1 40  LEU 40  40  ?  ?   ?   A . n 
A 1 41  ALA 41  41  ?  ?   ?   A . n 
A 1 42  VAL 42  42  ?  ?   ?   A . n 
A 1 43  ASN 43  43  ?  ?   ?   A . n 
A 1 44  ASP 44  44  ?  ?   ?   A . n 
A 1 45  GLU 45  45  ?  ?   ?   A . n 
A 1 46  LEU 46  46  ?  ?   ?   A . n 
A 1 47  ARG 47  47  ?  ?   ?   A . n 
A 1 48  ALA 48  48  48 ALA ALA A . n 
A 1 49  ALA 49  49  49 ALA ALA A . n 
A 1 50  PRO 50  50  50 PRO PRO A . n 
A 1 51  TRP 51  51  51 TRP TRP A . n 
A 1 52  TYR 52  52  52 TYR TYR A . n 
A 1 53  HIS 53  53  53 HIS HIS A . n 
A 1 54  VAL 54  54  54 VAL VAL A . n 
A 1 55  VAL 55  55  55 VAL VAL A . n 
A 1 56  MSE 56  56  56 MSE MSE A . n 
A 1 57  GLU 57  57  57 GLU GLU A . n 
A 1 58  ASP 58  58  58 ASP ASP A . n 
A 1 59  ASP 59  59  59 ASP ASP A . n 
A 1 60  ASN 60  60  60 ASN ASN A . n 
A 1 61  GLY 61  61  61 GLY GLY A . n 
A 1 62  LEU 62  62  62 LEU LEU A . n 
A 1 63  PRO 63  63  63 PRO PRO A . n 
A 1 64  VAL 64  64  64 VAL VAL A . n 
A 1 65  HIS 65  65  65 HIS HIS A . n 
A 1 66  THR 66  66  66 THR THR A . n 
A 1 67  TYR 67  67  67 TYR TYR A . n 
A 1 68  LEU 68  68  68 LEU LEU A . n 
A 1 69  ALA 69  69  69 ALA ALA A . n 
A 1 70  GLU 70  70  70 GLU GLU A . n 
A 1 71  ALA 71  71  71 ALA ALA A . n 
A 1 72  GLN 72  72  72 GLN GLN A . n 
A 1 73  LEU 73  73  73 LEU LEU A . n 
A 1 74  SER 74  74  74 SER SER A . n 
A 1 75  SER 75  75  75 SER SER A . n 
A 1 76  GLU 76  76  76 GLU GLU A . n 
A 1 77  LEU 77  77  77 LEU LEU A . n 
A 1 78  GLN 78  78  78 GLN GLN A . n 
A 1 79  ASP 79  79  79 ASP ASP A . n 
A 1 80  GLU 80  80  80 GLU GLU A . n 
A 1 81  HIS 81  81  81 HIS HIS A . n 
A 1 82  PRO 82  82  82 PRO PRO A . n 
A 1 83  GLU 83  83  83 GLU GLU A . n 
A 1 84  GLN 84  84  84 GLN GLN A . n 
A 1 85  PRO 85  85  85 PRO PRO A . n 
A 1 86  SER 86  86  86 SER SER A . n 
A 1 87  MSE 87  87  87 MSE MSE A . n 
A 1 88  ASP 88  88  88 ASP ASP A . n 
A 1 89  GLU 89  89  89 GLU GLU A . n 
A 1 90  LEU 90  90  90 LEU LEU A . n 
A 1 91  ALA 91  91  91 ALA ALA A . n 
A 1 92  GLN 92  92  92 GLN GLN A . n 
A 1 93  THR 93  93  93 THR THR A . n 
A 1 94  ILE 94  94  94 ILE ILE A . n 
A 1 95  ARG 95  95  95 ARG ARG A . n 
A 1 96  LYS 96  96  96 LYS LYS A . n 
A 1 97  GLN 97  97  97 GLN GLN A . n 
A 1 98  LEU 98  98  ?  ?   ?   A . n 
A 1 99  GLN 99  99  ?  ?   ?   A . n 
A 1 100 ALA 100 100 ?  ?   ?   A . n 
A 1 101 PRO 101 101 ?  ?   ?   A . n 
A 1 102 ARG 102 102 ?  ?   ?   A . n 
A 1 103 LEU 103 103 ?  ?   ?   A . n 
A 1 104 ARG 104 104 ?  ?   ?   A . n 
A 1 105 ASN 105 105 ?  ?   ?   A . n 
# 
loop_
_pdbx_nonpoly_scheme.asym_id 
_pdbx_nonpoly_scheme.entity_id 
_pdbx_nonpoly_scheme.mon_id 
_pdbx_nonpoly_scheme.ndb_seq_num 
_pdbx_nonpoly_scheme.pdb_seq_num 
_pdbx_nonpoly_scheme.auth_seq_num 
_pdbx_nonpoly_scheme.pdb_mon_id 
_pdbx_nonpoly_scheme.auth_mon_id 
_pdbx_nonpoly_scheme.pdb_strand_id 
_pdbx_nonpoly_scheme.pdb_ins_code 
B 2 HOH 1 201 4 HOH HOH A . 
B 2 HOH 2 202 3 HOH HOH A . 
B 2 HOH 3 203 6 HOH HOH A . 
B 2 HOH 4 204 1 HOH HOH A . 
B 2 HOH 5 205 2 HOH HOH A . 
B 2 HOH 6 206 5 HOH HOH A . 
# 
loop_
_software.citation_id 
_software.classification 
_software.compiler_name 
_software.compiler_version 
_software.contact_author 
_software.contact_author_email 
_software.date 
_software.description 
_software.dependencies 
_software.hardware 
_software.language 
_software.location 
_software.mods 
_software.name 
_software.os 
_software.os_version 
_software.type 
_software.version 
_software.pdbx_ordinal 
? refinement       ? ? ? ? ? ? ? ? ? ? ? PHENIX   ? ? ? 1.9_1692 1 
? 'data reduction' ? ? ? ? ? ? ? ? ? ? ? HKL-2000 ? ? ? .        2 
? 'data scaling'   ? ? ? ? ? ? ? ? ? ? ? HKL-2000 ? ? ? .        3 
? phasing          ? ? ? ? ? ? ? ? ? ? ? SOLVE    ? ? ? .        4 
# 
_cell.angle_alpha                  90.00 
_cell.angle_alpha_esd              ? 
_cell.angle_beta                   90.00 
_cell.angle_beta_esd               ? 
_cell.angle_gamma                  120.00 
_cell.angle_gamma_esd              ? 
_cell.entry_id                     5YCQ 
_cell.details                      ? 
_cell.formula_units_Z              ? 
_cell.length_a                     76.822 
_cell.length_a_esd                 ? 
_cell.length_b                     76.822 
_cell.length_b_esd                 ? 
_cell.length_c                     85.888 
_cell.length_c_esd                 ? 
_cell.volume                       ? 
_cell.volume_esd                   ? 
_cell.Z_PDB                        18 
_cell.reciprocal_angle_alpha       ? 
_cell.reciprocal_angle_beta        ? 
_cell.reciprocal_angle_gamma       ? 
_cell.reciprocal_angle_alpha_esd   ? 
_cell.reciprocal_angle_beta_esd    ? 
_cell.reciprocal_angle_gamma_esd   ? 
_cell.reciprocal_length_a          ? 
_cell.reciprocal_length_b          ? 
_cell.reciprocal_length_c          ? 
_cell.reciprocal_length_a_esd      ? 
_cell.reciprocal_length_b_esd      ? 
_cell.reciprocal_length_c_esd      ? 
_cell.pdbx_unique_axis             ? 
# 
_symmetry.entry_id                         5YCQ 
_symmetry.cell_setting                     ? 
_symmetry.Int_Tables_number                155 
_symmetry.space_group_name_Hall            ? 
_symmetry.space_group_name_H-M             'H 3 2' 
_symmetry.pdbx_full_space_group_name_H-M   ? 
# 
_exptl.absorpt_coefficient_mu     ? 
_exptl.absorpt_correction_T_max   ? 
_exptl.absorpt_correction_T_min   ? 
_exptl.absorpt_correction_type    ? 
_exptl.absorpt_process_details    ? 
_exptl.entry_id                   5YCQ 
_exptl.crystals_number            1 
_exptl.details                    ? 
_exptl.method                     'X-RAY DIFFRACTION' 
_exptl.method_details             ? 
# 
_exptl_crystal.colour                      ? 
_exptl_crystal.density_diffrn              ? 
_exptl_crystal.density_Matthews            2.07 
_exptl_crystal.density_method              ? 
_exptl_crystal.density_percent_sol         40.53 
_exptl_crystal.description                 ? 
_exptl_crystal.F_000                       ? 
_exptl_crystal.id                          1 
_exptl_crystal.preparation                 ? 
_exptl_crystal.size_max                    ? 
_exptl_crystal.size_mid                    ? 
_exptl_crystal.size_min                    ? 
_exptl_crystal.size_rad                    ? 
_exptl_crystal.colour_lustre               ? 
_exptl_crystal.colour_modifier             ? 
_exptl_crystal.colour_primary              ? 
_exptl_crystal.density_meas                ? 
_exptl_crystal.density_meas_esd            ? 
_exptl_crystal.density_meas_gt             ? 
_exptl_crystal.density_meas_lt             ? 
_exptl_crystal.density_meas_temp           ? 
_exptl_crystal.density_meas_temp_esd       ? 
_exptl_crystal.density_meas_temp_gt        ? 
_exptl_crystal.density_meas_temp_lt        ? 
_exptl_crystal.pdbx_crystal_image_url      ? 
_exptl_crystal.pdbx_crystal_image_format   ? 
_exptl_crystal.pdbx_mosaicity              ? 
_exptl_crystal.pdbx_mosaicity_esd          ? 
# 
_exptl_crystal_grow.apparatus       ? 
_exptl_crystal_grow.atmosphere      ? 
_exptl_crystal_grow.crystal_id      1 
_exptl_crystal_grow.details         ? 
_exptl_crystal_grow.method          'VAPOR DIFFUSION' 
_exptl_crystal_grow.method_ref      ? 
_exptl_crystal_grow.pH              7 
_exptl_crystal_grow.pressure        ? 
_exptl_crystal_grow.pressure_esd    ? 
_exptl_crystal_grow.seeding         ? 
_exptl_crystal_grow.seeding_ref     ? 
_exptl_crystal_grow.temp            293 
_exptl_crystal_grow.temp_details    ? 
_exptl_crystal_grow.temp_esd        ? 
_exptl_crystal_grow.time            ? 
_exptl_crystal_grow.pdbx_details    'Ammonium Sulfate, HEPES, pH 7.0' 
_exptl_crystal_grow.pdbx_pH_range   ? 
# 
_diffrn.ambient_environment    ? 
_diffrn.ambient_temp           100 
_diffrn.ambient_temp_details   ? 
_diffrn.ambient_temp_esd       ? 
_diffrn.crystal_id             1 
_diffrn.crystal_support        ? 
_diffrn.crystal_treatment      ? 
_diffrn.details                ? 
_diffrn.id                     1 
_diffrn.ambient_pressure       ? 
_diffrn.ambient_pressure_esd   ? 
_diffrn.ambient_pressure_gt    ? 
_diffrn.ambient_pressure_lt    ? 
_diffrn.ambient_temp_gt        ? 
_diffrn.ambient_temp_lt        ? 
# 
_diffrn_detector.details                      ? 
_diffrn_detector.detector                     CCD 
_diffrn_detector.diffrn_id                    1 
_diffrn_detector.type                         'ADSC QUANTUM 4' 
_diffrn_detector.area_resol_mean              ? 
_diffrn_detector.dtime                        ? 
_diffrn_detector.pdbx_frames_total            ? 
_diffrn_detector.pdbx_collection_time_total   ? 
_diffrn_detector.pdbx_collection_date         2003-11-04 
# 
_diffrn_radiation.collimation                      ? 
_diffrn_radiation.diffrn_id                        1 
_diffrn_radiation.filter_edge                      ? 
_diffrn_radiation.inhomogeneity                    ? 
_diffrn_radiation.monochromator                    ? 
_diffrn_radiation.polarisn_norm                    ? 
_diffrn_radiation.polarisn_ratio                   ? 
_diffrn_radiation.probe                            ? 
_diffrn_radiation.type                             ? 
_diffrn_radiation.xray_symbol                      ? 
_diffrn_radiation.wavelength_id                    1 
_diffrn_radiation.pdbx_monochromatic_or_laue_m_l   M 
_diffrn_radiation.pdbx_wavelength_list             ? 
_diffrn_radiation.pdbx_wavelength                  ? 
_diffrn_radiation.pdbx_diffrn_protocol             MAD 
_diffrn_radiation.pdbx_analyzer                    ? 
_diffrn_radiation.pdbx_scattering_type             x-ray 
# 
loop_
_diffrn_radiation_wavelength.id 
_diffrn_radiation_wavelength.wavelength 
_diffrn_radiation_wavelength.wt 
1 0.9792 1.0 
2 0.9794 1.0 
3 0.9851 1.0 
# 
_diffrn_source.current                     ? 
_diffrn_source.details                     ? 
_diffrn_source.diffrn_id                   1 
_diffrn_source.power                       ? 
_diffrn_source.size                        ? 
_diffrn_source.source                      SYNCHROTRON 
_diffrn_source.target                      ? 
_diffrn_source.type                        'SPRING-8 BEAMLINE BL40B2' 
_diffrn_source.voltage                     ? 
_diffrn_source.take-off_angle              ? 
_diffrn_source.pdbx_wavelength_list        '0.9792, 0.9794, 0.9851' 
_diffrn_source.pdbx_wavelength             ? 
_diffrn_source.pdbx_synchrotron_beamline   BL40B2 
_diffrn_source.pdbx_synchrotron_site       SPring-8 
# 
_reflns.B_iso_Wilson_estimate            ? 
_reflns.entry_id                         5YCQ 
_reflns.data_reduction_details           ? 
_reflns.data_reduction_method            ? 
_reflns.d_resolution_high                2.50 
_reflns.d_resolution_low                 38.41 
_reflns.details                          ? 
_reflns.limit_h_max                      ? 
_reflns.limit_h_min                      ? 
_reflns.limit_k_max                      ? 
_reflns.limit_k_min                      ? 
_reflns.limit_l_max                      ? 
_reflns.limit_l_min                      ? 
_reflns.number_all                       ? 
_reflns.number_obs                       3504 
_reflns.observed_criterion               ? 
_reflns.observed_criterion_F_max         ? 
_reflns.observed_criterion_F_min         ? 
_reflns.observed_criterion_I_max         ? 
_reflns.observed_criterion_I_min         ? 
_reflns.observed_criterion_sigma_F       ? 
_reflns.observed_criterion_sigma_I       ? 
_reflns.percent_possible_obs             99.9 
_reflns.R_free_details                   ? 
_reflns.Rmerge_F_all                     ? 
_reflns.Rmerge_F_obs                     ? 
_reflns.Friedel_coverage                 ? 
_reflns.number_gt                        ? 
_reflns.threshold_expression             ? 
_reflns.pdbx_redundancy                  20.9 
_reflns.pdbx_Rmerge_I_obs                ? 
_reflns.pdbx_Rmerge_I_all                ? 
_reflns.pdbx_Rsym_value                  ? 
_reflns.pdbx_netI_over_av_sigmaI         ? 
_reflns.pdbx_netI_over_sigmaI            34.40 
_reflns.pdbx_res_netI_over_av_sigmaI_2   ? 
_reflns.pdbx_res_netI_over_sigmaI_2      ? 
_reflns.pdbx_chi_squared                 ? 
_reflns.pdbx_scaling_rejects             ? 
_reflns.pdbx_d_res_high_opt              ? 
_reflns.pdbx_d_res_low_opt               ? 
_reflns.pdbx_d_res_opt_method            ? 
_reflns.phase_calculation_details        ? 
_reflns.pdbx_Rrim_I_all                  ? 
_reflns.pdbx_Rpim_I_all                  ? 
_reflns.pdbx_d_opt                       ? 
_reflns.pdbx_number_measured_all         ? 
_reflns.pdbx_diffrn_id                   1 
_reflns.pdbx_ordinal                     1 
_reflns.pdbx_CC_half                     ? 
_reflns.pdbx_R_split                     ? 
# 
_reflns_shell.d_res_high                  2.50 
_reflns_shell.d_res_low                   2.59 
_reflns_shell.meanI_over_sigI_all         ? 
_reflns_shell.meanI_over_sigI_obs         9.03 
_reflns_shell.number_measured_all         ? 
_reflns_shell.number_measured_obs         ? 
_reflns_shell.number_possible             ? 
_reflns_shell.number_unique_all           ? 
_reflns_shell.number_unique_obs           337 
_reflns_shell.percent_possible_all        99.4 
_reflns_shell.percent_possible_obs        ? 
_reflns_shell.Rmerge_F_all                ? 
_reflns_shell.Rmerge_F_obs                ? 
_reflns_shell.Rmerge_I_all                ? 
_reflns_shell.Rmerge_I_obs                ? 
_reflns_shell.meanI_over_sigI_gt          ? 
_reflns_shell.meanI_over_uI_all           ? 
_reflns_shell.meanI_over_uI_gt            ? 
_reflns_shell.number_measured_gt          ? 
_reflns_shell.number_unique_gt            ? 
_reflns_shell.percent_possible_gt         ? 
_reflns_shell.Rmerge_F_gt                 ? 
_reflns_shell.Rmerge_I_gt                 ? 
_reflns_shell.pdbx_redundancy             18.5 
_reflns_shell.pdbx_Rsym_value             ? 
_reflns_shell.pdbx_chi_squared            ? 
_reflns_shell.pdbx_netI_over_sigmaI_all   ? 
_reflns_shell.pdbx_netI_over_sigmaI_obs   ? 
_reflns_shell.pdbx_Rrim_I_all             ? 
_reflns_shell.pdbx_Rpim_I_all             ? 
_reflns_shell.pdbx_rejects                ? 
_reflns_shell.pdbx_ordinal                1 
_reflns_shell.pdbx_diffrn_id              1 
_reflns_shell.pdbx_CC_half                ? 
_reflns_shell.pdbx_R_split                ? 
# 
_refine.aniso_B[1][1]                            ? 
_refine.aniso_B[1][2]                            ? 
_refine.aniso_B[1][3]                            ? 
_refine.aniso_B[2][2]                            ? 
_refine.aniso_B[2][3]                            ? 
_refine.aniso_B[3][3]                            ? 
_refine.B_iso_max                                ? 
_refine.B_iso_mean                               ? 
_refine.B_iso_min                                ? 
_refine.correlation_coeff_Fo_to_Fc               ? 
_refine.correlation_coeff_Fo_to_Fc_free          ? 
_refine.details                                  ? 
_refine.diff_density_max                         ? 
_refine.diff_density_max_esd                     ? 
_refine.diff_density_min                         ? 
_refine.diff_density_min_esd                     ? 
_refine.diff_density_rms                         ? 
_refine.diff_density_rms_esd                     ? 
_refine.entry_id                                 5YCQ 
_refine.pdbx_refine_id                           'X-RAY DIFFRACTION' 
_refine.ls_abs_structure_details                 ? 
_refine.ls_abs_structure_Flack                   ? 
_refine.ls_abs_structure_Flack_esd               ? 
_refine.ls_abs_structure_Rogers                  ? 
_refine.ls_abs_structure_Rogers_esd              ? 
_refine.ls_d_res_high                            2.503 
_refine.ls_d_res_low                             38.41 
_refine.ls_extinction_coef                       ? 
_refine.ls_extinction_coef_esd                   ? 
_refine.ls_extinction_expression                 ? 
_refine.ls_extinction_method                     ? 
_refine.ls_goodness_of_fit_all                   ? 
_refine.ls_goodness_of_fit_all_esd               ? 
_refine.ls_goodness_of_fit_obs                   ? 
_refine.ls_goodness_of_fit_obs_esd               ? 
_refine.ls_hydrogen_treatment                    ? 
_refine.ls_matrix_type                           ? 
_refine.ls_number_constraints                    ? 
_refine.ls_number_parameters                     ? 
_refine.ls_number_reflns_all                     ? 
_refine.ls_number_reflns_obs                     3496 
_refine.ls_number_reflns_R_free                  317 
_refine.ls_number_reflns_R_work                  ? 
_refine.ls_number_restraints                     ? 
_refine.ls_percent_reflns_obs                    99.71 
_refine.ls_percent_reflns_R_free                 9.07 
_refine.ls_R_factor_all                          ? 
_refine.ls_R_factor_obs                          0.2264 
_refine.ls_R_factor_R_free                       0.2655 
_refine.ls_R_factor_R_free_error                 ? 
_refine.ls_R_factor_R_free_error_details         ? 
_refine.ls_R_factor_R_work                       0.2229 
_refine.ls_R_Fsqd_factor_obs                     ? 
_refine.ls_R_I_factor_obs                        ? 
_refine.ls_redundancy_reflns_all                 ? 
_refine.ls_redundancy_reflns_obs                 ? 
_refine.ls_restrained_S_all                      ? 
_refine.ls_restrained_S_obs                      ? 
_refine.ls_shift_over_esd_max                    ? 
_refine.ls_shift_over_esd_mean                   ? 
_refine.ls_structure_factor_coef                 ? 
_refine.ls_weighting_details                     ? 
_refine.ls_weighting_scheme                      ? 
_refine.ls_wR_factor_all                         ? 
_refine.ls_wR_factor_obs                         ? 
_refine.ls_wR_factor_R_free                      ? 
_refine.ls_wR_factor_R_work                      ? 
_refine.occupancy_max                            ? 
_refine.occupancy_min                            ? 
_refine.solvent_model_details                    ? 
_refine.solvent_model_param_bsol                 ? 
_refine.solvent_model_param_ksol                 ? 
_refine.ls_R_factor_gt                           ? 
_refine.ls_goodness_of_fit_gt                    ? 
_refine.ls_goodness_of_fit_ref                   ? 
_refine.ls_shift_over_su_max                     ? 
_refine.ls_shift_over_su_max_lt                  ? 
_refine.ls_shift_over_su_mean                    ? 
_refine.ls_shift_over_su_mean_lt                 ? 
_refine.pdbx_ls_sigma_I                          ? 
_refine.pdbx_ls_sigma_F                          1.35 
_refine.pdbx_ls_sigma_Fsqd                       ? 
_refine.pdbx_data_cutoff_high_absF               ? 
_refine.pdbx_data_cutoff_high_rms_absF           ? 
_refine.pdbx_data_cutoff_low_absF                ? 
_refine.pdbx_isotropic_thermal_model             ? 
_refine.pdbx_ls_cross_valid_method               'FREE R-VALUE' 
_refine.pdbx_method_to_determine_struct          MAD 
_refine.pdbx_starting_model                      ? 
_refine.pdbx_stereochemistry_target_values       ? 
_refine.pdbx_R_Free_selection_details            ? 
_refine.pdbx_stereochem_target_val_spec_case     ? 
_refine.pdbx_overall_ESU_R                       ? 
_refine.pdbx_overall_ESU_R_Free                  ? 
_refine.pdbx_solvent_vdw_probe_radii             1.11 
_refine.pdbx_solvent_ion_probe_radii             ? 
_refine.pdbx_solvent_shrinkage_radii             0.90 
_refine.pdbx_real_space_R                        ? 
_refine.pdbx_density_correlation                 ? 
_refine.pdbx_pd_number_of_powder_patterns        ? 
_refine.pdbx_pd_number_of_points                 ? 
_refine.pdbx_pd_meas_number_of_points            ? 
_refine.pdbx_pd_proc_ls_prof_R_factor            ? 
_refine.pdbx_pd_proc_ls_prof_wR_factor           ? 
_refine.pdbx_pd_Marquardt_correlation_coeff      ? 
_refine.pdbx_pd_Fsqrd_R_factor                   ? 
_refine.pdbx_pd_ls_matrix_band_width             ? 
_refine.pdbx_overall_phase_error                 30.65 
_refine.pdbx_overall_SU_R_free_Cruickshank_DPI   ? 
_refine.pdbx_overall_SU_R_free_Blow_DPI          ? 
_refine.pdbx_overall_SU_R_Blow_DPI               ? 
_refine.pdbx_TLS_residual_ADP_flag               ? 
_refine.pdbx_diffrn_id                           1 
_refine.overall_SU_B                             ? 
_refine.overall_SU_ML                            0.22 
_refine.overall_SU_R_Cruickshank_DPI             ? 
_refine.overall_SU_R_free                        ? 
_refine.overall_FOM_free_R_set                   ? 
_refine.overall_FOM_work_R_set                   ? 
_refine.pdbx_average_fsc_overall                 ? 
_refine.pdbx_average_fsc_work                    ? 
_refine.pdbx_average_fsc_free                    ? 
# 
_refine_hist.pdbx_refine_id                   'X-RAY DIFFRACTION' 
_refine_hist.cycle_id                         LAST 
_refine_hist.pdbx_number_atoms_protein        603 
_refine_hist.pdbx_number_atoms_nucleic_acid   0 
_refine_hist.pdbx_number_atoms_ligand         0 
_refine_hist.number_atoms_solvent             6 
_refine_hist.number_atoms_total               609 
_refine_hist.d_res_high                       2.503 
_refine_hist.d_res_low                        38.41 
# 
loop_
_refine_ls_restr.pdbx_refine_id 
_refine_ls_restr.criterion 
_refine_ls_restr.dev_ideal 
_refine_ls_restr.dev_ideal_target 
_refine_ls_restr.number 
_refine_ls_restr.rejects 
_refine_ls_restr.type 
_refine_ls_restr.weight 
_refine_ls_restr.pdbx_restraint_function 
'X-RAY DIFFRACTION' ? 0.007  ? 616 ? f_bond_d           ? ? 
'X-RAY DIFFRACTION' ? 0.831  ? 838 ? f_angle_d          ? ? 
'X-RAY DIFFRACTION' ? 15.551 ? 225 ? f_dihedral_angle_d ? ? 
'X-RAY DIFFRACTION' ? 0.036  ? 93  ? f_chiral_restr     ? ? 
'X-RAY DIFFRACTION' ? 0.005  ? 111 ? f_plane_restr      ? ? 
# 
loop_
_refine_ls_shell.pdbx_refine_id 
_refine_ls_shell.d_res_high 
_refine_ls_shell.d_res_low 
_refine_ls_shell.number_reflns_all 
_refine_ls_shell.number_reflns_obs 
_refine_ls_shell.number_reflns_R_free 
_refine_ls_shell.number_reflns_R_work 
_refine_ls_shell.percent_reflns_obs 
_refine_ls_shell.percent_reflns_R_free 
_refine_ls_shell.R_factor_all 
_refine_ls_shell.R_factor_obs 
_refine_ls_shell.R_factor_R_free 
_refine_ls_shell.R_factor_R_free_error 
_refine_ls_shell.R_factor_R_work 
_refine_ls_shell.redundancy_reflns_all 
_refine_ls_shell.redundancy_reflns_obs 
_refine_ls_shell.wR_factor_all 
_refine_ls_shell.wR_factor_obs 
_refine_ls_shell.wR_factor_R_free 
_refine_ls_shell.wR_factor_R_work 
_refine_ls_shell.pdbx_total_number_of_bins_used 
_refine_ls_shell.pdbx_phase_error 
_refine_ls_shell.pdbx_fsc_work 
_refine_ls_shell.pdbx_fsc_free 
'X-RAY DIFFRACTION' 2.5028 3.1530  . . 161 1551 100.00 . . . 0.3371 . 0.2808 . . . . . . . . . . 
'X-RAY DIFFRACTION' 3.1530 38.4155 . . 156 1628 100.00 . . . 0.2391 . 0.2037 . . . . . . . . . . 
# 
_struct.entry_id                     5YCQ 
_struct.title                        'Unique Specificity-Enhancing Factor for the AAA+ Lon Protease' 
_struct.pdbx_model_details           ? 
_struct.pdbx_formula_weight          ? 
_struct.pdbx_formula_weight_method   ? 
_struct.pdbx_model_type_details      ? 
_struct.pdbx_CASP_flag               N 
# 
_struct_keywords.entry_id        5YCQ 
_struct_keywords.text            'heat shock protein, DNA BINDING PROTEIN' 
_struct_keywords.pdbx_keywords   'DNA BINDING PROTEIN' 
# 
loop_
_struct_asym.id 
_struct_asym.pdbx_blank_PDB_chainid_flag 
_struct_asym.pdbx_modified 
_struct_asym.entity_id 
_struct_asym.details 
A N N 1 ? 
B N N 2 ? 
# 
_struct_ref.id                         1 
_struct_ref.db_name                    UNP 
_struct_ref.db_code                    HSPQ_ECO55 
_struct_ref.pdbx_db_accession          B7LE66 
_struct_ref.pdbx_db_isoform            ? 
_struct_ref.entity_id                  1 
_struct_ref.pdbx_seq_one_letter_code   
;MIASKFGIGQQVRHSLLGYLGVVVDIDPVYSLSEPSPDELAVNDELRAAPWYHVVMEDDNGLPVHTYLAEAQLSSELQDE
HPEQPSMDELAQTIRKQLQAPRLRN
;
_struct_ref.pdbx_align_begin           1 
# 
_struct_ref_seq.align_id                      1 
_struct_ref_seq.ref_id                        1 
_struct_ref_seq.pdbx_PDB_id_code              5YCQ 
_struct_ref_seq.pdbx_strand_id                A 
_struct_ref_seq.seq_align_beg                 1 
_struct_ref_seq.pdbx_seq_align_beg_ins_code   ? 
_struct_ref_seq.seq_align_end                 105 
_struct_ref_seq.pdbx_seq_align_end_ins_code   ? 
_struct_ref_seq.pdbx_db_accession             B7LE66 
_struct_ref_seq.db_align_beg                  1 
_struct_ref_seq.pdbx_db_align_beg_ins_code    ? 
_struct_ref_seq.db_align_end                  105 
_struct_ref_seq.pdbx_db_align_end_ins_code    ? 
_struct_ref_seq.pdbx_auth_seq_align_beg       1 
_struct_ref_seq.pdbx_auth_seq_align_end       105 
# 
_pdbx_struct_assembly.id                   1 
_pdbx_struct_assembly.details              author_and_software_defined_assembly 
_pdbx_struct_assembly.method_details       PISA 
_pdbx_struct_assembly.oligomeric_details   trimeric 
_pdbx_struct_assembly.oligomeric_count     3 
# 
loop_
_pdbx_struct_assembly_prop.biol_id 
_pdbx_struct_assembly_prop.type 
_pdbx_struct_assembly_prop.value 
_pdbx_struct_assembly_prop.details 
1 'ABSA (A^2)' 3370  ? 
1 MORE         -20   ? 
1 'SSA (A^2)'  11700 ? 
# 
_pdbx_struct_assembly_gen.assembly_id       1 
_pdbx_struct_assembly_gen.oper_expression   1,2,3 
_pdbx_struct_assembly_gen.asym_id_list      A,B 
# 
_pdbx_struct_assembly_auth_evidence.id                     1 
_pdbx_struct_assembly_auth_evidence.assembly_id            1 
_pdbx_struct_assembly_auth_evidence.experimental_support   'gel filtration' 
_pdbx_struct_assembly_auth_evidence.details                ? 
# 
loop_
_pdbx_struct_oper_list.id 
_pdbx_struct_oper_list.type 
_pdbx_struct_oper_list.name 
_pdbx_struct_oper_list.symmetry_operation 
_pdbx_struct_oper_list.matrix[1][1] 
_pdbx_struct_oper_list.matrix[1][2] 
_pdbx_struct_oper_list.matrix[1][3] 
_pdbx_struct_oper_list.vector[1] 
_pdbx_struct_oper_list.matrix[2][1] 
_pdbx_struct_oper_list.matrix[2][2] 
_pdbx_struct_oper_list.matrix[2][3] 
_pdbx_struct_oper_list.vector[2] 
_pdbx_struct_oper_list.matrix[3][1] 
_pdbx_struct_oper_list.matrix[3][2] 
_pdbx_struct_oper_list.matrix[3][3] 
_pdbx_struct_oper_list.vector[3] 
1 'identity operation'         1_555 x,y,z         1.0000000000 0.0000000000 0.0000000000  0.0000000000  0.0000000000 1.0000000000 0.0000000000  0.0000000000   0.0000000000  0.0000000000  1.0000000000  0.0000000000  
2 'crystal symmetry operation' 2_655 -y+1,x-y,z    0.4862796683 0.7048239551 0.5164835686  9.7241854302  0.7186612007 0.0136245971 -0.6952269047 -13.6693981715 -0.4970494571 0.7092514101  -0.4999042653 14.2354141841 
3 'crystal symmetry operation' 3_665 -x+y+1,-x+1,z 0.4862796683 0.7186612007 -0.4970494571 12.1706973294 0.7048239551 0.0136245971 0.7092514101  -16.7640863752 0.5164835686  -0.6952269047 -0.4999042653 -7.4093711035 
# 
_struct_conf.conf_type_id            HELX_P 
_struct_conf.id                      HELX_P1 
_struct_conf.pdbx_PDB_helix_id       AA1 
_struct_conf.beg_label_comp_id       GLN 
_struct_conf.beg_label_asym_id       A 
_struct_conf.beg_label_seq_id        84 
_struct_conf.pdbx_beg_PDB_ins_code   ? 
_struct_conf.end_label_comp_id       ARG 
_struct_conf.end_label_asym_id       A 
_struct_conf.end_label_seq_id        95 
_struct_conf.pdbx_end_PDB_ins_code   ? 
_struct_conf.beg_auth_comp_id        GLN 
_struct_conf.beg_auth_asym_id        A 
_struct_conf.beg_auth_seq_id         84 
_struct_conf.end_auth_comp_id        ARG 
_struct_conf.end_auth_asym_id        A 
_struct_conf.end_auth_seq_id         95 
_struct_conf.pdbx_PDB_helix_class    1 
_struct_conf.details                 ? 
_struct_conf.pdbx_PDB_helix_length   12 
# 
_struct_conf_type.id          HELX_P 
_struct_conf_type.criteria    ? 
_struct_conf_type.reference   ? 
# 
loop_
_struct_conn.id 
_struct_conn.conn_type_id 
_struct_conn.pdbx_leaving_atom_flag 
_struct_conn.pdbx_PDB_id 
_struct_conn.ptnr1_label_asym_id 
_struct_conn.ptnr1_label_comp_id 
_struct_conn.ptnr1_label_seq_id 
_struct_conn.ptnr1_label_atom_id 
_struct_conn.pdbx_ptnr1_label_alt_id 
_struct_conn.pdbx_ptnr1_PDB_ins_code 
_struct_conn.pdbx_ptnr1_standard_comp_id 
_struct_conn.ptnr1_symmetry 
_struct_conn.ptnr2_label_asym_id 
_struct_conn.ptnr2_label_comp_id 
_struct_conn.ptnr2_label_seq_id 
_struct_conn.ptnr2_label_atom_id 
_struct_conn.pdbx_ptnr2_label_alt_id 
_struct_conn.pdbx_ptnr2_PDB_ins_code 
_struct_conn.ptnr1_auth_asym_id 
_struct_conn.ptnr1_auth_comp_id 
_struct_conn.ptnr1_auth_seq_id 
_struct_conn.ptnr2_auth_asym_id 
_struct_conn.ptnr2_auth_comp_id 
_struct_conn.ptnr2_auth_seq_id 
_struct_conn.ptnr2_symmetry 
_struct_conn.pdbx_ptnr3_label_atom_id 
_struct_conn.pdbx_ptnr3_label_seq_id 
_struct_conn.pdbx_ptnr3_label_comp_id 
_struct_conn.pdbx_ptnr3_label_asym_id 
_struct_conn.pdbx_ptnr3_label_alt_id 
_struct_conn.pdbx_ptnr3_PDB_ins_code 
_struct_conn.details 
_struct_conn.pdbx_dist_value 
_struct_conn.pdbx_value_order 
_struct_conn.pdbx_role 
covale1 covale both ? A VAL 55 C ? ? ? 1_555 A MSE 56 N ? ? A VAL 55 A MSE 56 1_555 ? ? ? ? ? ? ? 1.327 ? ? 
covale2 covale both ? A MSE 56 C ? ? ? 1_555 A GLU 57 N ? ? A MSE 56 A GLU 57 1_555 ? ? ? ? ? ? ? 1.329 ? ? 
covale3 covale both ? A SER 86 C ? ? ? 1_555 A MSE 87 N ? ? A SER 86 A MSE 87 1_555 ? ? ? ? ? ? ? 1.330 ? ? 
covale4 covale both ? A MSE 87 C ? ? ? 1_555 A ASP 88 N ? ? A MSE 87 A ASP 88 1_555 ? ? ? ? ? ? ? 1.330 ? ? 
# 
_struct_conn_type.id          covale 
_struct_conn_type.criteria    ? 
_struct_conn_type.reference   ? 
# 
loop_
_pdbx_modification_feature.ordinal 
_pdbx_modification_feature.label_comp_id 
_pdbx_modification_feature.label_asym_id 
_pdbx_modification_feature.label_seq_id 
_pdbx_modification_feature.label_alt_id 
_pdbx_modification_feature.modified_residue_label_comp_id 
_pdbx_modification_feature.modified_residue_label_asym_id 
_pdbx_modification_feature.modified_residue_label_seq_id 
_pdbx_modification_feature.modified_residue_label_alt_id 
_pdbx_modification_feature.auth_comp_id 
_pdbx_modification_feature.auth_asym_id 
_pdbx_modification_feature.auth_seq_id 
_pdbx_modification_feature.PDB_ins_code 
_pdbx_modification_feature.symmetry 
_pdbx_modification_feature.modified_residue_auth_comp_id 
_pdbx_modification_feature.modified_residue_auth_asym_id 
_pdbx_modification_feature.modified_residue_auth_seq_id 
_pdbx_modification_feature.modified_residue_PDB_ins_code 
_pdbx_modification_feature.modified_residue_symmetry 
_pdbx_modification_feature.comp_id_linking_atom 
_pdbx_modification_feature.modified_residue_id_linking_atom 
_pdbx_modification_feature.modified_residue_id 
_pdbx_modification_feature.ref_pcm_id 
_pdbx_modification_feature.ref_comp_id 
_pdbx_modification_feature.type 
_pdbx_modification_feature.category 
1 MSE A 56 ? . . . . MSE A 56 ? 1_555 . . . . . . . MET 1 MSE Selenomethionine 'Named protein modification' 
2 MSE A 87 ? . . . . MSE A 87 ? 1_555 . . . . . . . MET 1 MSE Selenomethionine 'Named protein modification' 
# 
_struct_sheet.id               AA1 
_struct_sheet.type             ? 
_struct_sheet.number_strands   5 
_struct_sheet.details          ? 
# 
loop_
_struct_sheet_order.sheet_id 
_struct_sheet_order.range_id_1 
_struct_sheet_order.range_id_2 
_struct_sheet_order.offset 
_struct_sheet_order.sense 
AA1 1 2 ? anti-parallel 
AA1 2 3 ? anti-parallel 
AA1 3 4 ? anti-parallel 
AA1 4 5 ? anti-parallel 
# 
loop_
_struct_sheet_range.sheet_id 
_struct_sheet_range.id 
_struct_sheet_range.beg_label_comp_id 
_struct_sheet_range.beg_label_asym_id 
_struct_sheet_range.beg_label_seq_id 
_struct_sheet_range.pdbx_beg_PDB_ins_code 
_struct_sheet_range.end_label_comp_id 
_struct_sheet_range.end_label_asym_id 
_struct_sheet_range.end_label_seq_id 
_struct_sheet_range.pdbx_end_PDB_ins_code 
_struct_sheet_range.beg_auth_comp_id 
_struct_sheet_range.beg_auth_asym_id 
_struct_sheet_range.beg_auth_seq_id 
_struct_sheet_range.end_auth_comp_id 
_struct_sheet_range.end_auth_asym_id 
_struct_sheet_range.end_auth_seq_id 
AA1 1 PRO A 63 ? ALA A 69 ? PRO A 63 ALA A 69 
AA1 2 TRP A 51 ? GLU A 57 ? TRP A 51 GLU A 57 
AA1 3 LEU A 20 ? ASP A 27 ? LEU A 20 ASP A 27 
AA1 4 GLN A 11 ? HIS A 14 ? GLN A 11 HIS A 14 
AA1 5 LEU A 73 ? SER A 75 ? LEU A 73 SER A 75 
# 
loop_
_pdbx_struct_sheet_hbond.sheet_id 
_pdbx_struct_sheet_hbond.range_id_1 
_pdbx_struct_sheet_hbond.range_id_2 
_pdbx_struct_sheet_hbond.range_1_label_atom_id 
_pdbx_struct_sheet_hbond.range_1_label_comp_id 
_pdbx_struct_sheet_hbond.range_1_label_asym_id 
_pdbx_struct_sheet_hbond.range_1_label_seq_id 
_pdbx_struct_sheet_hbond.range_1_PDB_ins_code 
_pdbx_struct_sheet_hbond.range_1_auth_atom_id 
_pdbx_struct_sheet_hbond.range_1_auth_comp_id 
_pdbx_struct_sheet_hbond.range_1_auth_asym_id 
_pdbx_struct_sheet_hbond.range_1_auth_seq_id 
_pdbx_struct_sheet_hbond.range_2_label_atom_id 
_pdbx_struct_sheet_hbond.range_2_label_comp_id 
_pdbx_struct_sheet_hbond.range_2_label_asym_id 
_pdbx_struct_sheet_hbond.range_2_label_seq_id 
_pdbx_struct_sheet_hbond.range_2_PDB_ins_code 
_pdbx_struct_sheet_hbond.range_2_auth_atom_id 
_pdbx_struct_sheet_hbond.range_2_auth_comp_id 
_pdbx_struct_sheet_hbond.range_2_auth_asym_id 
_pdbx_struct_sheet_hbond.range_2_auth_seq_id 
AA1 1 2 O LEU A 68 ? O LEU A 68 N TYR A 52 ? N TYR A 52 
AA1 2 3 O TRP A 51 ? O TRP A 51 N ASP A 27 ? N ASP A 27 
AA1 3 4 O GLY A 21 ? O GLY A 21 N VAL A 12 ? N VAL A 12 
AA1 4 5 N ARG A 13 ? N ARG A 13 O SER A 74 ? O SER A 74 
# 
_pdbx_entry_details.entry_id                   5YCQ 
_pdbx_entry_details.compound_details           ? 
_pdbx_entry_details.source_details             ? 
_pdbx_entry_details.nonpolymer_details         ? 
_pdbx_entry_details.sequence_details           ? 
_pdbx_entry_details.has_ligand_of_interest     ? 
_pdbx_entry_details.has_protein_modification   Y 
# 
loop_
_pdbx_validate_torsion.id 
_pdbx_validate_torsion.PDB_model_num 
_pdbx_validate_torsion.auth_comp_id 
_pdbx_validate_torsion.auth_asym_id 
_pdbx_validate_torsion.auth_seq_id 
_pdbx_validate_torsion.PDB_ins_code 
_pdbx_validate_torsion.label_alt_id 
_pdbx_validate_torsion.phi 
_pdbx_validate_torsion.psi 
1 1 ASP A 58 ? ? -86.34 -150.11 
2 1 PRO A 63 ? ? -69.26 88.16   
3 1 ARG A 95 ? ? -67.69 11.47   
# 
loop_
_pdbx_struct_mod_residue.id 
_pdbx_struct_mod_residue.label_asym_id 
_pdbx_struct_mod_residue.label_comp_id 
_pdbx_struct_mod_residue.label_seq_id 
_pdbx_struct_mod_residue.auth_asym_id 
_pdbx_struct_mod_residue.auth_comp_id 
_pdbx_struct_mod_residue.auth_seq_id 
_pdbx_struct_mod_residue.PDB_ins_code 
_pdbx_struct_mod_residue.parent_comp_id 
_pdbx_struct_mod_residue.details 
1 A MSE 56 A MSE 56 ? MET 'modified residue' 
2 A MSE 87 A MSE 87 ? MET 'modified residue' 
# 
loop_
_pdbx_refine_tls.pdbx_refine_id 
_pdbx_refine_tls.id 
_pdbx_refine_tls.details 
_pdbx_refine_tls.method 
_pdbx_refine_tls.origin_x 
_pdbx_refine_tls.origin_y 
_pdbx_refine_tls.origin_z 
_pdbx_refine_tls.T[1][1] 
_pdbx_refine_tls.T[2][2] 
_pdbx_refine_tls.T[3][3] 
_pdbx_refine_tls.T[1][2] 
_pdbx_refine_tls.T[1][3] 
_pdbx_refine_tls.T[2][3] 
_pdbx_refine_tls.L[1][1] 
_pdbx_refine_tls.L[2][2] 
_pdbx_refine_tls.L[3][3] 
_pdbx_refine_tls.L[1][2] 
_pdbx_refine_tls.L[1][3] 
_pdbx_refine_tls.L[2][3] 
_pdbx_refine_tls.S[1][1] 
_pdbx_refine_tls.S[1][2] 
_pdbx_refine_tls.S[1][3] 
_pdbx_refine_tls.S[2][1] 
_pdbx_refine_tls.S[2][2] 
_pdbx_refine_tls.S[2][3] 
_pdbx_refine_tls.S[3][1] 
_pdbx_refine_tls.S[3][2] 
_pdbx_refine_tls.S[3][3] 
'X-RAY DIFFRACTION' 1 ? refined -0.6930 3.3422  3.1472  0.3991 0.4266 0.5060 -0.0251 -0.0176 0.0243  5.7381 2.8155 4.2647 -0.0328 2.3864  0.8562  -0.1396 -0.6930 0.0286  0.1657  0.0579  -0.0369 -0.7603 -0.3488 0.1314  
'X-RAY DIFFRACTION' 2 ? refined -4.7739 -4.3887 5.6522  0.5178 0.4954 0.6563 -0.1646 0.0081  0.0066  3.7378 5.2446 7.6472 -2.0140 -2.0361 -3.9168 0.2559  -1.0635 -0.7866 0.5205  -0.4310 1.1929  -0.0008 -0.2627 0.0674  
'X-RAY DIFFRACTION' 3 ? refined 1.2796  -3.4960 3.5873  0.5167 0.3757 0.3357 0.0335  0.0019  0.0469  6.3154 6.2721 8.3563 -3.5517 -1.9103 0.5930  0.6106  -0.3001 0.0727  0.8501  0.1984  0.4042  -1.0803 0.1484  -0.5521 
'X-RAY DIFFRACTION' 4 ? refined 4.8982  -1.4662 3.6815  0.4528 0.3577 0.3942 0.0950  -0.0132 0.0153  4.1891 5.0488 6.3895 -0.5007 -3.1239 1.4835  -0.2653 -0.6497 0.4642  0.3918  0.3792  -0.4922 -0.3087 0.6782  -0.1859 
'X-RAY DIFFRACTION' 5 ? refined 2.8129  8.3282  -8.1974 0.7054 0.5547 0.6224 -0.0280 0.0114  -0.0087 8.5076 5.1387 5.6363 3.2006  -5.4577 -8.9333 0.5503  0.2610  1.2389  0.3478  0.4620  -0.3197 -0.7871 0.3004  -0.8247 
'X-RAY DIFFRACTION' 6 ? refined -2.0387 -2.2963 -9.9854 0.7110 0.6538 0.4682 0.0803  0.0060  0.0591  7.7870 5.2366 9.5337 -4.5667 3.2408  1.4753  1.4379  1.1470  -0.5450 -0.5351 -1.4908 0.3033  0.7510  0.1637  -0.3579  
# 
loop_
_pdbx_refine_tls_group.pdbx_refine_id 
_pdbx_refine_tls_group.id 
_pdbx_refine_tls_group.refine_tls_id 
_pdbx_refine_tls_group.beg_auth_asym_id 
_pdbx_refine_tls_group.beg_auth_seq_id 
_pdbx_refine_tls_group.beg_label_asym_id 
_pdbx_refine_tls_group.beg_label_seq_id 
_pdbx_refine_tls_group.end_auth_asym_id 
_pdbx_refine_tls_group.end_auth_seq_id 
_pdbx_refine_tls_group.end_label_asym_id 
_pdbx_refine_tls_group.end_label_seq_id 
_pdbx_refine_tls_group.selection 
_pdbx_refine_tls_group.selection_details 
'X-RAY DIFFRACTION' 1 1 ? ? ? ? ? ? ? ? ? 
;chain 'A' and (resid 3 through 19 )
;
'X-RAY DIFFRACTION' 2 2 ? ? ? ? ? ? ? ? ? 
;chain 'A' and (resid 20 through 50 )
;
'X-RAY DIFFRACTION' 3 3 ? ? ? ? ? ? ? ? ? 
;chain 'A' and (resid 51 through 57 )
;
'X-RAY DIFFRACTION' 4 4 ? ? ? ? ? ? ? ? ? 
;chain 'A' and (resid 58 through 75 )
;
'X-RAY DIFFRACTION' 5 5 ? ? ? ? ? ? ? ? ? 
;chain 'A' and (resid 76 through 84 )
;
'X-RAY DIFFRACTION' 6 6 ? ? ? ? ? ? ? ? ? 
;chain 'A' and (resid 85 through 97 )
;
# 
loop_
_pdbx_unobs_or_zero_occ_residues.id 
_pdbx_unobs_or_zero_occ_residues.PDB_model_num 
_pdbx_unobs_or_zero_occ_residues.polymer_flag 
_pdbx_unobs_or_zero_occ_residues.occupancy_flag 
_pdbx_unobs_or_zero_occ_residues.auth_asym_id 
_pdbx_unobs_or_zero_occ_residues.auth_comp_id 
_pdbx_unobs_or_zero_occ_residues.auth_seq_id 
_pdbx_unobs_or_zero_occ_residues.PDB_ins_code 
_pdbx_unobs_or_zero_occ_residues.label_asym_id 
_pdbx_unobs_or_zero_occ_residues.label_comp_id 
_pdbx_unobs_or_zero_occ_residues.label_seq_id 
1  1 Y 1 A MSE 1   ? A MSE 1   
2  1 Y 1 A ILE 2   ? A ILE 2   
3  1 Y 1 A TYR 30  ? A TYR 30  
4  1 Y 1 A SER 31  ? A SER 31  
5  1 Y 1 A LEU 32  ? A LEU 32  
6  1 Y 1 A SER 33  ? A SER 33  
7  1 Y 1 A GLU 34  ? A GLU 34  
8  1 Y 1 A PRO 35  ? A PRO 35  
9  1 Y 1 A SER 36  ? A SER 36  
10 1 Y 1 A PRO 37  ? A PRO 37  
11 1 Y 1 A ASP 38  ? A ASP 38  
12 1 Y 1 A GLU 39  ? A GLU 39  
13 1 Y 1 A LEU 40  ? A LEU 40  
14 1 Y 1 A ALA 41  ? A ALA 41  
15 1 Y 1 A VAL 42  ? A VAL 42  
16 1 Y 1 A ASN 43  ? A ASN 43  
17 1 Y 1 A ASP 44  ? A ASP 44  
18 1 Y 1 A GLU 45  ? A GLU 45  
19 1 Y 1 A LEU 46  ? A LEU 46  
20 1 Y 1 A ARG 47  ? A ARG 47  
21 1 Y 1 A LEU 98  ? A LEU 98  
22 1 Y 1 A GLN 99  ? A GLN 99  
23 1 Y 1 A ALA 100 ? A ALA 100 
24 1 Y 1 A PRO 101 ? A PRO 101 
25 1 Y 1 A ARG 102 ? A ARG 102 
26 1 Y 1 A LEU 103 ? A LEU 103 
27 1 Y 1 A ARG 104 ? A ARG 104 
28 1 Y 1 A ASN 105 ? A ASN 105 
# 
loop_
_chem_comp_atom.comp_id 
_chem_comp_atom.atom_id 
_chem_comp_atom.type_symbol 
_chem_comp_atom.pdbx_aromatic_flag 
_chem_comp_atom.pdbx_stereo_config 
_chem_comp_atom.pdbx_ordinal 
ALA N    N  N N 1   
ALA CA   C  N S 2   
ALA C    C  N N 3   
ALA O    O  N N 4   
ALA CB   C  N N 5   
ALA OXT  O  N N 6   
ALA H    H  N N 7   
ALA H2   H  N N 8   
ALA HA   H  N N 9   
ALA HB1  H  N N 10  
ALA HB2  H  N N 11  
ALA HB3  H  N N 12  
ALA HXT  H  N N 13  
ARG N    N  N N 14  
ARG CA   C  N S 15  
ARG C    C  N N 16  
ARG O    O  N N 17  
ARG CB   C  N N 18  
ARG CG   C  N N 19  
ARG CD   C  N N 20  
ARG NE   N  N N 21  
ARG CZ   C  N N 22  
ARG NH1  N  N N 23  
ARG NH2  N  N N 24  
ARG OXT  O  N N 25  
ARG H    H  N N 26  
ARG H2   H  N N 27  
ARG HA   H  N N 28  
ARG HB2  H  N N 29  
ARG HB3  H  N N 30  
ARG HG2  H  N N 31  
ARG HG3  H  N N 32  
ARG HD2  H  N N 33  
ARG HD3  H  N N 34  
ARG HE   H  N N 35  
ARG HH11 H  N N 36  
ARG HH12 H  N N 37  
ARG HH21 H  N N 38  
ARG HH22 H  N N 39  
ARG HXT  H  N N 40  
ASN N    N  N N 41  
ASN CA   C  N S 42  
ASN C    C  N N 43  
ASN O    O  N N 44  
ASN CB   C  N N 45  
ASN CG   C  N N 46  
ASN OD1  O  N N 47  
ASN ND2  N  N N 48  
ASN OXT  O  N N 49  
ASN H    H  N N 50  
ASN H2   H  N N 51  
ASN HA   H  N N 52  
ASN HB2  H  N N 53  
ASN HB3  H  N N 54  
ASN HD21 H  N N 55  
ASN HD22 H  N N 56  
ASN HXT  H  N N 57  
ASP N    N  N N 58  
ASP CA   C  N S 59  
ASP C    C  N N 60  
ASP O    O  N N 61  
ASP CB   C  N N 62  
ASP CG   C  N N 63  
ASP OD1  O  N N 64  
ASP OD2  O  N N 65  
ASP OXT  O  N N 66  
ASP H    H  N N 67  
ASP H2   H  N N 68  
ASP HA   H  N N 69  
ASP HB2  H  N N 70  
ASP HB3  H  N N 71  
ASP HD2  H  N N 72  
ASP HXT  H  N N 73  
GLN N    N  N N 74  
GLN CA   C  N S 75  
GLN C    C  N N 76  
GLN O    O  N N 77  
GLN CB   C  N N 78  
GLN CG   C  N N 79  
GLN CD   C  N N 80  
GLN OE1  O  N N 81  
GLN NE2  N  N N 82  
GLN OXT  O  N N 83  
GLN H    H  N N 84  
GLN H2   H  N N 85  
GLN HA   H  N N 86  
GLN HB2  H  N N 87  
GLN HB3  H  N N 88  
GLN HG2  H  N N 89  
GLN HG3  H  N N 90  
GLN HE21 H  N N 91  
GLN HE22 H  N N 92  
GLN HXT  H  N N 93  
GLU N    N  N N 94  
GLU CA   C  N S 95  
GLU C    C  N N 96  
GLU O    O  N N 97  
GLU CB   C  N N 98  
GLU CG   C  N N 99  
GLU CD   C  N N 100 
GLU OE1  O  N N 101 
GLU OE2  O  N N 102 
GLU OXT  O  N N 103 
GLU H    H  N N 104 
GLU H2   H  N N 105 
GLU HA   H  N N 106 
GLU HB2  H  N N 107 
GLU HB3  H  N N 108 
GLU HG2  H  N N 109 
GLU HG3  H  N N 110 
GLU HE2  H  N N 111 
GLU HXT  H  N N 112 
GLY N    N  N N 113 
GLY CA   C  N N 114 
GLY C    C  N N 115 
GLY O    O  N N 116 
GLY OXT  O  N N 117 
GLY H    H  N N 118 
GLY H2   H  N N 119 
GLY HA2  H  N N 120 
GLY HA3  H  N N 121 
GLY HXT  H  N N 122 
HIS N    N  N N 123 
HIS CA   C  N S 124 
HIS C    C  N N 125 
HIS O    O  N N 126 
HIS CB   C  N N 127 
HIS CG   C  Y N 128 
HIS ND1  N  Y N 129 
HIS CD2  C  Y N 130 
HIS CE1  C  Y N 131 
HIS NE2  N  Y N 132 
HIS OXT  O  N N 133 
HIS H    H  N N 134 
HIS H2   H  N N 135 
HIS HA   H  N N 136 
HIS HB2  H  N N 137 
HIS HB3  H  N N 138 
HIS HD1  H  N N 139 
HIS HD2  H  N N 140 
HIS HE1  H  N N 141 
HIS HE2  H  N N 142 
HIS HXT  H  N N 143 
HOH O    O  N N 144 
HOH H1   H  N N 145 
HOH H2   H  N N 146 
ILE N    N  N N 147 
ILE CA   C  N S 148 
ILE C    C  N N 149 
ILE O    O  N N 150 
ILE CB   C  N S 151 
ILE CG1  C  N N 152 
ILE CG2  C  N N 153 
ILE CD1  C  N N 154 
ILE OXT  O  N N 155 
ILE H    H  N N 156 
ILE H2   H  N N 157 
ILE HA   H  N N 158 
ILE HB   H  N N 159 
ILE HG12 H  N N 160 
ILE HG13 H  N N 161 
ILE HG21 H  N N 162 
ILE HG22 H  N N 163 
ILE HG23 H  N N 164 
ILE HD11 H  N N 165 
ILE HD12 H  N N 166 
ILE HD13 H  N N 167 
ILE HXT  H  N N 168 
LEU N    N  N N 169 
LEU CA   C  N S 170 
LEU C    C  N N 171 
LEU O    O  N N 172 
LEU CB   C  N N 173 
LEU CG   C  N N 174 
LEU CD1  C  N N 175 
LEU CD2  C  N N 176 
LEU OXT  O  N N 177 
LEU H    H  N N 178 
LEU H2   H  N N 179 
LEU HA   H  N N 180 
LEU HB2  H  N N 181 
LEU HB3  H  N N 182 
LEU HG   H  N N 183 
LEU HD11 H  N N 184 
LEU HD12 H  N N 185 
LEU HD13 H  N N 186 
LEU HD21 H  N N 187 
LEU HD22 H  N N 188 
LEU HD23 H  N N 189 
LEU HXT  H  N N 190 
LYS N    N  N N 191 
LYS CA   C  N S 192 
LYS C    C  N N 193 
LYS O    O  N N 194 
LYS CB   C  N N 195 
LYS CG   C  N N 196 
LYS CD   C  N N 197 
LYS CE   C  N N 198 
LYS NZ   N  N N 199 
LYS OXT  O  N N 200 
LYS H    H  N N 201 
LYS H2   H  N N 202 
LYS HA   H  N N 203 
LYS HB2  H  N N 204 
LYS HB3  H  N N 205 
LYS HG2  H  N N 206 
LYS HG3  H  N N 207 
LYS HD2  H  N N 208 
LYS HD3  H  N N 209 
LYS HE2  H  N N 210 
LYS HE3  H  N N 211 
LYS HZ1  H  N N 212 
LYS HZ2  H  N N 213 
LYS HZ3  H  N N 214 
LYS HXT  H  N N 215 
MSE N    N  N N 216 
MSE CA   C  N S 217 
MSE C    C  N N 218 
MSE O    O  N N 219 
MSE OXT  O  N N 220 
MSE CB   C  N N 221 
MSE CG   C  N N 222 
MSE SE   SE N N 223 
MSE CE   C  N N 224 
MSE H    H  N N 225 
MSE H2   H  N N 226 
MSE HA   H  N N 227 
MSE HXT  H  N N 228 
MSE HB2  H  N N 229 
MSE HB3  H  N N 230 
MSE HG2  H  N N 231 
MSE HG3  H  N N 232 
MSE HE1  H  N N 233 
MSE HE2  H  N N 234 
MSE HE3  H  N N 235 
PHE N    N  N N 236 
PHE CA   C  N S 237 
PHE C    C  N N 238 
PHE O    O  N N 239 
PHE CB   C  N N 240 
PHE CG   C  Y N 241 
PHE CD1  C  Y N 242 
PHE CD2  C  Y N 243 
PHE CE1  C  Y N 244 
PHE CE2  C  Y N 245 
PHE CZ   C  Y N 246 
PHE OXT  O  N N 247 
PHE H    H  N N 248 
PHE H2   H  N N 249 
PHE HA   H  N N 250 
PHE HB2  H  N N 251 
PHE HB3  H  N N 252 
PHE HD1  H  N N 253 
PHE HD2  H  N N 254 
PHE HE1  H  N N 255 
PHE HE2  H  N N 256 
PHE HZ   H  N N 257 
PHE HXT  H  N N 258 
PRO N    N  N N 259 
PRO CA   C  N S 260 
PRO C    C  N N 261 
PRO O    O  N N 262 
PRO CB   C  N N 263 
PRO CG   C  N N 264 
PRO CD   C  N N 265 
PRO OXT  O  N N 266 
PRO H    H  N N 267 
PRO HA   H  N N 268 
PRO HB2  H  N N 269 
PRO HB3  H  N N 270 
PRO HG2  H  N N 271 
PRO HG3  H  N N 272 
PRO HD2  H  N N 273 
PRO HD3  H  N N 274 
PRO HXT  H  N N 275 
SER N    N  N N 276 
SER CA   C  N S 277 
SER C    C  N N 278 
SER O    O  N N 279 
SER CB   C  N N 280 
SER OG   O  N N 281 
SER OXT  O  N N 282 
SER H    H  N N 283 
SER H2   H  N N 284 
SER HA   H  N N 285 
SER HB2  H  N N 286 
SER HB3  H  N N 287 
SER HG   H  N N 288 
SER HXT  H  N N 289 
THR N    N  N N 290 
THR CA   C  N S 291 
THR C    C  N N 292 
THR O    O  N N 293 
THR CB   C  N R 294 
THR OG1  O  N N 295 
THR CG2  C  N N 296 
THR OXT  O  N N 297 
THR H    H  N N 298 
THR H2   H  N N 299 
THR HA   H  N N 300 
THR HB   H  N N 301 
THR HG1  H  N N 302 
THR HG21 H  N N 303 
THR HG22 H  N N 304 
THR HG23 H  N N 305 
THR HXT  H  N N 306 
TRP N    N  N N 307 
TRP CA   C  N S 308 
TRP C    C  N N 309 
TRP O    O  N N 310 
TRP CB   C  N N 311 
TRP CG   C  Y N 312 
TRP CD1  C  Y N 313 
TRP CD2  C  Y N 314 
TRP NE1  N  Y N 315 
TRP CE2  C  Y N 316 
TRP CE3  C  Y N 317 
TRP CZ2  C  Y N 318 
TRP CZ3  C  Y N 319 
TRP CH2  C  Y N 320 
TRP OXT  O  N N 321 
TRP H    H  N N 322 
TRP H2   H  N N 323 
TRP HA   H  N N 324 
TRP HB2  H  N N 325 
TRP HB3  H  N N 326 
TRP HD1  H  N N 327 
TRP HE1  H  N N 328 
TRP HE3  H  N N 329 
TRP HZ2  H  N N 330 
TRP HZ3  H  N N 331 
TRP HH2  H  N N 332 
TRP HXT  H  N N 333 
TYR N    N  N N 334 
TYR CA   C  N S 335 
TYR C    C  N N 336 
TYR O    O  N N 337 
TYR CB   C  N N 338 
TYR CG   C  Y N 339 
TYR CD1  C  Y N 340 
TYR CD2  C  Y N 341 
TYR CE1  C  Y N 342 
TYR CE2  C  Y N 343 
TYR CZ   C  Y N 344 
TYR OH   O  N N 345 
TYR OXT  O  N N 346 
TYR H    H  N N 347 
TYR H2   H  N N 348 
TYR HA   H  N N 349 
TYR HB2  H  N N 350 
TYR HB3  H  N N 351 
TYR HD1  H  N N 352 
TYR HD2  H  N N 353 
TYR HE1  H  N N 354 
TYR HE2  H  N N 355 
TYR HH   H  N N 356 
TYR HXT  H  N N 357 
VAL N    N  N N 358 
VAL CA   C  N S 359 
VAL C    C  N N 360 
VAL O    O  N N 361 
VAL CB   C  N N 362 
VAL CG1  C  N N 363 
VAL CG2  C  N N 364 
VAL OXT  O  N N 365 
VAL H    H  N N 366 
VAL H2   H  N N 367 
VAL HA   H  N N 368 
VAL HB   H  N N 369 
VAL HG11 H  N N 370 
VAL HG12 H  N N 371 
VAL HG13 H  N N 372 
VAL HG21 H  N N 373 
VAL HG22 H  N N 374 
VAL HG23 H  N N 375 
VAL HXT  H  N N 376 
# 
loop_
_chem_comp_bond.comp_id 
_chem_comp_bond.atom_id_1 
_chem_comp_bond.atom_id_2 
_chem_comp_bond.value_order 
_chem_comp_bond.pdbx_aromatic_flag 
_chem_comp_bond.pdbx_stereo_config 
_chem_comp_bond.pdbx_ordinal 
ALA N   CA   sing N N 1   
ALA N   H    sing N N 2   
ALA N   H2   sing N N 3   
ALA CA  C    sing N N 4   
ALA CA  CB   sing N N 5   
ALA CA  HA   sing N N 6   
ALA C   O    doub N N 7   
ALA C   OXT  sing N N 8   
ALA CB  HB1  sing N N 9   
ALA CB  HB2  sing N N 10  
ALA CB  HB3  sing N N 11  
ALA OXT HXT  sing N N 12  
ARG N   CA   sing N N 13  
ARG N   H    sing N N 14  
ARG N   H2   sing N N 15  
ARG CA  C    sing N N 16  
ARG CA  CB   sing N N 17  
ARG CA  HA   sing N N 18  
ARG C   O    doub N N 19  
ARG C   OXT  sing N N 20  
ARG CB  CG   sing N N 21  
ARG CB  HB2  sing N N 22  
ARG CB  HB3  sing N N 23  
ARG CG  CD   sing N N 24  
ARG CG  HG2  sing N N 25  
ARG CG  HG3  sing N N 26  
ARG CD  NE   sing N N 27  
ARG CD  HD2  sing N N 28  
ARG CD  HD3  sing N N 29  
ARG NE  CZ   sing N N 30  
ARG NE  HE   sing N N 31  
ARG CZ  NH1  sing N N 32  
ARG CZ  NH2  doub N N 33  
ARG NH1 HH11 sing N N 34  
ARG NH1 HH12 sing N N 35  
ARG NH2 HH21 sing N N 36  
ARG NH2 HH22 sing N N 37  
ARG OXT HXT  sing N N 38  
ASN N   CA   sing N N 39  
ASN N   H    sing N N 40  
ASN N   H2   sing N N 41  
ASN CA  C    sing N N 42  
ASN CA  CB   sing N N 43  
ASN CA  HA   sing N N 44  
ASN C   O    doub N N 45  
ASN C   OXT  sing N N 46  
ASN CB  CG   sing N N 47  
ASN CB  HB2  sing N N 48  
ASN CB  HB3  sing N N 49  
ASN CG  OD1  doub N N 50  
ASN CG  ND2  sing N N 51  
ASN ND2 HD21 sing N N 52  
ASN ND2 HD22 sing N N 53  
ASN OXT HXT  sing N N 54  
ASP N   CA   sing N N 55  
ASP N   H    sing N N 56  
ASP N   H2   sing N N 57  
ASP CA  C    sing N N 58  
ASP CA  CB   sing N N 59  
ASP CA  HA   sing N N 60  
ASP C   O    doub N N 61  
ASP C   OXT  sing N N 62  
ASP CB  CG   sing N N 63  
ASP CB  HB2  sing N N 64  
ASP CB  HB3  sing N N 65  
ASP CG  OD1  doub N N 66  
ASP CG  OD2  sing N N 67  
ASP OD2 HD2  sing N N 68  
ASP OXT HXT  sing N N 69  
GLN N   CA   sing N N 70  
GLN N   H    sing N N 71  
GLN N   H2   sing N N 72  
GLN CA  C    sing N N 73  
GLN CA  CB   sing N N 74  
GLN CA  HA   sing N N 75  
GLN C   O    doub N N 76  
GLN C   OXT  sing N N 77  
GLN CB  CG   sing N N 78  
GLN CB  HB2  sing N N 79  
GLN CB  HB3  sing N N 80  
GLN CG  CD   sing N N 81  
GLN CG  HG2  sing N N 82  
GLN CG  HG3  sing N N 83  
GLN CD  OE1  doub N N 84  
GLN CD  NE2  sing N N 85  
GLN NE2 HE21 sing N N 86  
GLN NE2 HE22 sing N N 87  
GLN OXT HXT  sing N N 88  
GLU N   CA   sing N N 89  
GLU N   H    sing N N 90  
GLU N   H2   sing N N 91  
GLU CA  C    sing N N 92  
GLU CA  CB   sing N N 93  
GLU CA  HA   sing N N 94  
GLU C   O    doub N N 95  
GLU C   OXT  sing N N 96  
GLU CB  CG   sing N N 97  
GLU CB  HB2  sing N N 98  
GLU CB  HB3  sing N N 99  
GLU CG  CD   sing N N 100 
GLU CG  HG2  sing N N 101 
GLU CG  HG3  sing N N 102 
GLU CD  OE1  doub N N 103 
GLU CD  OE2  sing N N 104 
GLU OE2 HE2  sing N N 105 
GLU OXT HXT  sing N N 106 
GLY N   CA   sing N N 107 
GLY N   H    sing N N 108 
GLY N   H2   sing N N 109 
GLY CA  C    sing N N 110 
GLY CA  HA2  sing N N 111 
GLY CA  HA3  sing N N 112 
GLY C   O    doub N N 113 
GLY C   OXT  sing N N 114 
GLY OXT HXT  sing N N 115 
HIS N   CA   sing N N 116 
HIS N   H    sing N N 117 
HIS N   H2   sing N N 118 
HIS CA  C    sing N N 119 
HIS CA  CB   sing N N 120 
HIS CA  HA   sing N N 121 
HIS C   O    doub N N 122 
HIS C   OXT  sing N N 123 
HIS CB  CG   sing N N 124 
HIS CB  HB2  sing N N 125 
HIS CB  HB3  sing N N 126 
HIS CG  ND1  sing Y N 127 
HIS CG  CD2  doub Y N 128 
HIS ND1 CE1  doub Y N 129 
HIS ND1 HD1  sing N N 130 
HIS CD2 NE2  sing Y N 131 
HIS CD2 HD2  sing N N 132 
HIS CE1 NE2  sing Y N 133 
HIS CE1 HE1  sing N N 134 
HIS NE2 HE2  sing N N 135 
HIS OXT HXT  sing N N 136 
HOH O   H1   sing N N 137 
HOH O   H2   sing N N 138 
ILE N   CA   sing N N 139 
ILE N   H    sing N N 140 
ILE N   H2   sing N N 141 
ILE CA  C    sing N N 142 
ILE CA  CB   sing N N 143 
ILE CA  HA   sing N N 144 
ILE C   O    doub N N 145 
ILE C   OXT  sing N N 146 
ILE CB  CG1  sing N N 147 
ILE CB  CG2  sing N N 148 
ILE CB  HB   sing N N 149 
ILE CG1 CD1  sing N N 150 
ILE CG1 HG12 sing N N 151 
ILE CG1 HG13 sing N N 152 
ILE CG2 HG21 sing N N 153 
ILE CG2 HG22 sing N N 154 
ILE CG2 HG23 sing N N 155 
ILE CD1 HD11 sing N N 156 
ILE CD1 HD12 sing N N 157 
ILE CD1 HD13 sing N N 158 
ILE OXT HXT  sing N N 159 
LEU N   CA   sing N N 160 
LEU N   H    sing N N 161 
LEU N   H2   sing N N 162 
LEU CA  C    sing N N 163 
LEU CA  CB   sing N N 164 
LEU CA  HA   sing N N 165 
LEU C   O    doub N N 166 
LEU C   OXT  sing N N 167 
LEU CB  CG   sing N N 168 
LEU CB  HB2  sing N N 169 
LEU CB  HB3  sing N N 170 
LEU CG  CD1  sing N N 171 
LEU CG  CD2  sing N N 172 
LEU CG  HG   sing N N 173 
LEU CD1 HD11 sing N N 174 
LEU CD1 HD12 sing N N 175 
LEU CD1 HD13 sing N N 176 
LEU CD2 HD21 sing N N 177 
LEU CD2 HD22 sing N N 178 
LEU CD2 HD23 sing N N 179 
LEU OXT HXT  sing N N 180 
LYS N   CA   sing N N 181 
LYS N   H    sing N N 182 
LYS N   H2   sing N N 183 
LYS CA  C    sing N N 184 
LYS CA  CB   sing N N 185 
LYS CA  HA   sing N N 186 
LYS C   O    doub N N 187 
LYS C   OXT  sing N N 188 
LYS CB  CG   sing N N 189 
LYS CB  HB2  sing N N 190 
LYS CB  HB3  sing N N 191 
LYS CG  CD   sing N N 192 
LYS CG  HG2  sing N N 193 
LYS CG  HG3  sing N N 194 
LYS CD  CE   sing N N 195 
LYS CD  HD2  sing N N 196 
LYS CD  HD3  sing N N 197 
LYS CE  NZ   sing N N 198 
LYS CE  HE2  sing N N 199 
LYS CE  HE3  sing N N 200 
LYS NZ  HZ1  sing N N 201 
LYS NZ  HZ2  sing N N 202 
LYS NZ  HZ3  sing N N 203 
LYS OXT HXT  sing N N 204 
MSE N   CA   sing N N 205 
MSE N   H    sing N N 206 
MSE N   H2   sing N N 207 
MSE CA  C    sing N N 208 
MSE CA  CB   sing N N 209 
MSE CA  HA   sing N N 210 
MSE C   O    doub N N 211 
MSE C   OXT  sing N N 212 
MSE OXT HXT  sing N N 213 
MSE CB  CG   sing N N 214 
MSE CB  HB2  sing N N 215 
MSE CB  HB3  sing N N 216 
MSE CG  SE   sing N N 217 
MSE CG  HG2  sing N N 218 
MSE CG  HG3  sing N N 219 
MSE SE  CE   sing N N 220 
MSE CE  HE1  sing N N 221 
MSE CE  HE2  sing N N 222 
MSE CE  HE3  sing N N 223 
PHE N   CA   sing N N 224 
PHE N   H    sing N N 225 
PHE N   H2   sing N N 226 
PHE CA  C    sing N N 227 
PHE CA  CB   sing N N 228 
PHE CA  HA   sing N N 229 
PHE C   O    doub N N 230 
PHE C   OXT  sing N N 231 
PHE CB  CG   sing N N 232 
PHE CB  HB2  sing N N 233 
PHE CB  HB3  sing N N 234 
PHE CG  CD1  doub Y N 235 
PHE CG  CD2  sing Y N 236 
PHE CD1 CE1  sing Y N 237 
PHE CD1 HD1  sing N N 238 
PHE CD2 CE2  doub Y N 239 
PHE CD2 HD2  sing N N 240 
PHE CE1 CZ   doub Y N 241 
PHE CE1 HE1  sing N N 242 
PHE CE2 CZ   sing Y N 243 
PHE CE2 HE2  sing N N 244 
PHE CZ  HZ   sing N N 245 
PHE OXT HXT  sing N N 246 
PRO N   CA   sing N N 247 
PRO N   CD   sing N N 248 
PRO N   H    sing N N 249 
PRO CA  C    sing N N 250 
PRO CA  CB   sing N N 251 
PRO CA  HA   sing N N 252 
PRO C   O    doub N N 253 
PRO C   OXT  sing N N 254 
PRO CB  CG   sing N N 255 
PRO CB  HB2  sing N N 256 
PRO CB  HB3  sing N N 257 
PRO CG  CD   sing N N 258 
PRO CG  HG2  sing N N 259 
PRO CG  HG3  sing N N 260 
PRO CD  HD2  sing N N 261 
PRO CD  HD3  sing N N 262 
PRO OXT HXT  sing N N 263 
SER N   CA   sing N N 264 
SER N   H    sing N N 265 
SER N   H2   sing N N 266 
SER CA  C    sing N N 267 
SER CA  CB   sing N N 268 
SER CA  HA   sing N N 269 
SER C   O    doub N N 270 
SER C   OXT  sing N N 271 
SER CB  OG   sing N N 272 
SER CB  HB2  sing N N 273 
SER CB  HB3  sing N N 274 
SER OG  HG   sing N N 275 
SER OXT HXT  sing N N 276 
THR N   CA   sing N N 277 
THR N   H    sing N N 278 
THR N   H2   sing N N 279 
THR CA  C    sing N N 280 
THR CA  CB   sing N N 281 
THR CA  HA   sing N N 282 
THR C   O    doub N N 283 
THR C   OXT  sing N N 284 
THR CB  OG1  sing N N 285 
THR CB  CG2  sing N N 286 
THR CB  HB   sing N N 287 
THR OG1 HG1  sing N N 288 
THR CG2 HG21 sing N N 289 
THR CG2 HG22 sing N N 290 
THR CG2 HG23 sing N N 291 
THR OXT HXT  sing N N 292 
TRP N   CA   sing N N 293 
TRP N   H    sing N N 294 
TRP N   H2   sing N N 295 
TRP CA  C    sing N N 296 
TRP CA  CB   sing N N 297 
TRP CA  HA   sing N N 298 
TRP C   O    doub N N 299 
TRP C   OXT  sing N N 300 
TRP CB  CG   sing N N 301 
TRP CB  HB2  sing N N 302 
TRP CB  HB3  sing N N 303 
TRP CG  CD1  doub Y N 304 
TRP CG  CD2  sing Y N 305 
TRP CD1 NE1  sing Y N 306 
TRP CD1 HD1  sing N N 307 
TRP CD2 CE2  doub Y N 308 
TRP CD2 CE3  sing Y N 309 
TRP NE1 CE2  sing Y N 310 
TRP NE1 HE1  sing N N 311 
TRP CE2 CZ2  sing Y N 312 
TRP CE3 CZ3  doub Y N 313 
TRP CE3 HE3  sing N N 314 
TRP CZ2 CH2  doub Y N 315 
TRP CZ2 HZ2  sing N N 316 
TRP CZ3 CH2  sing Y N 317 
TRP CZ3 HZ3  sing N N 318 
TRP CH2 HH2  sing N N 319 
TRP OXT HXT  sing N N 320 
TYR N   CA   sing N N 321 
TYR N   H    sing N N 322 
TYR N   H2   sing N N 323 
TYR CA  C    sing N N 324 
TYR CA  CB   sing N N 325 
TYR CA  HA   sing N N 326 
TYR C   O    doub N N 327 
TYR C   OXT  sing N N 328 
TYR CB  CG   sing N N 329 
TYR CB  HB2  sing N N 330 
TYR CB  HB3  sing N N 331 
TYR CG  CD1  doub Y N 332 
TYR CG  CD2  sing Y N 333 
TYR CD1 CE1  sing Y N 334 
TYR CD1 HD1  sing N N 335 
TYR CD2 CE2  doub Y N 336 
TYR CD2 HD2  sing N N 337 
TYR CE1 CZ   doub Y N 338 
TYR CE1 HE1  sing N N 339 
TYR CE2 CZ   sing Y N 340 
TYR CE2 HE2  sing N N 341 
TYR CZ  OH   sing N N 342 
TYR OH  HH   sing N N 343 
TYR OXT HXT  sing N N 344 
VAL N   CA   sing N N 345 
VAL N   H    sing N N 346 
VAL N   H2   sing N N 347 
VAL CA  C    sing N N 348 
VAL CA  CB   sing N N 349 
VAL CA  HA   sing N N 350 
VAL C   O    doub N N 351 
VAL C   OXT  sing N N 352 
VAL CB  CG1  sing N N 353 
VAL CB  CG2  sing N N 354 
VAL CB  HB   sing N N 355 
VAL CG1 HG11 sing N N 356 
VAL CG1 HG12 sing N N 357 
VAL CG1 HG13 sing N N 358 
VAL CG2 HG21 sing N N 359 
VAL CG2 HG22 sing N N 360 
VAL CG2 HG23 sing N N 361 
VAL OXT HXT  sing N N 362 
# 
_atom_sites.entry_id                    5YCQ 
_atom_sites.fract_transf_matrix[1][1]   -0.00873790 
_atom_sites.fract_transf_matrix[1][2]   0.01208250 
_atom_sites.fract_transf_matrix[1][3]   0.00189204 
_atom_sites.fract_transf_matrix[2][1]   -0.00349366 
_atom_sites.fract_transf_matrix[2][2]   0.00465203 
_atom_sites.fract_transf_matrix[2][3]   0.01385943 
_atom_sites.fract_transf_matrix[3][1]   0.00944103 
_atom_sites.fract_transf_matrix[3][2]   0.00681306 
_atom_sites.fract_transf_matrix[3][3]   0.00009302 
_atom_sites.fract_transf_vector[1]      0.848691 
_atom_sites.fract_transf_vector[2]      0.374492 
_atom_sites.fract_transf_vector[3]      0.018019 
# 
loop_
_atom_type.symbol 
C  
N  
O  
SE 
# 
loop_
_atom_site.group_PDB 
_atom_site.id 
_atom_site.type_symbol 
_atom_site.label_atom_id 
_atom_site.label_alt_id 
_atom_site.label_comp_id 
_atom_site.label_asym_id 
_atom_site.label_entity_id 
_atom_site.label_seq_id 
_atom_site.pdbx_PDB_ins_code 
_atom_site.Cartn_x 
_atom_site.Cartn_y 
_atom_site.Cartn_z 
_atom_site.occupancy 
_atom_site.B_iso_or_equiv 
_atom_site.pdbx_formal_charge 
_atom_site.auth_seq_id 
_atom_site.auth_comp_id 
_atom_site.auth_asym_id 
_atom_site.auth_atom_id 
_atom_site.pdbx_PDB_model_num 
ATOM   1   N  N   . ALA A 1 3  ? -15.285 1.112   8.884   1.00 80.14  ? 3   ALA A N   1 
ATOM   2   C  CA  . ALA A 1 3  ? -14.717 -0.103  9.459   1.00 80.77  ? 3   ALA A CA  1 
ATOM   3   C  C   . ALA A 1 3  ? -13.235 -0.234  9.106   1.00 76.77  ? 3   ALA A C   1 
ATOM   4   O  O   . ALA A 1 3  ? -12.424 -0.669  9.927   1.00 78.62  ? 3   ALA A O   1 
ATOM   5   C  CB  . ALA A 1 3  ? -15.492 -1.327  8.981   1.00 81.88  ? 3   ALA A CB  1 
ATOM   6   N  N   . SER A 1 4  ? -12.895 0.146   7.880   1.00 70.61  ? 4   SER A N   1 
ATOM   7   C  CA  . SER A 1 4  ? -11.516 0.119   7.415   1.00 64.60  ? 4   SER A CA  1 
ATOM   8   C  C   . SER A 1 4  ? -11.142 1.458   6.789   1.00 59.56  ? 4   SER A C   1 
ATOM   9   O  O   . SER A 1 4  ? -11.823 1.937   5.887   1.00 59.18  ? 4   SER A O   1 
ATOM   10  C  CB  . SER A 1 4  ? -11.316 -1.014  6.410   1.00 64.39  ? 4   SER A CB  1 
ATOM   11  O  OG  . SER A 1 4  ? -9.999  -1.013  5.893   1.00 62.82  ? 4   SER A OG  1 
ATOM   12  N  N   . LYS A 1 5  ? -10.063 2.061   7.273   1.00 56.41  ? 5   LYS A N   1 
ATOM   13  C  CA  . LYS A 1 5  ? -9.618  3.360   6.770   1.00 53.84  ? 5   LYS A CA  1 
ATOM   14  C  C   . LYS A 1 5  ? -9.116  3.265   5.333   1.00 50.66  ? 5   LYS A C   1 
ATOM   15  O  O   . LYS A 1 5  ? -9.414  4.132   4.507   1.00 50.71  ? 5   LYS A O   1 
ATOM   16  C  CB  . LYS A 1 5  ? -8.517  3.943   7.663   1.00 54.22  ? 5   LYS A CB  1 
ATOM   17  C  CG  . LYS A 1 5  ? -9.005  4.904   8.731   1.00 58.40  ? 5   LYS A CG  1 
ATOM   18  C  CD  . LYS A 1 5  ? -10.142 4.313   9.539   1.00 62.45  ? 5   LYS A CD  1 
ATOM   19  C  CE  . LYS A 1 5  ? -10.625 5.274   10.605  1.00 66.31  ? 5   LYS A CE  1 
ATOM   20  N  NZ  . LYS A 1 5  ? -12.020 4.941   11.015  1.00 69.60  ? 5   LYS A NZ  1 
ATOM   21  N  N   . PHE A 1 6  ? -8.352  2.218   5.037   1.00 49.20  ? 6   PHE A N   1 
ATOM   22  C  CA  . PHE A 1 6  ? -7.802  2.035   3.699   1.00 48.13  ? 6   PHE A CA  1 
ATOM   23  C  C   . PHE A 1 6  ? -8.415  0.814   3.028   1.00 47.89  ? 6   PHE A C   1 
ATOM   24  O  O   . PHE A 1 6  ? -8.833  -0.132  3.697   1.00 48.94  ? 6   PHE A O   1 
ATOM   25  C  CB  . PHE A 1 6  ? -6.280  1.913   3.760   1.00 47.60  ? 6   PHE A CB  1 
ATOM   26  C  CG  . PHE A 1 6  ? -5.626  3.001   4.563   1.00 50.68  ? 6   PHE A CG  1 
ATOM   27  C  CD1 . PHE A 1 6  ? -5.381  4.243   4.002   1.00 51.04  ? 6   PHE A CD1 1 
ATOM   28  C  CD2 . PHE A 1 6  ? -5.275  2.787   5.890   1.00 52.98  ? 6   PHE A CD2 1 
ATOM   29  C  CE1 . PHE A 1 6  ? -4.791  5.253   4.746   1.00 53.06  ? 6   PHE A CE1 1 
ATOM   30  C  CE2 . PHE A 1 6  ? -4.685  3.793   6.638   1.00 55.27  ? 6   PHE A CE2 1 
ATOM   31  C  CZ  . PHE A 1 6  ? -4.444  5.027   6.066   1.00 55.26  ? 6   PHE A CZ  1 
ATOM   32  N  N   . GLY A 1 7  ? -8.470  0.843   1.700   1.00 46.89  ? 7   GLY A N   1 
ATOM   33  C  CA  . GLY A 1 7  ? -9.107  -0.214  0.941   1.00 47.09  ? 7   GLY A CA  1 
ATOM   34  C  C   . GLY A 1 7  ? -8.124  -1.028  0.128   1.00 46.15  ? 7   GLY A C   1 
ATOM   35  O  O   . GLY A 1 7  ? -7.010  -0.589  -0.154  1.00 44.67  ? 7   GLY A O   1 
ATOM   36  N  N   . ILE A 1 8  ? -8.539  -2.228  -0.249  1.00 47.38  ? 8   ILE A N   1 
ATOM   37  C  CA  . ILE A 1 8  ? -7.696  -3.081  -1.060  1.00 48.11  ? 8   ILE A CA  1 
ATOM   38  C  C   . ILE A 1 8  ? -7.555  -2.482  -2.453  1.00 47.44  ? 8   ILE A C   1 
ATOM   39  O  O   . ILE A 1 8  ? -8.545  -2.135  -3.091  1.00 49.29  ? 8   ILE A O   1 
ATOM   40  C  CB  . ILE A 1 8  ? -8.257  -4.510  -1.143  1.00 50.57  ? 8   ILE A CB  1 
ATOM   41  C  CG1 . ILE A 1 8  ? -8.165  -5.181  0.230   1.00 51.87  ? 8   ILE A CG1 1 
ATOM   42  C  CG2 . ILE A 1 8  ? -7.499  -5.319  -2.179  1.00 50.47  ? 8   ILE A CG2 1 
ATOM   43  C  CD1 . ILE A 1 8  ? -8.666  -6.603  0.253   1.00 53.89  ? 8   ILE A CD1 1 
ATOM   44  N  N   . GLY A 1 9  ? -6.315  -2.340  -2.903  1.00 45.11  ? 9   GLY A N   1 
ATOM   45  C  CA  . GLY A 1 9  ? -6.045  -1.783  -4.213  1.00 43.72  ? 9   GLY A CA  1 
ATOM   46  C  C   . GLY A 1 9  ? -5.684  -0.312  -4.150  1.00 42.84  ? 9   GLY A C   1 
ATOM   47  O  O   . GLY A 1 9  ? -5.349  0.294   -5.173  1.00 42.72  ? 9   GLY A O   1 
ATOM   48  N  N   . GLN A 1 10 ? -5.754  0.265   -2.951  1.00 42.08  ? 10  GLN A N   1 
ATOM   49  C  CA  . GLN A 1 10 ? -5.413  1.671   -2.759  1.00 41.79  ? 10  GLN A CA  1 
ATOM   50  C  C   . GLN A 1 10 ? -3.911  1.845   -2.576  1.00 39.70  ? 10  GLN A C   1 
ATOM   51  O  O   . GLN A 1 10 ? -3.270  1.061   -1.875  1.00 37.82  ? 10  GLN A O   1 
ATOM   52  C  CB  . GLN A 1 10 ? -6.157  2.259   -1.554  1.00 43.93  ? 10  GLN A CB  1 
ATOM   53  C  CG  . GLN A 1 10 ? -5.724  3.681   -1.212  1.00 45.92  ? 10  GLN A CG  1 
ATOM   54  C  CD  . GLN A 1 10 ? -6.449  4.260   -0.010  1.00 48.15  ? 10  GLN A CD  1 
ATOM   55  O  OE1 . GLN A 1 10 ? -7.255  3.584   0.629   1.00 48.46  ? 10  GLN A OE1 1 
ATOM   56  N  NE2 . GLN A 1 10 ? -6.162  5.521   0.304   1.00 49.59  ? 10  GLN A NE2 1 
ATOM   57  N  N   . GLN A 1 11 ? -3.354  2.867   -3.219  1.00 40.88  ? 11  GLN A N   1 
ATOM   58  C  CA  . GLN A 1 11 ? -1.953  3.209   -3.020  1.00 41.96  ? 11  GLN A CA  1 
ATOM   59  C  C   . GLN A 1 11 ? -1.779  3.950   -1.700  1.00 43.89  ? 11  GLN A C   1 
ATOM   60  O  O   . GLN A 1 11 ? -2.490  4.920   -1.416  1.00 46.40  ? 11  GLN A O   1 
ATOM   61  C  CB  . GLN A 1 11 ? -1.427  4.055   -4.180  1.00 43.01  ? 11  GLN A CB  1 
ATOM   62  C  CG  . GLN A 1 11 ? -1.421  3.334   -5.516  1.00 43.46  ? 11  GLN A CG  1 
ATOM   63  C  CD  . GLN A 1 11 ? -0.790  4.157   -6.615  1.00 45.23  ? 11  GLN A CD  1 
ATOM   64  O  OE1 . GLN A 1 11 ? -0.919  5.380   -6.641  1.00 47.40  ? 11  GLN A OE1 1 
ATOM   65  N  NE2 . GLN A 1 11 ? -0.090  3.492   -7.528  1.00 44.58  ? 11  GLN A NE2 1 
ATOM   66  N  N   . VAL A 1 12 ? -0.840  3.483   -0.885  1.00 42.81  ? 12  VAL A N   1 
ATOM   67  C  CA  . VAL A 1 12 ? -0.604  4.091   0.420   1.00 43.45  ? 12  VAL A CA  1 
ATOM   68  C  C   . VAL A 1 12 ? 0.872   4.384   0.628   1.00 44.62  ? 12  VAL A C   1 
ATOM   69  O  O   . VAL A 1 12 ? 1.725   3.901   -0.120  1.00 44.61  ? 12  VAL A O   1 
ATOM   70  C  CB  . VAL A 1 12 ? -1.093  3.185   1.564   1.00 42.09  ? 12  VAL A CB  1 
ATOM   71  C  CG1 . VAL A 1 12 ? -2.609  3.074   1.559   1.00 42.29  ? 12  VAL A CG1 1 
ATOM   72  C  CG2 . VAL A 1 12 ? -0.440  1.811   1.464   1.00 39.39  ? 12  VAL A CG2 1 
ATOM   73  N  N   . ARG A 1 13 ? 1.173   5.178   1.648   1.00 45.88  ? 13  ARG A N   1 
ATOM   74  C  CA  . ARG A 1 13 ? 2.559   5.415   2.021   1.00 46.61  ? 13  ARG A CA  1 
ATOM   75  C  C   . ARG A 1 13 ? 2.795   5.070   3.483   1.00 46.76  ? 13  ARG A C   1 
ATOM   76  O  O   . ARG A 1 13 ? 1.890   5.159   4.309   1.00 47.52  ? 13  ARG A O   1 
ATOM   77  C  CB  . ARG A 1 13 ? 2.957   6.864   1.739   1.00 48.96  ? 13  ARG A CB  1 
ATOM   78  C  CG  . ARG A 1 13 ? 3.172   7.138   0.266   1.00 50.17  ? 13  ARG A CG  1 
ATOM   79  C  CD  . ARG A 1 13 ? 4.065   8.340   0.036   1.00 52.91  ? 13  ARG A CD  1 
ATOM   80  N  NE  . ARG A 1 13 ? 4.235   8.596   -1.392  1.00 54.11  ? 13  ARG A NE  1 
ATOM   81  C  CZ  . ARG A 1 13 ? 5.239   8.128   -2.124  1.00 53.87  ? 13  ARG A CZ  1 
ATOM   82  N  NH1 . ARG A 1 13 ? 6.180   7.382   -1.565  1.00 53.15  ? 13  ARG A NH1 1 
ATOM   83  N  NH2 . ARG A 1 13 ? 5.305   8.412   -3.416  1.00 54.80  ? 13  ARG A NH2 1 
ATOM   84  N  N   . HIS A 1 14 ? 4.015   4.648   3.792   1.00 46.62  ? 14  HIS A N   1 
ATOM   85  C  CA  . HIS A 1 14 ? 4.401   4.413   5.169   1.00 48.14  ? 14  HIS A CA  1 
ATOM   86  C  C   . HIS A 1 14 ? 4.498   5.772   5.845   1.00 49.33  ? 14  HIS A C   1 
ATOM   87  O  O   . HIS A 1 14 ? 5.260   6.626   5.407   1.00 48.13  ? 14  HIS A O   1 
ATOM   88  C  CB  . HIS A 1 14 ? 5.729   3.654   5.246   1.00 49.03  ? 14  HIS A CB  1 
ATOM   89  C  CG  . HIS A 1 14 ? 6.021   3.080   6.596   1.00 51.49  ? 14  HIS A CG  1 
ATOM   90  N  ND1 . HIS A 1 14 ? 6.179   3.861   7.721   1.00 54.56  ? 14  HIS A ND1 1 
ATOM   91  C  CD2 . HIS A 1 14 ? 6.193   1.799   7.004   1.00 51.77  ? 14  HIS A CD2 1 
ATOM   92  C  CE1 . HIS A 1 14 ? 6.426   3.086   8.763   1.00 55.31  ? 14  HIS A CE1 1 
ATOM   93  N  NE2 . HIS A 1 14 ? 6.444   1.831   8.352   1.00 53.46  ? 14  HIS A NE2 1 
ATOM   94  N  N   . SER A 1 15 ? 3.708   5.972   6.898   1.00 52.15  ? 15  SER A N   1 
ATOM   95  C  CA  . SER A 1 15 ? 3.613   7.269   7.576   1.00 55.33  ? 15  SER A CA  1 
ATOM   96  C  C   . SER A 1 15 ? 4.960   7.758   8.086   1.00 58.19  ? 15  SER A C   1 
ATOM   97  O  O   . SER A 1 15 ? 5.181   8.960   8.226   1.00 59.82  ? 15  SER A O   1 
ATOM   98  C  CB  . SER A 1 15 ? 2.628   7.194   8.747   1.00 56.23  ? 15  SER A CB  1 
ATOM   99  O  OG  . SER A 1 15 ? 1.321   6.895   8.297   1.00 56.36  ? 15  SER A OG  1 
ATOM   100 N  N   . LEU A 1 16 ? 5.858   6.818   8.362   1.00 59.06  ? 16  LEU A N   1 
ATOM   101 C  CA  . LEU A 1 16 ? 7.155   7.140   8.940   1.00 62.16  ? 16  LEU A CA  1 
ATOM   102 C  C   . LEU A 1 16 ? 8.265   7.131   7.892   1.00 64.06  ? 16  LEU A C   1 
ATOM   103 O  O   . LEU A 1 16 ? 8.970   8.126   7.720   1.00 66.36  ? 16  LEU A O   1 
ATOM   104 C  CB  . LEU A 1 16 ? 7.491   6.154   10.060  1.00 62.06  ? 16  LEU A CB  1 
ATOM   105 C  CG  . LEU A 1 16 ? 8.232   6.748   11.256  1.00 64.67  ? 16  LEU A CG  1 
ATOM   106 C  CD1 . LEU A 1 16 ? 7.354   7.776   11.958  1.00 65.88  ? 16  LEU A CD1 1 
ATOM   107 C  CD2 . LEU A 1 16 ? 8.665   5.649   12.214  1.00 65.00  ? 16  LEU A CD2 1 
ATOM   108 N  N   . LEU A 1 17 ? 8.410   6.006   7.197   1.00 62.96  ? 17  LEU A N   1 
ATOM   109 C  CA  . LEU A 1 17 ? 9.497   5.824   6.239   1.00 63.11  ? 17  LEU A CA  1 
ATOM   110 C  C   . LEU A 1 17 ? 9.201   6.447   4.872   1.00 62.94  ? 17  LEU A C   1 
ATOM   111 O  O   . LEU A 1 17 ? 10.119  6.802   4.130   1.00 64.23  ? 17  LEU A O   1 
ATOM   112 C  CB  . LEU A 1 17 ? 9.808   4.333   6.067   1.00 62.18  ? 17  LEU A CB  1 
ATOM   113 C  CG  . LEU A 1 17 ? 10.588  3.604   7.167   1.00 62.85  ? 17  LEU A CG  1 
ATOM   114 C  CD1 . LEU A 1 17 ? 11.665  4.501   7.757   1.00 64.89  ? 17  LEU A CD1 1 
ATOM   115 C  CD2 . LEU A 1 17 ? 9.673   3.074   8.254   1.00 63.12  ? 17  LEU A CD2 1 
ATOM   116 N  N   . GLY A 1 18 ? 7.922   6.564   4.536   1.00 61.54  ? 18  GLY A N   1 
ATOM   117 C  CA  . GLY A 1 18 ? 7.522   7.221   3.304   1.00 60.23  ? 18  GLY A CA  1 
ATOM   118 C  C   . GLY A 1 18 ? 7.615   6.385   2.041   1.00 57.58  ? 18  GLY A C   1 
ATOM   119 O  O   . GLY A 1 18 ? 7.649   6.929   0.939   1.00 58.36  ? 18  GLY A O   1 
ATOM   120 N  N   . TYR A 1 19 ? 7.653   5.065   2.186   1.00 54.36  ? 19  TYR A N   1 
ATOM   121 C  CA  . TYR A 1 19 ? 7.676   4.189   1.018   1.00 50.88  ? 19  TYR A CA  1 
ATOM   122 C  C   . TYR A 1 19 ? 6.313   4.115   0.353   1.00 50.37  ? 19  TYR A C   1 
ATOM   123 O  O   . TYR A 1 19 ? 5.286   4.296   0.998   1.00 50.76  ? 19  TYR A O   1 
ATOM   124 C  CB  . TYR A 1 19 ? 8.135   2.781   1.395   1.00 47.10  ? 19  TYR A CB  1 
ATOM   125 C  CG  . TYR A 1 19 ? 9.567   2.725   1.840   1.00 46.42  ? 19  TYR A CG  1 
ATOM   126 C  CD1 . TYR A 1 19 ? 10.583  3.171   1.010   1.00 46.55  ? 19  TYR A CD1 1 
ATOM   127 C  CD2 . TYR A 1 19 ? 9.909   2.226   3.090   1.00 46.24  ? 19  TYR A CD2 1 
ATOM   128 C  CE1 . TYR A 1 19 ? 11.902  3.128   1.414   1.00 47.52  ? 19  TYR A CE1 1 
ATOM   129 C  CE2 . TYR A 1 19 ? 11.222  2.177   3.501   1.00 46.81  ? 19  TYR A CE2 1 
ATOM   130 C  CZ  . TYR A 1 19 ? 12.214  2.629   2.659   1.00 47.22  ? 19  TYR A CZ  1 
ATOM   131 O  OH  . TYR A 1 19 ? 13.524  2.582   3.064   1.00 49.07  ? 19  TYR A OH  1 
ATOM   132 N  N   . LEU A 1 20 ? 6.314   3.842   -0.946  1.00 47.09  ? 20  LEU A N   1 
ATOM   133 C  CA  . LEU A 1 20 ? 5.080   3.688   -1.698  1.00 44.53  ? 20  LEU A CA  1 
ATOM   134 C  C   . LEU A 1 20 ? 4.682   2.219   -1.767  1.00 41.87  ? 20  LEU A C   1 
ATOM   135 O  O   . LEU A 1 20 ? 5.521   1.349   -1.998  1.00 41.81  ? 20  LEU A O   1 
ATOM   136 C  CB  . LEU A 1 20 ? 5.240   4.264   -3.102  1.00 44.97  ? 20  LEU A CB  1 
ATOM   137 C  CG  . LEU A 1 20 ? 4.044   4.152   -4.044  1.00 44.64  ? 20  LEU A CG  1 
ATOM   138 C  CD1 . LEU A 1 20 ? 2.864   4.949   -3.514  1.00 45.72  ? 20  LEU A CD1 1 
ATOM   139 C  CD2 . LEU A 1 20 ? 4.435   4.620   -5.434  1.00 44.48  ? 20  LEU A CD2 1 
ATOM   140 N  N   . GLY A 1 21 ? 3.398   1.946   -1.565  1.00 39.60  ? 21  GLY A N   1 
ATOM   141 C  CA  . GLY A 1 21 ? 2.910   0.581   -1.565  1.00 37.92  ? 21  GLY A CA  1 
ATOM   142 C  C   . GLY A 1 21 ? 1.452   0.469   -1.955  1.00 37.59  ? 21  GLY A C   1 
ATOM   143 O  O   . GLY A 1 21 ? 0.781   1.471   -2.179  1.00 36.61  ? 21  GLY A O   1 
ATOM   144 N  N   . VAL A 1 22 ? 0.961   -0.761  -2.039  1.00 40.28  ? 22  VAL A N   1 
ATOM   145 C  CA  . VAL A 1 22 ? -0.426  -1.014  -2.412  1.00 43.51  ? 22  VAL A CA  1 
ATOM   146 C  C   . VAL A 1 22 ? -1.058  -2.019  -1.458  1.00 45.67  ? 22  VAL A C   1 
ATOM   147 O  O   . VAL A 1 22 ? -0.483  -3.072  -1.198  1.00 47.72  ? 22  VAL A O   1 
ATOM   148 C  CB  . VAL A 1 22 ? -0.540  -1.548  -3.860  1.00 43.82  ? 22  VAL A CB  1 
ATOM   149 C  CG1 . VAL A 1 22 ? -1.989  -1.836  -4.210  1.00 44.61  ? 22  VAL A CG1 1 
ATOM   150 C  CG2 . VAL A 1 22 ? 0.066   -0.559  -4.848  1.00 43.46  ? 22  VAL A CG2 1 
ATOM   151 N  N   . VAL A 1 23 ? -2.240  -1.696  -0.939  1.00 44.64  ? 23  VAL A N   1 
ATOM   152 C  CA  . VAL A 1 23 ? -2.952  -2.603  -0.043  1.00 43.77  ? 23  VAL A CA  1 
ATOM   153 C  C   . VAL A 1 23 ? -3.491  -3.806  -0.808  1.00 44.12  ? 23  VAL A C   1 
ATOM   154 O  O   . VAL A 1 23 ? -4.264  -3.653  -1.757  1.00 42.90  ? 23  VAL A O   1 
ATOM   155 C  CB  . VAL A 1 23 ? -4.119  -1.897  0.672   1.00 43.17  ? 23  VAL A CB  1 
ATOM   156 C  CG1 . VAL A 1 23 ? -4.873  -2.884  1.545   1.00 44.92  ? 23  VAL A CG1 1 
ATOM   157 C  CG2 . VAL A 1 23 ? -3.606  -0.729  1.497   1.00 42.03  ? 23  VAL A CG2 1 
ATOM   158 N  N   . VAL A 1 24 ? -3.091  -5.002  -0.390  1.00 45.46  ? 24  VAL A N   1 
ATOM   159 C  CA  . VAL A 1 24 ? -3.486  -6.216  -1.091  1.00 47.16  ? 24  VAL A CA  1 
ATOM   160 C  C   . VAL A 1 24 ? -4.430  -7.067  -0.250  1.00 49.11  ? 24  VAL A C   1 
ATOM   161 O  O   . VAL A 1 24 ? -5.116  -7.942  -0.773  1.00 51.93  ? 24  VAL A O   1 
ATOM   162 C  CB  . VAL A 1 24 ? -2.258  -7.054  -1.489  1.00 47.21  ? 24  VAL A CB  1 
ATOM   163 C  CG1 . VAL A 1 24 ? -1.223  -6.169  -2.151  1.00 45.30  ? 24  VAL A CG1 1 
ATOM   164 C  CG2 . VAL A 1 24 ? -1.657  -7.735  -0.276  1.00 47.44  ? 24  VAL A CG2 1 
ATOM   165 N  N   . ASP A 1 25 ? -4.463  -6.808  1.053   1.00 48.78  ? 25  ASP A N   1 
ATOM   166 C  CA  . ASP A 1 25 ? -5.380  -7.508  1.944   1.00 50.97  ? 25  ASP A CA  1 
ATOM   167 C  C   . ASP A 1 25 ? -5.481  -6.810  3.293   1.00 48.64  ? 25  ASP A C   1 
ATOM   168 O  O   . ASP A 1 25 ? -4.627  -5.999  3.650   1.00 45.49  ? 25  ASP A O   1 
ATOM   169 C  CB  . ASP A 1 25 ? -4.943  -8.959  2.140   1.00 55.03  ? 25  ASP A CB  1 
ATOM   170 C  CG  . ASP A 1 25 ? -6.043  -9.821  2.727   1.00 61.76  ? 25  ASP A CG  1 
ATOM   171 O  OD1 . ASP A 1 25 ? -7.230  -9.489  2.521   1.00 64.15  ? 25  ASP A OD1 1 
ATOM   172 O  OD2 . ASP A 1 25 ? -5.726  -10.827 3.396   1.00 65.18  ? 25  ASP A OD2 1 
ATOM   173 N  N   . ILE A 1 26 ? -6.535  -7.130  4.036   1.00 51.37  ? 26  ILE A N   1 
ATOM   174 C  CA  . ILE A 1 26 ? -6.783  -6.524  5.339   1.00 52.73  ? 26  ILE A CA  1 
ATOM   175 C  C   . ILE A 1 26 ? -7.152  -7.596  6.366   1.00 56.75  ? 26  ILE A C   1 
ATOM   176 O  O   . ILE A 1 26 ? -7.910  -8.518  6.064   1.00 59.76  ? 26  ILE A O   1 
ATOM   177 C  CB  . ILE A 1 26 ? -7.911  -5.469  5.255   1.00 53.34  ? 26  ILE A CB  1 
ATOM   178 C  CG1 . ILE A 1 26 ? -7.601  -4.443  4.161   1.00 50.18  ? 26  ILE A CG1 1 
ATOM   179 C  CG2 . ILE A 1 26 ? -8.106  -4.775  6.594   1.00 55.21  ? 26  ILE A CG2 1 
ATOM   180 C  CD1 . ILE A 1 26 ? -8.705  -3.437  3.923   1.00 51.18  ? 26  ILE A CD1 1 
ATOM   181 N  N   . ASP A 1 27 ? -6.604  -7.482  7.573   1.00 57.61  ? 27  ASP A N   1 
ATOM   182 C  CA  . ASP A 1 27 ? -6.895  -8.435  8.642   1.00 62.04  ? 27  ASP A CA  1 
ATOM   183 C  C   . ASP A 1 27 ? -7.638  -7.772  9.798   1.00 64.86  ? 27  ASP A C   1 
ATOM   184 O  O   . ASP A 1 27 ? -7.083  -6.911  10.479  1.00 63.77  ? 27  ASP A O   1 
ATOM   185 C  CB  . ASP A 1 27 ? -5.606  -9.078  9.157   1.00 62.33  ? 27  ASP A CB  1 
ATOM   186 C  CG  . ASP A 1 27 ? -5.008  -10.058 8.171   1.00 62.82  ? 27  ASP A CG  1 
ATOM   187 O  OD1 . ASP A 1 27 ? -5.767  -10.619 7.354   1.00 64.54  ? 27  ASP A OD1 1 
ATOM   188 O  OD2 . ASP A 1 27 ? -3.778  -10.270 8.218   1.00 62.06  ? 27  ASP A OD2 1 
ATOM   189 N  N   . PRO A 1 28 ? -8.895  -8.182  10.024  1.00 69.53  ? 28  PRO A N   1 
ATOM   190 C  CA  . PRO A 1 28 ? -9.770  -7.635  11.072  1.00 72.87  ? 28  PRO A CA  1 
ATOM   191 C  C   . PRO A 1 28 ? -9.373  -8.067  12.485  1.00 76.17  ? 28  PRO A C   1 
ATOM   192 O  O   . PRO A 1 28 ? -8.464  -8.885  12.645  1.00 75.15  ? 28  PRO A O   1 
ATOM   193 C  CB  . PRO A 1 28 ? -11.152 -8.205  10.714  1.00 76.52  ? 28  PRO A CB  1 
ATOM   194 C  CG  . PRO A 1 28 ? -11.021 -8.743  9.314   1.00 74.62  ? 28  PRO A CG  1 
ATOM   195 C  CD  . PRO A 1 28 ? -9.598  -9.167  9.188   1.00 71.22  ? 28  PRO A CD  1 
ATOM   196 N  N   . VAL A 1 29 ? -10.066 -7.516  13.482  1.00 80.26  ? 29  VAL A N   1 
ATOM   197 C  CA  . VAL A 1 29 ? -9.881  -7.867  14.896  1.00 83.53  ? 29  VAL A CA  1 
ATOM   198 C  C   . VAL A 1 29 ? -8.424  -7.785  15.346  1.00 82.52  ? 29  VAL A C   1 
ATOM   199 O  O   . VAL A 1 29 ? -7.829  -6.707  15.370  1.00 81.34  ? 29  VAL A O   1 
ATOM   200 C  CB  . VAL A 1 29 ? -10.412 -9.286  15.199  1.00 86.49  ? 29  VAL A CB  1 
ATOM   201 C  CG1 . VAL A 1 29 ? -10.202 -9.630  16.668  1.00 89.72  ? 29  VAL A CG1 1 
ATOM   202 C  CG2 . VAL A 1 29 ? -11.883 -9.395  14.828  1.00 80.12  ? 29  VAL A CG2 1 
ATOM   203 N  N   . ALA A 1 48 ? -6.932  -1.806  18.445  1.00 94.37  ? 48  ALA A N   1 
ATOM   204 C  CA  . ALA A 1 48 ? -8.322  -1.747  17.979  1.00 94.34  ? 48  ALA A CA  1 
ATOM   205 C  C   . ALA A 1 48 ? -8.518  -1.663  16.457  1.00 88.59  ? 48  ALA A C   1 
ATOM   206 O  O   . ALA A 1 48 ? -9.588  -1.972  15.958  1.00 89.16  ? 48  ALA A O   1 
ATOM   207 C  CB  . ALA A 1 48 ? -9.075  -0.628  18.685  1.00 99.05  ? 48  ALA A CB  1 
ATOM   208 N  N   . ALA A 1 49 ? -7.508  -1.220  15.719  1.00 83.37  ? 49  ALA A N   1 
ATOM   209 C  CA  . ALA A 1 49 ? -7.635  -1.172  14.263  1.00 77.72  ? 49  ALA A CA  1 
ATOM   210 C  C   . ALA A 1 49 ? -7.102  -2.438  13.635  1.00 74.12  ? 49  ALA A C   1 
ATOM   211 O  O   . ALA A 1 49 ? -6.428  -3.216  14.282  1.00 75.16  ? 49  ALA A O   1 
ATOM   212 C  CB  . ALA A 1 49 ? -6.925  0.023   13.686  1.00 74.84  ? 49  ALA A CB  1 
ATOM   213 N  N   . PRO A 1 50 ? -7.375  -2.622  12.355  1.00 69.84  ? 50  PRO A N   1 
ATOM   214 C  CA  . PRO A 1 50 ? -6.953  -3.826  11.651  1.00 66.47  ? 50  PRO A CA  1 
ATOM   215 C  C   . PRO A 1 50 ? -5.557  -3.783  11.074  1.00 62.45  ? 50  PRO A C   1 
ATOM   216 O  O   . PRO A 1 50 ? -4.998  -2.711  10.984  1.00 60.23  ? 50  PRO A O   1 
ATOM   217 C  CB  . PRO A 1 50 ? -7.950  -3.910  10.518  1.00 65.47  ? 50  PRO A CB  1 
ATOM   218 C  CG  . PRO A 1 50 ? -8.331  -2.524  10.260  1.00 65.32  ? 50  PRO A CG  1 
ATOM   219 C  CD  . PRO A 1 50 ? -8.295  -1.812  11.561  1.00 68.67  ? 50  PRO A CD  1 
ATOM   220 N  N   . TRP A 1 51 ? -4.969  -4.940  10.771  1.00 57.52  ? 51  TRP A N   1 
ATOM   221 C  CA  . TRP A 1 51 ? -3.675  -4.870  10.103  1.00 54.31  ? 51  TRP A CA  1 
ATOM   222 C  C   . TRP A 1 51 ? -3.835  -4.938  8.588   1.00 49.45  ? 51  TRP A C   1 
ATOM   223 O  O   . TRP A 1 51 ? -4.804  -5.504  8.081   1.00 49.35  ? 51  TRP A O   1 
ATOM   224 C  CB  . TRP A 1 51 ? -2.759  -5.996  10.587  1.00 57.14  ? 51  TRP A CB  1 
ATOM   225 C  CG  . TRP A 1 51 ? -2.343  -5.857  12.019  1.00 63.18  ? 51  TRP A CG  1 
ATOM   226 C  CD1 . TRP A 1 51 ? -3.103  -6.119  13.122  1.00 68.80  ? 51  TRP A CD1 1 
ATOM   227 C  CD2 . TRP A 1 51 ? -1.067  -5.423  12.504  1.00 64.80  ? 51  TRP A CD2 1 
ATOM   228 N  NE1 . TRP A 1 51 ? -2.379  -5.874  14.264  1.00 72.99  ? 51  TRP A NE1 1 
ATOM   229 C  CE2 . TRP A 1 51 ? -1.126  -5.445  13.912  1.00 70.53  ? 51  TRP A CE2 1 
ATOM   230 C  CE3 . TRP A 1 51 ? 0.118   -5.017  11.885  1.00 63.15  ? 51  TRP A CE3 1 
ATOM   231 C  CZ2 . TRP A 1 51 ? -0.045  -5.078  14.710  1.00 72.63  ? 51  TRP A CZ2 1 
ATOM   232 C  CZ3 . TRP A 1 51 ? 1.190   -4.652  12.680  1.00 65.63  ? 51  TRP A CZ3 1 
ATOM   233 C  CH2 . TRP A 1 51 ? 1.102   -4.685  14.077  1.00 70.47  ? 51  TRP A CH2 1 
ATOM   234 N  N   . TYR A 1 52 ? -2.879  -4.358  7.870   1.00 46.84  ? 52  TYR A N   1 
ATOM   235 C  CA  . TYR A 1 52 ? -2.913  -4.352  6.412   1.00 44.74  ? 52  TYR A CA  1 
ATOM   236 C  C   . TYR A 1 52 ? -1.791  -5.155  5.769   1.00 43.35  ? 52  TYR A C   1 
ATOM   237 O  O   . TYR A 1 52 ? -0.625  -5.035  6.149   1.00 43.65  ? 52  TYR A O   1 
ATOM   238 C  CB  . TYR A 1 52 ? -2.854  -2.915  5.894   1.00 45.00  ? 52  TYR A CB  1 
ATOM   239 C  CG  . TYR A 1 52 ? -4.088  -2.097  6.195   1.00 48.78  ? 52  TYR A CG  1 
ATOM   240 C  CD1 . TYR A 1 52 ? -5.042  -1.859  5.214   1.00 49.33  ? 52  TYR A CD1 1 
ATOM   241 C  CD2 . TYR A 1 52 ? -4.300  -1.563  7.459   1.00 50.43  ? 52  TYR A CD2 1 
ATOM   242 C  CE1 . TYR A 1 52 ? -6.169  -1.117  5.484   1.00 51.64  ? 52  TYR A CE1 1 
ATOM   243 C  CE2 . TYR A 1 52 ? -5.426  -0.820  7.738   1.00 53.97  ? 52  TYR A CE2 1 
ATOM   244 C  CZ  . TYR A 1 52 ? -6.356  -0.597  6.745   1.00 54.11  ? 52  TYR A CZ  1 
ATOM   245 O  OH  . TYR A 1 52 ? -7.483  0.148   7.021   1.00 56.86  ? 52  TYR A OH  1 
ATOM   246 N  N   . HIS A 1 53 ? -2.159  -5.970  4.786   1.00 42.23  ? 53  HIS A N   1 
ATOM   247 C  CA  . HIS A 1 53 ? -1.185  -6.579  3.896   1.00 40.77  ? 53  HIS A CA  1 
ATOM   248 C  C   . HIS A 1 53 ? -0.957  -5.638  2.727   1.00 42.48  ? 53  HIS A C   1 
ATOM   249 O  O   . HIS A 1 53 ? -1.869  -5.384  1.939   1.00 43.42  ? 53  HIS A O   1 
ATOM   250 C  CB  . HIS A 1 53 ? -1.663  -7.941  3.398   1.00 40.72  ? 53  HIS A CB  1 
ATOM   251 C  CG  . HIS A 1 53 ? -1.797  -8.965  4.480   1.00 43.88  ? 53  HIS A CG  1 
ATOM   252 N  ND1 . HIS A 1 53 ? -0.776  -9.824  4.822   1.00 43.74  ? 53  HIS A ND1 1 
ATOM   253 C  CD2 . HIS A 1 53 ? -2.834  -9.268  5.296   1.00 47.17  ? 53  HIS A CD2 1 
ATOM   254 C  CE1 . HIS A 1 53 ? -1.178  -10.612 5.802   1.00 46.44  ? 53  HIS A CE1 1 
ATOM   255 N  NE2 . HIS A 1 53 ? -2.423  -10.297 6.108   1.00 49.01  ? 53  HIS A NE2 1 
ATOM   256 N  N   . VAL A 1 54 ? 0.254   -5.107  2.624   1.00 43.63  ? 54  VAL A N   1 
ATOM   257 C  CA  . VAL A 1 54 ? 0.566   -4.173  1.558   1.00 45.56  ? 54  VAL A CA  1 
ATOM   258 C  C   . VAL A 1 54 ? 1.891   -4.515  0.883   1.00 45.99  ? 54  VAL A C   1 
ATOM   259 O  O   . VAL A 1 54 ? 2.905   -4.743  1.548   1.00 47.59  ? 54  VAL A O   1 
ATOM   260 C  CB  . VAL A 1 54 ? 0.593   -2.713  2.088   1.00 52.01  ? 54  VAL A CB  1 
ATOM   261 C  CG1 . VAL A 1 54 ? 1.688   -2.532  3.121   1.00 53.18  ? 54  VAL A CG1 1 
ATOM   262 C  CG2 . VAL A 1 54 ? 0.737   -1.712  0.947   1.00 52.61  ? 54  VAL A CG2 1 
ATOM   263 N  N   . VAL A 1 55 ? 1.862   -4.583  -0.445  1.00 45.08  ? 55  VAL A N   1 
ATOM   264 C  CA  . VAL A 1 55 ? 3.078   -4.735  -1.233  1.00 44.98  ? 55  VAL A CA  1 
ATOM   265 C  C   . VAL A 1 55 ? 3.710   -3.364  -1.408  1.00 46.20  ? 55  VAL A C   1 
ATOM   266 O  O   . VAL A 1 55 ? 3.066   -2.441  -1.905  1.00 47.25  ? 55  VAL A O   1 
ATOM   267 C  CB  . VAL A 1 55 ? 2.805   -5.365  -2.612  1.00 44.67  ? 55  VAL A CB  1 
ATOM   268 C  CG1 . VAL A 1 55 ? 4.043   -5.261  -3.488  1.00 44.89  ? 55  VAL A CG1 1 
ATOM   269 C  CG2 . VAL A 1 55 ? 2.355   -6.811  -2.459  1.00 43.30  ? 55  VAL A CG2 1 
HETATM 270 N  N   . MSE A 1 56 ? 4.970   -3.239  -1.012  1.00 46.75  ? 56  MSE A N   1 
HETATM 271 C  CA  . MSE A 1 56 ? 5.595   -1.935  -0.878  1.00 49.74  ? 56  MSE A CA  1 
HETATM 272 C  C   . MSE A 1 56 ? 7.049   -1.973  -1.337  1.00 50.97  ? 56  MSE A C   1 
HETATM 273 O  O   . MSE A 1 56 ? 7.800   -2.872  -0.962  1.00 49.70  ? 56  MSE A O   1 
HETATM 274 C  CB  . MSE A 1 56 ? 5.486   -1.479  0.577   1.00 50.37  ? 56  MSE A CB  1 
HETATM 275 C  CG  . MSE A 1 56 ? 6.081   -0.124  0.895   1.00 53.12  ? 56  MSE A CG  1 
HETATM 276 SE SE  . MSE A 1 56 ? 5.626   0.416   2.724   1.00 64.89  ? 56  MSE A SE  1 
HETATM 277 C  CE  . MSE A 1 56 ? 3.706   0.732   2.477   1.00 72.39  ? 56  MSE A CE  1 
ATOM   278 N  N   . GLU A 1 57 ? 7.439   -1.005  -2.160  1.00 53.61  ? 57  GLU A N   1 
ATOM   279 C  CA  . GLU A 1 57 ? 8.804   -0.957  -2.668  1.00 56.20  ? 57  GLU A CA  1 
ATOM   280 C  C   . GLU A 1 57 ? 9.743   -0.323  -1.653  1.00 59.74  ? 57  GLU A C   1 
ATOM   281 O  O   . GLU A 1 57 ? 9.503   0.786   -1.180  1.00 63.13  ? 57  GLU A O   1 
ATOM   282 C  CB  . GLU A 1 57 ? 8.863   -0.197  -3.995  1.00 59.30  ? 57  GLU A CB  1 
ATOM   283 C  CG  . GLU A 1 57 ? 8.230   -0.944  -5.158  1.00 59.23  ? 57  GLU A CG  1 
ATOM   284 C  CD  . GLU A 1 57 ? 8.461   -0.253  -6.484  1.00 64.81  ? 57  GLU A CD  1 
ATOM   285 O  OE1 . GLU A 1 57 ? 9.145   0.790   -6.498  1.00 69.19  ? 57  GLU A OE1 1 
ATOM   286 O  OE2 . GLU A 1 57 ? 7.960   -0.753  -7.514  1.00 65.06  ? 57  GLU A OE2 1 
ATOM   287 N  N   . ASP A 1 58 ? 10.820  -1.030  -1.326  1.00 56.92  ? 58  ASP A N   1 
ATOM   288 C  CA  . ASP A 1 58 ? 11.748  -0.569  -0.303  1.00 61.34  ? 58  ASP A CA  1 
ATOM   289 C  C   . ASP A 1 58 ? 12.806  0.366   -0.871  1.00 66.42  ? 58  ASP A C   1 
ATOM   290 O  O   . ASP A 1 58 ? 12.566  1.084   -1.842  1.00 66.03  ? 58  ASP A O   1 
ATOM   291 C  CB  . ASP A 1 58 ? 12.418  -1.762  0.393   1.00 61.90  ? 58  ASP A CB  1 
ATOM   292 C  CG  . ASP A 1 58 ? 13.076  -2.731  -0.588  1.00 62.13  ? 58  ASP A CG  1 
ATOM   293 O  OD1 . ASP A 1 58 ? 13.625  -2.288  -1.620  1.00 63.51  ? 58  ASP A OD1 1 
ATOM   294 O  OD2 . ASP A 1 58 ? 13.052  -3.951  -0.317  1.00 61.46  ? 58  ASP A OD2 1 
ATOM   295 N  N   . ASP A 1 59 ? 13.979  0.344   -0.248  1.00 72.35  ? 59  ASP A N   1 
ATOM   296 C  CA  . ASP A 1 59 ? 15.126  1.106   -0.718  1.00 78.46  ? 59  ASP A CA  1 
ATOM   297 C  C   . ASP A 1 59 ? 15.462  0.761   -2.158  1.00 78.24  ? 59  ASP A C   1 
ATOM   298 O  O   . ASP A 1 59 ? 15.383  1.608   -3.048  1.00 79.13  ? 59  ASP A O   1 
ATOM   299 C  CB  . ASP A 1 59 ? 16.346  0.839   0.167   1.00 84.29  ? 59  ASP A CB  1 
ATOM   300 C  CG  . ASP A 1 59 ? 16.514  1.875   1.248   1.00 89.13  ? 59  ASP A CG  1 
ATOM   301 O  OD1 . ASP A 1 59 ? 15.513  2.537   1.593   1.00 89.01  ? 59  ASP A OD1 1 
ATOM   302 O  OD2 . ASP A 1 59 ? 17.648  2.030   1.749   1.00 93.72  ? 59  ASP A OD2 1 
ATOM   303 N  N   . ASN A 1 60 ? 15.832  -0.495  -2.370  1.00 77.33  ? 60  ASN A N   1 
ATOM   304 C  CA  . ASN A 1 60 ? 16.281  -0.960  -3.672  1.00 77.41  ? 60  ASN A CA  1 
ATOM   305 C  C   . ASN A 1 60 ? 15.193  -0.884  -4.738  1.00 70.77  ? 60  ASN A C   1 
ATOM   306 O  O   . ASN A 1 60 ? 15.479  -0.670  -5.915  1.00 71.70  ? 60  ASN A O   1 
ATOM   307 C  CB  . ASN A 1 60 ? 16.801  -2.390  -3.551  1.00 80.85  ? 60  ASN A CB  1 
ATOM   308 C  CG  . ASN A 1 60 ? 17.837  -2.534  -2.455  1.00 87.50  ? 60  ASN A CG  1 
ATOM   309 O  OD1 . ASN A 1 60 ? 18.643  -1.630  -2.227  1.00 92.15  ? 60  ASN A OD1 1 
ATOM   310 N  ND2 . ASN A 1 60 ? 17.816  -3.666  -1.762  1.00 88.11  ? 60  ASN A ND2 1 
ATOM   311 N  N   . GLY A 1 61 ? 13.944  -1.052  -4.318  1.00 63.99  ? 61  GLY A N   1 
ATOM   312 C  CA  . GLY A 1 61 ? 12.827  -1.013  -5.238  1.00 58.63  ? 61  GLY A CA  1 
ATOM   313 C  C   . GLY A 1 61 ? 12.149  -2.362  -5.368  1.00 54.82  ? 61  GLY A C   1 
ATOM   314 O  O   . GLY A 1 61 ? 11.430  -2.614  -6.338  1.00 53.17  ? 61  GLY A O   1 
ATOM   315 N  N   . LEU A 1 62 ? 12.381  -3.235  -4.393  1.00 53.99  ? 62  LEU A N   1 
ATOM   316 C  CA  . LEU A 1 62 ? 11.721  -4.533  -4.365  1.00 52.92  ? 62  LEU A CA  1 
ATOM   317 C  C   . LEU A 1 62 ? 10.289  -4.407  -3.873  1.00 51.20  ? 62  LEU A C   1 
ATOM   318 O  O   . LEU A 1 62 ? 10.047  -3.868  -2.797  1.00 52.00  ? 62  LEU A O   1 
ATOM   319 C  CB  . LEU A 1 62 ? 12.487  -5.510  -3.472  1.00 55.63  ? 62  LEU A CB  1 
ATOM   320 C  CG  . LEU A 1 62 ? 13.675  -6.247  -4.083  1.00 59.81  ? 62  LEU A CG  1 
ATOM   321 C  CD1 . LEU A 1 62 ? 14.231  -7.260  -3.092  1.00 60.87  ? 62  LEU A CD1 1 
ATOM   322 C  CD2 . LEU A 1 62 ? 13.260  -6.923  -5.382  1.00 59.67  ? 62  LEU A CD2 1 
ATOM   323 N  N   . PRO A 1 63 ? 9.332   -4.907  -4.664  1.00 49.21  ? 63  PRO A N   1 
ATOM   324 C  CA  . PRO A 1 63 ? 7.937   -4.956  -4.221  1.00 46.76  ? 63  PRO A CA  1 
ATOM   325 C  C   . PRO A 1 63 ? 7.786   -5.980  -3.105  1.00 46.47  ? 63  PRO A C   1 
ATOM   326 O  O   . PRO A 1 63 ? 7.487   -7.147  -3.347  1.00 45.86  ? 63  PRO A O   1 
ATOM   327 C  CB  . PRO A 1 63 ? 7.180   -5.376  -5.478  1.00 45.88  ? 63  PRO A CB  1 
ATOM   328 C  CG  . PRO A 1 63 ? 8.182   -6.126  -6.272  1.00 46.91  ? 63  PRO A CG  1 
ATOM   329 C  CD  . PRO A 1 63 ? 9.504   -5.474  -6.011  1.00 48.72  ? 63  PRO A CD  1 
ATOM   330 N  N   . VAL A 1 64 ? 7.995   -5.520  -1.880  1.00 46.55  ? 64  VAL A N   1 
ATOM   331 C  CA  . VAL A 1 64 ? 8.083   -6.393  -0.724  1.00 47.00  ? 64  VAL A CA  1 
ATOM   332 C  C   . VAL A 1 64 ? 6.781   -6.457  0.076   1.00 45.42  ? 64  VAL A C   1 
ATOM   333 O  O   . VAL A 1 64 ? 6.176   -5.428  0.378   1.00 45.27  ? 64  VAL A O   1 
ATOM   334 C  CB  . VAL A 1 64 ? 9.214   -5.926  0.198   1.00 49.78  ? 64  VAL A CB  1 
ATOM   335 C  CG1 . VAL A 1 64 ? 9.087   -6.566  1.546   1.00 51.28  ? 64  VAL A CG1 1 
ATOM   336 C  CG2 . VAL A 1 64 ? 10.570  -6.213  -0.434  1.00 50.95  ? 64  VAL A CG2 1 
ATOM   337 N  N   . HIS A 1 65 ? 6.358   -7.671  0.416   1.00 45.21  ? 65  HIS A N   1 
ATOM   338 C  CA  . HIS A 1 65 ? 5.162   -7.876  1.223   1.00 45.92  ? 65  HIS A CA  1 
ATOM   339 C  C   . HIS A 1 65 ? 5.406   -7.480  2.682   1.00 46.55  ? 65  HIS A C   1 
ATOM   340 O  O   . HIS A 1 65 ? 6.209   -8.099  3.383   1.00 47.68  ? 65  HIS A O   1 
ATOM   341 C  CB  . HIS A 1 65 ? 4.712   -9.333  1.126   1.00 48.30  ? 65  HIS A CB  1 
ATOM   342 C  CG  . HIS A 1 65 ? 3.548   -9.672  2.003   1.00 51.64  ? 65  HIS A CG  1 
ATOM   343 N  ND1 . HIS A 1 65 ? 3.349   -10.934 2.518   1.00 54.87  ? 65  HIS A ND1 1 
ATOM   344 C  CD2 . HIS A 1 65 ? 2.518   -8.916  2.452   1.00 52.25  ? 65  HIS A CD2 1 
ATOM   345 C  CE1 . HIS A 1 65 ? 2.252   -10.940 3.253   1.00 55.03  ? 65  HIS A CE1 1 
ATOM   346 N  NE2 . HIS A 1 65 ? 1.728   -9.729  3.230   1.00 53.43  ? 65  HIS A NE2 1 
ATOM   347 N  N   . THR A 1 66 ? 4.710   -6.439  3.128   1.00 45.98  ? 66  THR A N   1 
ATOM   348 C  CA  . THR A 1 66 ? 4.827   -5.955  4.500   1.00 47.39  ? 66  THR A CA  1 
ATOM   349 C  C   . THR A 1 66 ? 3.507   -6.073  5.260   1.00 46.52  ? 66  THR A C   1 
ATOM   350 O  O   . THR A 1 66 ? 2.436   -6.126  4.664   1.00 45.36  ? 66  THR A O   1 
ATOM   351 C  CB  . THR A 1 66 ? 5.288   -4.481  4.553   1.00 48.29  ? 66  THR A CB  1 
ATOM   352 O  OG1 . THR A 1 66 ? 4.349   -3.659  3.852   1.00 46.31  ? 66  THR A OG1 1 
ATOM   353 C  CG2 . THR A 1 66 ? 6.661   -4.321  3.922   1.00 49.56  ? 66  THR A CG2 1 
ATOM   354 N  N   . TYR A 1 67 ? 3.600   -6.113  6.584   1.00 47.99  ? 67  TYR A N   1 
ATOM   355 C  CA  . TYR A 1 67 ? 2.431   -6.220  7.446   1.00 47.62  ? 67  TYR A CA  1 
ATOM   356 C  C   . TYR A 1 67 ? 2.421   -5.022  8.383   1.00 47.95  ? 67  TYR A C   1 
ATOM   357 O  O   . TYR A 1 67 ? 3.269   -4.913  9.266   1.00 48.62  ? 67  TYR A O   1 
ATOM   358 C  CB  . TYR A 1 67 ? 2.465   -7.535  8.222   1.00 49.76  ? 67  TYR A CB  1 
ATOM   359 C  CG  . TYR A 1 67 ? 1.158   -7.957  8.862   1.00 50.65  ? 67  TYR A CG  1 
ATOM   360 C  CD1 . TYR A 1 67 ? 0.025   -8.202  8.094   1.00 49.35  ? 67  TYR A CD1 1 
ATOM   361 C  CD2 . TYR A 1 67 ? 1.072   -8.154  10.233  1.00 53.10  ? 67  TYR A CD2 1 
ATOM   362 C  CE1 . TYR A 1 67 ? -1.164  -8.604  8.683   1.00 49.82  ? 67  TYR A CE1 1 
ATOM   363 C  CE2 . TYR A 1 67 ? -0.107  -8.558  10.827  1.00 53.76  ? 67  TYR A CE2 1 
ATOM   364 C  CZ  . TYR A 1 67 ? -1.222  -8.781  10.048  1.00 51.93  ? 67  TYR A CZ  1 
ATOM   365 O  OH  . TYR A 1 67 ? -2.393  -9.185  10.651  1.00 53.61  ? 67  TYR A OH  1 
ATOM   366 N  N   . LEU A 1 68 ? 1.462   -4.126  8.176   1.00 47.71  ? 68  LEU A N   1 
ATOM   367 C  CA  . LEU A 1 68 ? 1.465   -2.819  8.825   1.00 48.57  ? 68  LEU A CA  1 
ATOM   368 C  C   . LEU A 1 68 ? 0.160   -2.500  9.541   1.00 48.10  ? 68  LEU A C   1 
ATOM   369 O  O   . LEU A 1 68 ? -0.926  -2.745  9.021   1.00 46.82  ? 68  LEU A O   1 
ATOM   370 C  CB  . LEU A 1 68 ? 1.757   -1.727  7.789   1.00 47.54  ? 68  LEU A CB  1 
ATOM   371 C  CG  . LEU A 1 68 ? 3.200   -1.619  7.297   1.00 47.72  ? 68  LEU A CG  1 
ATOM   372 C  CD1 . LEU A 1 68 ? 3.252   -1.006  5.913   1.00 46.06  ? 68  LEU A CD1 1 
ATOM   373 C  CD2 . LEU A 1 68 ? 4.016   -0.786  8.269   1.00 51.19  ? 68  LEU A CD2 1 
ATOM   374 N  N   . ALA A 1 69 ? 0.276   -1.946  10.740  1.00 50.17  ? 69  ALA A N   1 
ATOM   375 C  CA  . ALA A 1 69 ? -0.891  -1.478  11.480  1.00 49.90  ? 69  ALA A CA  1 
ATOM   376 C  C   . ALA A 1 69 ? -1.460  -0.243  10.797  1.00 47.59  ? 69  ALA A C   1 
ATOM   377 O  O   . ALA A 1 69 ? -0.736  0.481   10.115  1.00 46.74  ? 69  ALA A O   1 
ATOM   378 C  CB  . ALA A 1 69 ? -0.525  -1.179  12.922  1.00 51.73  ? 69  ALA A CB  1 
ATOM   379 N  N   . GLU A 1 70 ? -2.755  -0.007  10.977  1.00 46.85  ? 70  GLU A N   1 
ATOM   380 C  CA  . GLU A 1 70 ? -3.440  1.105   10.313  1.00 46.69  ? 70  GLU A CA  1 
ATOM   381 C  C   . GLU A 1 70 ? -2.795  2.456   10.615  1.00 47.66  ? 70  GLU A C   1 
ATOM   382 O  O   . GLU A 1 70 ? -2.823  3.363   9.788   1.00 46.48  ? 70  GLU A O   1 
ATOM   383 C  CB  . GLU A 1 70 ? -4.921  1.140   10.713  1.00 48.19  ? 70  GLU A CB  1 
ATOM   384 C  CG  . GLU A 1 70 ? -5.750  2.112   9.891   1.00 48.77  ? 70  GLU A CG  1 
ATOM   385 C  CD  . GLU A 1 70 ? -7.241  1.997   10.156  1.00 51.50  ? 70  GLU A CD  1 
ATOM   386 O  OE1 . GLU A 1 70 ? -7.723  2.602   11.137  1.00 55.70  ? 70  GLU A OE1 1 
ATOM   387 O  OE2 . GLU A 1 70 ? -7.931  1.307   9.376   1.00 50.21  ? 70  GLU A OE2 1 
ATOM   388 N  N   . ALA A 1 71 ? -2.197  2.578   11.794  1.00 49.82  ? 71  ALA A N   1 
ATOM   389 C  CA  . ALA A 1 71 ? -1.587  3.836   12.214  1.00 52.37  ? 71  ALA A CA  1 
ATOM   390 C  C   . ALA A 1 71 ? -0.287  4.135   11.469  1.00 52.77  ? 71  ALA A C   1 
ATOM   391 O  O   . ALA A 1 71 ? 0.238   5.245   11.541  1.00 56.13  ? 71  ALA A O   1 
ATOM   392 C  CB  . ALA A 1 71 ? -1.340  3.822   13.718  1.00 55.22  ? 71  ALA A CB  1 
ATOM   393 N  N   . GLN A 1 72 ? 0.223   3.145   10.746  1.00 50.58  ? 72  GLN A N   1 
ATOM   394 C  CA  . GLN A 1 72 ? 1.496   3.292   10.052  1.00 51.59  ? 72  GLN A CA  1 
ATOM   395 C  C   . GLN A 1 72 ? 1.290   3.684   8.590   1.00 50.16  ? 72  GLN A C   1 
ATOM   396 O  O   . GLN A 1 72 ? 2.253   3.831   7.830   1.00 49.63  ? 72  GLN A O   1 
ATOM   397 C  CB  . GLN A 1 72 ? 2.301   1.988   10.145  1.00 52.79  ? 72  GLN A CB  1 
ATOM   398 C  CG  . GLN A 1 72 ? 2.540   1.495   11.575  1.00 57.53  ? 72  GLN A CG  1 
ATOM   399 C  CD  . GLN A 1 72 ? 3.426   0.255   11.645  1.00 59.97  ? 72  GLN A CD  1 
ATOM   400 O  OE1 . GLN A 1 72 ? 2.955   -0.846  11.943  1.00 58.98  ? 72  GLN A OE1 1 
ATOM   401 N  NE2 . GLN A 1 72 ? 4.714   0.432   11.379  1.00 63.08  ? 72  GLN A NE2 1 
ATOM   402 N  N   . LEU A 1 73 ? 0.032   3.867   8.202   1.00 49.31  ? 73  LEU A N   1 
ATOM   403 C  CA  . LEU A 1 73 ? -0.299  4.098   6.802   1.00 48.52  ? 73  LEU A CA  1 
ATOM   404 C  C   . LEU A 1 73 ? -0.989  5.438   6.536   1.00 52.98  ? 73  LEU A C   1 
ATOM   405 O  O   . LEU A 1 73 ? -1.748  5.949   7.365   1.00 54.77  ? 73  LEU A O   1 
ATOM   406 C  CB  . LEU A 1 73 ? -1.177  2.956   6.290   1.00 45.29  ? 73  LEU A CB  1 
ATOM   407 C  CG  . LEU A 1 73 ? -0.488  1.589   6.276   1.00 42.92  ? 73  LEU A CG  1 
ATOM   408 C  CD1 . LEU A 1 73 ? -1.444  0.496   5.827   1.00 40.27  ? 73  LEU A CD1 1 
ATOM   409 C  CD2 . LEU A 1 73 ? 0.744   1.631   5.382   1.00 42.71  ? 73  LEU A CD2 1 
ATOM   410 N  N   . SER A 1 74 ? -0.709  5.999   5.364   1.00 54.76  ? 74  SER A N   1 
ATOM   411 C  CA  . SER A 1 74 ? -1.318  7.244   4.928   1.00 58.83  ? 74  SER A CA  1 
ATOM   412 C  C   . SER A 1 74 ? -1.721  7.133   3.465   1.00 58.22  ? 74  SER A C   1 
ATOM   413 O  O   . SER A 1 74 ? -1.052  6.461   2.679   1.00 58.79  ? 74  SER A O   1 
ATOM   414 C  CB  . SER A 1 74 ? -0.357  8.416   5.123   1.00 63.14  ? 74  SER A CB  1 
ATOM   415 O  OG  . SER A 1 74 ? 0.096   8.486   6.462   1.00 65.35  ? 74  SER A OG  1 
ATOM   416 N  N   . SER A 1 75 ? -2.816  7.791   3.103   1.00 57.63  ? 75  SER A N   1 
ATOM   417 C  CA  . SER A 1 75 ? -3.298  7.777   1.727   1.00 56.33  ? 75  SER A CA  1 
ATOM   418 C  C   . SER A 1 75 ? -2.281  8.409   0.778   1.00 55.71  ? 75  SER A C   1 
ATOM   419 O  O   . SER A 1 75 ? -1.567  9.339   1.154   1.00 57.88  ? 75  SER A O   1 
ATOM   420 C  CB  . SER A 1 75 ? -4.639  8.512   1.621   1.00 59.11  ? 75  SER A CB  1 
ATOM   421 O  OG  . SER A 1 75 ? -5.564  8.037   2.587   1.00 58.24  ? 75  SER A OG  1 
ATOM   422 N  N   . GLU A 1 76 ? -2.165  7.849   -0.406  1.00 62.30  ? 76  GLU A N   1 
ATOM   423 C  CA  . GLU A 1 76 ? -1.277  8.402   -1.384  1.00 61.95  ? 76  GLU A CA  1 
ATOM   424 C  C   . GLU A 1 76 ? -2.190  9.148   -2.300  1.00 62.39  ? 76  GLU A C   1 
ATOM   425 O  O   . GLU A 1 76 ? -3.159  8.621   -2.801  1.00 58.86  ? 76  GLU A O   1 
ATOM   426 C  CB  . GLU A 1 76 ? -0.533  7.333   -2.142  1.00 57.75  ? 76  GLU A CB  1 
ATOM   427 C  CG  . GLU A 1 76 ? 0.149   7.859   -3.378  1.00 58.51  ? 76  GLU A CG  1 
ATOM   428 C  CD  . GLU A 1 76 ? 1.363   8.678   -3.064  1.00 61.86  ? 76  GLU A CD  1 
ATOM   429 O  OE1 . GLU A 1 76 ? 1.615   8.938   -1.892  1.00 63.35  ? 76  GLU A OE1 1 
ATOM   430 O  OE2 . GLU A 1 76 ? 2.068   9.069   -3.988  1.00 62.96  ? 76  GLU A OE2 1 
ATOM   431 N  N   . LEU A 1 77 ? -1.858  10.400  -2.485  1.00 68.11  ? 77  LEU A N   1 
ATOM   432 C  CA  . LEU A 1 77 ? -2.609  11.342  -3.299  1.00 73.58  ? 77  LEU A CA  1 
ATOM   433 C  C   . LEU A 1 77 ? -2.479  11.100  -4.801  1.00 72.58  ? 77  LEU A C   1 
ATOM   434 O  O   . LEU A 1 77 ? -3.456  10.830  -5.495  1.00 71.80  ? 77  LEU A O   1 
ATOM   435 C  CB  . LEU A 1 77 ? -2.123  12.748  -2.956  1.00 80.52  ? 77  LEU A CB  1 
ATOM   436 C  CG  . LEU A 1 77 ? -1.111  12.881  -1.799  1.00 84.03  ? 77  LEU A CG  1 
ATOM   437 C  CD1 . LEU A 1 77 ? 0.188   12.223  -2.184  1.00 81.61  ? 77  LEU A CD1 1 
ATOM   438 C  CD2 . LEU A 1 77 ? -0.879  14.313  -1.366  1.00 91.26  ? 77  LEU A CD2 1 
ATOM   439 N  N   . GLN A 1 78 ? -1.248  11.170  -5.275  1.00 72.86  ? 78  GLN A N   1 
ATOM   440 C  CA  . GLN A 1 78 ? -0.913  10.978  -6.661  1.00 71.74  ? 78  GLN A CA  1 
ATOM   441 C  C   . GLN A 1 78 ? -1.338  9.650   -7.181  1.00 69.82  ? 78  GLN A C   1 
ATOM   442 O  O   . GLN A 1 78 ? -1.254  8.665   -6.499  1.00 68.18  ? 78  GLN A O   1 
ATOM   443 C  CB  . GLN A 1 78 ? 0.589   10.984  -6.814  1.00 71.01  ? 78  GLN A CB  1 
ATOM   444 C  CG  . GLN A 1 78 ? 1.277   12.317  -6.799  1.00 75.07  ? 78  GLN A CG  1 
ATOM   445 C  CD  . GLN A 1 78 ? 2.758   12.168  -7.036  1.00 75.30  ? 78  GLN A CD  1 
ATOM   446 O  OE1 . GLN A 1 78 ? 3.181   11.451  -7.923  1.00 72.92  ? 78  GLN A OE1 1 
ATOM   447 N  NE2 . GLN A 1 78 ? 3.552   12.836  -6.232  1.00 79.25  ? 78  GLN A NE2 1 
ATOM   448 N  N   . ASP A 1 79 ? -1.757  9.627   -8.426  1.00 71.77  ? 79  ASP A N   1 
ATOM   449 C  CA  . ASP A 1 79 ? -2.135  8.409   -9.085  1.00 71.70  ? 79  ASP A CA  1 
ATOM   450 C  C   . ASP A 1 79 ? -1.115  7.967   -10.103 1.00 69.37  ? 79  ASP A C   1 
ATOM   451 O  O   . ASP A 1 79 ? -1.272  6.914   -10.672 1.00 68.55  ? 79  ASP A O   1 
ATOM   452 C  CB  . ASP A 1 79 ? -3.427  8.607   -9.834  1.00 76.99  ? 79  ASP A CB  1 
ATOM   453 C  CG  . ASP A 1 79 ? -4.488  9.159   -8.984  1.00 81.88  ? 79  ASP A CG  1 
ATOM   454 O  OD1 . ASP A 1 79 ? -4.990  8.411   -8.130  1.00 81.25  ? 79  ASP A OD1 1 
ATOM   455 O  OD2 . ASP A 1 79 ? -4.829  10.338  -9.160  1.00 86.38  ? 79  ASP A OD2 1 
ATOM   456 N  N   . GLU A 1 80 ? -0.086  8.764   -10.339 1.00 69.26  ? 80  GLU A N   1 
ATOM   457 C  CA  . GLU A 1 80 ? 0.904   8.463   -11.337 1.00 68.42  ? 80  GLU A CA  1 
ATOM   458 C  C   . GLU A 1 80 ? 2.281   8.612   -10.804 1.00 66.47  ? 80  GLU A C   1 
ATOM   459 O  O   . GLU A 1 80 ? 2.629   9.638   -10.299 1.00 66.79  ? 80  GLU A O   1 
ATOM   460 C  CB  . GLU A 1 80 ? 0.760   9.431   -12.490 1.00 72.87  ? 80  GLU A CB  1 
ATOM   461 C  CG  . GLU A 1 80 ? 0.038   8.873   -13.681 1.00 76.53  ? 80  GLU A CG  1 
ATOM   462 C  CD  . GLU A 1 80 ? -0.126  9.896   -14.768 1.00 82.95  ? 80  GLU A CD  1 
ATOM   463 O  OE1 . GLU A 1 80 ? 0.455   9.702   -15.843 1.00 85.39  ? 80  GLU A OE1 1 
ATOM   464 O  OE2 . GLU A 1 80 ? -0.822  10.898  -14.551 1.00 85.95  ? 80  GLU A OE2 1 
ATOM   465 N  N   . HIS A 1 81 ? 3.066   7.552   -10.903 1.00 65.68  ? 81  HIS A N   1 
ATOM   466 C  CA  . HIS A 1 81 ? 4.436   7.548   -10.426 1.00 68.84  ? 81  HIS A CA  1 
ATOM   467 C  C   . HIS A 1 81 ? 5.368   7.033   -11.504 1.00 69.63  ? 81  HIS A C   1 
ATOM   468 O  O   . HIS A 1 81 ? 5.587   5.852   -11.611 1.00 68.43  ? 81  HIS A O   1 
ATOM   469 C  CB  . HIS A 1 81 ? 4.560   6.687   -9.161  1.00 69.27  ? 81  HIS A CB  1 
ATOM   470 C  CG  . HIS A 1 81 ? 3.540   7.003   -8.122  1.00 68.23  ? 81  HIS A CG  1 
ATOM   471 N  ND1 . HIS A 1 81 ? 2.263   6.510   -8.181  1.00 65.65  ? 81  HIS A ND1 1 
ATOM   472 C  CD2 . HIS A 1 81 ? 3.567   7.849   -7.075  1.00 66.66  ? 81  HIS A CD2 1 
ATOM   473 C  CE1 . HIS A 1 81 ? 1.559   7.000   -7.186  1.00 63.83  ? 81  HIS A CE1 1 
ATOM   474 N  NE2 . HIS A 1 81 ? 2.328   7.816   -6.501  1.00 64.44  ? 81  HIS A NE2 1 
ATOM   475 N  N   . PRO A 1 82 ? 5.916   7.939   -12.299 1.00 72.92  ? 82  PRO A N   1 
ATOM   476 C  CA  . PRO A 1 82 ? 6.827   7.602   -13.399 1.00 75.27  ? 82  PRO A CA  1 
ATOM   477 C  C   . PRO A 1 82 ? 8.102   6.914   -12.918 1.00 77.13  ? 82  PRO A C   1 
ATOM   478 O  O   . PRO A 1 82 ? 8.678   6.112   -13.650 1.00 78.69  ? 82  PRO A O   1 
ATOM   479 C  CB  . PRO A 1 82 ? 7.144   8.964   -14.021 1.00 76.45  ? 82  PRO A CB  1 
ATOM   480 C  CG  . PRO A 1 82 ? 5.973   9.808   -13.679 1.00 76.13  ? 82  PRO A CG  1 
ATOM   481 C  CD  . PRO A 1 82 ? 5.544   9.364   -12.314 1.00 74.28  ? 82  PRO A CD  1 
ATOM   482 N  N   . GLU A 1 83 ? 8.532   7.223   -11.701 1.00 78.05  ? 83  GLU A N   1 
ATOM   483 C  CA  . GLU A 1 83 ? 9.717   6.590   -11.142 1.00 79.58  ? 83  GLU A CA  1 
ATOM   484 C  C   . GLU A 1 83 ? 9.387   5.188   -10.633 1.00 75.42  ? 83  GLU A C   1 
ATOM   485 O  O   . GLU A 1 83 ? 10.252  4.317   -10.576 1.00 76.42  ? 83  GLU A O   1 
ATOM   486 C  CB  . GLU A 1 83 ? 10.306  7.438   -10.010 1.00 84.51  ? 83  GLU A CB  1 
ATOM   487 C  CG  . GLU A 1 83 ? 11.596  6.889   -9.408  1.00 89.89  ? 83  GLU A CG  1 
ATOM   488 C  CD  . GLU A 1 83 ? 12.162  7.792   -8.325  1.00 95.82  ? 83  GLU A CD  1 
ATOM   489 O  OE1 . GLU A 1 83 ? 11.526  8.823   -8.022  1.00 97.34  ? 83  GLU A OE1 1 
ATOM   490 O  OE2 . GLU A 1 83 ? 13.243  7.477   -7.786  1.00 99.53  ? 83  GLU A OE2 1 
ATOM   491 N  N   . GLN A 1 84 ? 8.127   4.975   -10.265 1.00 71.12  ? 84  GLN A N   1 
ATOM   492 C  CA  . GLN A 1 84 ? 7.694   3.685   -9.741  1.00 67.40  ? 84  GLN A CA  1 
ATOM   493 C  C   . GLN A 1 84 ? 6.453   3.168   -10.459 1.00 66.25  ? 84  GLN A C   1 
ATOM   494 O  O   . GLN A 1 84 ? 5.374   3.089   -9.874  1.00 63.78  ? 84  GLN A O   1 
ATOM   495 C  CB  . GLN A 1 84 ? 7.425   3.792   -8.241  1.00 66.37  ? 84  GLN A CB  1 
ATOM   496 C  CG  . GLN A 1 84 ? 8.657   4.142   -7.426  1.00 69.03  ? 84  GLN A CG  1 
ATOM   497 C  CD  . GLN A 1 84 ? 8.340   4.416   -5.969  1.00 70.76  ? 84  GLN A CD  1 
ATOM   498 O  OE1 . GLN A 1 84 ? 7.847   5.488   -5.620  1.00 72.45  ? 84  GLN A OE1 1 
ATOM   499 N  NE2 . GLN A 1 84 ? 8.622   3.444   -5.110  1.00 71.02  ? 84  GLN A NE2 1 
ATOM   500 N  N   . PRO A 1 85 ? 6.605   2.812   -11.739 1.00 80.14  ? 85  PRO A N   1 
ATOM   501 C  CA  . PRO A 1 85 ? 5.468   2.412   -12.569 1.00 78.32  ? 85  PRO A CA  1 
ATOM   502 C  C   . PRO A 1 85 ? 4.834   1.111   -12.102 1.00 71.79  ? 85  PRO A C   1 
ATOM   503 O  O   . PRO A 1 85 ? 3.627   0.942   -12.236 1.00 70.65  ? 85  PRO A O   1 
ATOM   504 C  CB  . PRO A 1 85 ? 6.088   2.246   -13.962 1.00 84.93  ? 85  PRO A CB  1 
ATOM   505 C  CG  . PRO A 1 85 ? 7.431   2.903   -13.886 1.00 89.79  ? 85  PRO A CG  1 
ATOM   506 C  CD  . PRO A 1 85 ? 7.873   2.729   -12.477 1.00 85.78  ? 85  PRO A CD  1 
ATOM   507 N  N   . SER A 1 86 ? 5.642   0.207   -11.559 1.00 69.65  ? 86  SER A N   1 
ATOM   508 C  CA  . SER A 1 86 ? 5.150   -1.098  -11.137 1.00 64.84  ? 86  SER A CA  1 
ATOM   509 C  C   . SER A 1 86 ? 4.114   -0.999  -10.013 1.00 59.41  ? 86  SER A C   1 
ATOM   510 O  O   . SER A 1 86 ? 3.241   -1.860  -9.895  1.00 57.55  ? 86  SER A O   1 
ATOM   511 C  CB  . SER A 1 86 ? 6.323   -1.983  -10.709 1.00 66.76  ? 86  SER A CB  1 
ATOM   512 O  OG  . SER A 1 86 ? 7.093   -1.341  -9.708  1.00 67.08  ? 86  SER A OG  1 
HETATM 513 N  N   . MSE A 1 87 ? 4.208   0.047   -9.196  1.00 57.47  ? 87  MSE A N   1 
HETATM 514 C  CA  . MSE A 1 87 ? 3.228   0.268   -8.139  1.00 55.50  ? 87  MSE A CA  1 
HETATM 515 C  C   . MSE A 1 87 ? 1.908   0.792   -8.702  1.00 54.29  ? 87  MSE A C   1 
HETATM 516 O  O   . MSE A 1 87 ? 0.838   0.516   -8.152  1.00 52.30  ? 87  MSE A O   1 
HETATM 517 C  CB  . MSE A 1 87 ? 3.768   1.240   -7.089  1.00 56.63  ? 87  MSE A CB  1 
HETATM 518 C  CG  . MSE A 1 87 ? 4.934   0.702   -6.272  1.00 57.83  ? 87  MSE A CG  1 
HETATM 519 SE SE  . MSE A 1 87 ? 4.437   -0.800  -5.127  1.00 64.66  ? 87  MSE A SE  1 
HETATM 520 C  CE  . MSE A 1 87 ? 4.862   -2.282  -6.323  1.00 66.00  ? 87  MSE A CE  1 
ATOM   521 N  N   . ASP A 1 88 ? 1.989   1.555   -9.789  1.00 56.39  ? 88  ASP A N   1 
ATOM   522 C  CA  . ASP A 1 88 ? 0.790   1.983   -10.502 1.00 56.43  ? 88  ASP A CA  1 
ATOM   523 C  C   . ASP A 1 88 ? 0.167   0.778   -11.190 1.00 55.57  ? 88  ASP A C   1 
ATOM   524 O  O   . ASP A 1 88 ? -1.044  0.589   -11.174 1.00 52.97  ? 88  ASP A O   1 
ATOM   525 C  CB  . ASP A 1 88 ? 1.115   3.080   -11.517 1.00 59.42  ? 88  ASP A CB  1 
ATOM   526 C  CG  . ASP A 1 88 ? 1.512   4.387   -10.855 1.00 61.57  ? 88  ASP A CG  1 
ATOM   527 O  OD1 . ASP A 1 88 ? 1.059   4.637   -9.717  1.00 60.78  ? 88  ASP A OD1 1 
ATOM   528 O  OD2 . ASP A 1 88 ? 2.277   5.160   -11.470 1.00 65.62  ? 88  ASP A OD2 1 
ATOM   529 N  N   . GLU A 1 89 ? 1.024   -0.047  -11.775 1.00 59.37  ? 89  GLU A N   1 
ATOM   530 C  CA  . GLU A 1 89 ? 0.603   -1.271  -12.446 1.00 63.15  ? 89  GLU A CA  1 
ATOM   531 C  C   . GLU A 1 89 ? -0.069  -2.230  -11.465 1.00 60.51  ? 89  GLU A C   1 
ATOM   532 O  O   . GLU A 1 89 ? -1.084  -2.850  -11.784 1.00 61.28  ? 89  GLU A O   1 
ATOM   533 C  CB  . GLU A 1 89 ? 1.808   -1.944  -13.113 1.00 68.60  ? 89  GLU A CB  1 
ATOM   534 C  CG  . GLU A 1 89 ? 2.414   -1.176  -14.274 1.00 75.49  ? 89  GLU A CG  1 
ATOM   535 C  CD  . GLU A 1 89 ? 3.644   -1.852  -14.847 1.00 81.31  ? 89  GLU A CD  1 
ATOM   536 O  OE1 . GLU A 1 89 ? 4.136   -2.816  -14.223 1.00 81.74  ? 89  GLU A OE1 1 
ATOM   537 O  OE2 . GLU A 1 89 ? 4.120   -1.417  -15.917 1.00 85.96  ? 89  GLU A OE2 1 
ATOM   538 N  N   . LEU A 1 90 ? 0.506   -2.345  -10.271 1.00 58.88  ? 90  LEU A N   1 
ATOM   539 C  CA  . LEU A 1 90 ? -0.036  -3.208  -9.226  1.00 60.06  ? 90  LEU A CA  1 
ATOM   540 C  C   . LEU A 1 90 ? -1.425  -2.755  -8.782  1.00 60.01  ? 90  LEU A C   1 
ATOM   541 O  O   . LEU A 1 90 ? -2.357  -3.558  -8.697  1.00 62.78  ? 90  LEU A O   1 
ATOM   542 C  CB  . LEU A 1 90 ? 0.905   -3.234  -8.022  1.00 58.78  ? 90  LEU A CB  1 
ATOM   543 C  CG  . LEU A 1 90 ? 0.491   -4.027  -6.779  1.00 58.67  ? 90  LEU A CG  1 
ATOM   544 C  CD1 . LEU A 1 90 ? 0.375   -5.497  -7.131  1.00 62.29  ? 90  LEU A CD1 1 
ATOM   545 C  CD2 . LEU A 1 90 ? 1.448   -3.824  -5.618  1.00 56.85  ? 90  LEU A CD2 1 
ATOM   546 N  N   . ALA A 1 91 ? -1.549  -1.462  -8.493  1.00 57.66  ? 91  ALA A N   1 
ATOM   547 C  CA  . ALA A 1 91 ? -2.808  -0.884  -8.044  1.00 56.92  ? 91  ALA A CA  1 
ATOM   548 C  C   . ALA A 1 91 ? -3.935  -1.131  -9.046  1.00 61.93  ? 91  ALA A C   1 
ATOM   549 O  O   . ALA A 1 91 ? -5.037  -1.512  -8.662  1.00 63.56  ? 91  ALA A O   1 
ATOM   550 C  CB  . ALA A 1 91 ? -2.641  0.606   -7.792  1.00 53.62  ? 91  ALA A CB  1 
ATOM   551 N  N   . GLN A 1 92 ? -3.653  -0.922  -10.329 1.00 62.64  ? 92  GLN A N   1 
ATOM   552 C  CA  . GLN A 1 92 ? -4.667  -1.098  -11.366 1.00 66.28  ? 92  GLN A CA  1 
ATOM   553 C  C   . GLN A 1 92 ? -5.055  -2.564  -11.520 1.00 68.05  ? 92  GLN A C   1 
ATOM   554 O  O   . GLN A 1 92 ? -6.229  -2.897  -11.687 1.00 70.61  ? 92  GLN A O   1 
ATOM   555 C  CB  . GLN A 1 92 ? -4.176  -0.550  -12.708 1.00 70.78  ? 92  GLN A CB  1 
ATOM   556 C  CG  . GLN A 1 92 ? -5.277  -0.448  -13.755 1.00 77.47  ? 92  GLN A CG  1 
ATOM   557 C  CD  . GLN A 1 92 ? -4.756  -0.139  -15.146 1.00 83.34  ? 92  GLN A CD  1 
ATOM   558 O  OE1 . GLN A 1 92 ? -3.782  -0.735  -15.606 1.00 85.70  ? 92  GLN A OE1 1 
ATOM   559 N  NE2 . GLN A 1 92 ? -5.409  0.798   -15.826 1.00 85.67  ? 92  GLN A NE2 1 
ATOM   560 N  N   . THR A 1 93 ? -4.054  -3.435  -11.465 1.00 68.89  ? 93  THR A N   1 
ATOM   561 C  CA  . THR A 1 93 ? -4.267  -4.868  -11.602 1.00 72.61  ? 93  THR A CA  1 
ATOM   562 C  C   . THR A 1 93 ? -5.112  -5.414  -10.459 1.00 74.03  ? 93  THR A C   1 
ATOM   563 O  O   . THR A 1 93 ? -6.083  -6.136  -10.688 1.00 77.71  ? 93  THR A O   1 
ATOM   564 C  CB  . THR A 1 93 ? -2.933  -5.627  -11.653 1.00 74.08  ? 93  THR A CB  1 
ATOM   565 O  OG1 . THR A 1 93 ? -2.148  -5.135  -12.745 1.00 74.40  ? 93  THR A OG1 1 
ATOM   566 C  CG2 . THR A 1 93 ? -3.170  -7.124  -11.831 1.00 78.64  ? 93  THR A CG2 1 
ATOM   567 N  N   . ILE A 1 94 ? -4.740  -5.056  -9.233  1.00 71.98  ? 94  ILE A N   1 
ATOM   568 C  CA  . ILE A 1 94 ? -5.435  -5.524  -8.040  1.00 73.35  ? 94  ILE A CA  1 
ATOM   569 C  C   . ILE A 1 94 ? -6.877  -5.022  -7.995  1.00 75.42  ? 94  ILE A C   1 
ATOM   570 O  O   . ILE A 1 94 ? -7.782  -5.741  -7.563  1.00 78.41  ? 94  ILE A O   1 
ATOM   571 C  CB  . ILE A 1 94 ? -4.682  -5.094  -6.767  1.00 70.72  ? 94  ILE A CB  1 
ATOM   572 C  CG1 . ILE A 1 94 ? -3.446  -5.973  -6.585  1.00 72.24  ? 94  ILE A CG1 1 
ATOM   573 C  CG2 . ILE A 1 94 ? -5.566  -5.192  -5.535  1.00 70.70  ? 94  ILE A CG2 1 
ATOM   574 C  CD1 . ILE A 1 94 ? -2.752  -5.765  -5.280  1.00 71.01  ? 94  ILE A CD1 1 
ATOM   575 N  N   . ARG A 1 95 ? -7.101  -3.805  -8.485  1.00 75.03  ? 95  ARG A N   1 
ATOM   576 C  CA  . ARG A 1 95 ? -8.444  -3.227  -8.530  1.00 78.33  ? 95  ARG A CA  1 
ATOM   577 C  C   . ARG A 1 95 ? -9.375  -3.942  -9.512  1.00 83.88  ? 95  ARG A C   1 
ATOM   578 O  O   . ARG A 1 95 ? -10.461 -3.449  -9.819  1.00 85.66  ? 95  ARG A O   1 
ATOM   579 C  CB  . ARG A 1 95 ? -8.367  -1.744  -8.885  1.00 77.61  ? 95  ARG A CB  1 
ATOM   580 C  CG  . ARG A 1 95 ? -8.001  -0.855  -7.712  1.00 77.64  ? 95  ARG A CG  1 
ATOM   581 C  CD  . ARG A 1 95 ? -7.885  0.597   -8.130  1.00 80.05  ? 95  ARG A CD  1 
ATOM   582 N  NE  . ARG A 1 95 ? -8.039  1.489   -6.986  1.00 83.03  ? 95  ARG A NE  1 
ATOM   583 C  CZ  . ARG A 1 95 ? -9.209  1.963   -6.571  1.00 87.27  ? 95  ARG A CZ  1 
ATOM   584 N  NH1 . ARG A 1 95 ? -10.327 1.636   -7.209  1.00 91.19  ? 95  ARG A NH1 1 
ATOM   585 N  NH2 . ARG A 1 95 ? -9.266  2.766   -5.518  1.00 87.81  ? 95  ARG A NH2 1 
ATOM   586 N  N   . LYS A 1 96 ? -8.945  -5.101  -10.002 1.00 87.47  ? 96  LYS A N   1 
ATOM   587 C  CA  . LYS A 1 96 ? -9.750  -5.915  -10.903 1.00 93.38  ? 96  LYS A CA  1 
ATOM   588 C  C   . LYS A 1 96 ? -9.703  -7.392  -10.502 1.00 97.56  ? 96  LYS A C   1 
ATOM   589 O  O   . LYS A 1 96 ? -10.633 -8.148  -10.785 1.00 102.82 ? 96  LYS A O   1 
ATOM   590 C  CB  . LYS A 1 96 ? -9.274  -5.741  -12.348 1.00 94.19  ? 96  LYS A CB  1 
ATOM   591 C  CG  . LYS A 1 96 ? -9.415  -4.319  -12.874 1.00 91.85  ? 96  LYS A CG  1 
ATOM   592 C  CD  . LYS A 1 96 ? -8.823  -4.176  -14.266 1.00 92.87  ? 96  LYS A CD  1 
ATOM   593 C  CE  . LYS A 1 96 ? -8.987  -2.755  -14.787 1.00 91.28  ? 96  LYS A CE  1 
ATOM   594 N  NZ  . LYS A 1 96 ? -8.399  -1.754  -13.856 1.00 86.98  ? 96  LYS A NZ  1 
ATOM   595 N  N   . GLN A 1 97 ? -8.620  -7.795  -9.841  1.00 95.79  ? 97  GLN A N   1 
ATOM   596 C  CA  . GLN A 1 97 ? -8.473  -9.172  -9.372  1.00 99.17  ? 97  GLN A CA  1 
ATOM   597 C  C   . GLN A 1 97 ? -9.377  -9.443  -8.172  1.00 101.76 ? 97  GLN A C   1 
ATOM   598 O  O   . GLN A 1 97 ? -8.905  -9.597  -7.046  1.00 100.91 ? 97  GLN A O   1 
ATOM   599 C  CB  . GLN A 1 97 ? -7.011  -9.471  -9.012  1.00 95.87  ? 97  GLN A CB  1 
ATOM   600 C  CG  . GLN A 1 97 ? -6.096  -9.689  -10.217 1.00 95.88  ? 97  GLN A CG  1 
ATOM   601 C  CD  . GLN A 1 97 ? -4.673  -10.061 -9.824  1.00 94.21  ? 97  GLN A CD  1 
ATOM   602 O  OE1 . GLN A 1 97 ? -4.178  -9.653  -8.772  1.00 90.47  ? 97  GLN A OE1 1 
ATOM   603 N  NE2 . GLN A 1 97 ? -4.010  -10.842 -10.672 1.00 97.19  ? 97  GLN A NE2 1 
HETATM 604 O  O   . HOH B 2 .  ? 8.412   0.537   -10.074 1.00 68.23  ? 201 HOH A O   1 
HETATM 605 O  O   . HOH B 2 .  ? 3.879   -3.086  11.871  1.00 62.98  ? 202 HOH A O   1 
HETATM 606 O  O   . HOH B 2 .  ? 8.428   3.326   -2.328  1.00 56.14  ? 203 HOH A O   1 
HETATM 607 O  O   . HOH B 2 .  ? 8.583   6.656   -2.767  1.00 58.91  ? 204 HOH A O   1 
HETATM 608 O  O   . HOH B 2 .  ? -5.141  4.585   -4.547  1.00 49.15  ? 205 HOH A O   1 
HETATM 609 O  O   . HOH B 2 .  ? -0.475  12.507  -10.256 1.00 67.74  ? 206 HOH A O   1 
# 
loop_
_atom_site_anisotrop.id 
_atom_site_anisotrop.type_symbol 
_atom_site_anisotrop.pdbx_label_atom_id 
_atom_site_anisotrop.pdbx_label_alt_id 
_atom_site_anisotrop.pdbx_label_comp_id 
_atom_site_anisotrop.pdbx_label_asym_id 
_atom_site_anisotrop.pdbx_label_seq_id 
_atom_site_anisotrop.pdbx_PDB_ins_code 
_atom_site_anisotrop.U[1][1] 
_atom_site_anisotrop.U[2][2] 
_atom_site_anisotrop.U[3][3] 
_atom_site_anisotrop.U[1][2] 
_atom_site_anisotrop.U[1][3] 
_atom_site_anisotrop.U[2][3] 
_atom_site_anisotrop.pdbx_auth_seq_id 
_atom_site_anisotrop.pdbx_auth_comp_id 
_atom_site_anisotrop.pdbx_auth_asym_id 
_atom_site_anisotrop.pdbx_auth_atom_id 
1   N  N   . ALA A 3  ? 0.6614 1.4553 0.9285 0.1033  0.1035  0.0177  3  ALA A N   
2   C  CA  . ALA A 3  ? 0.6616 1.4707 0.9365 0.0624  0.1114  0.0649  3  ALA A CA  
3   C  C   . ALA A 3  ? 0.6510 1.3625 0.9034 0.0489  0.0953  0.0759  3  ALA A C   
4   O  O   . ALA A 3  ? 0.6804 1.3934 0.9135 0.0303  0.0974  0.0993  3  ALA A O   
5   C  CB  . ALA A 3  ? 0.6436 1.4901 0.9773 0.0329  0.1165  0.0981  3  ALA A CB  
6   N  N   . SER A 4  ? 0.5986 1.2305 0.8538 0.0586  0.0789  0.0593  4  SER A N   
7   C  CA  . SER A 4  ? 0.5574 1.1026 0.7945 0.0477  0.0648  0.0648  4  SER A CA  
8   C  C   . SER A 4  ? 0.5268 1.0054 0.7309 0.0754  0.0512  0.0278  4  SER A C   
9   O  O   . SER A 4  ? 0.5240 0.9867 0.7379 0.0933  0.0445  0.0091  4  SER A O   
10  C  CB  . SER A 4  ? 0.5521 1.0643 0.8301 0.0221  0.0578  0.0898  4  SER A CB  
11  O  OG  . SER A 4  ? 0.5622 0.9991 0.8255 0.0142  0.0455  0.0908  4  SER A OG  
12  N  N   . LYS A 5  ? 0.5129 0.9517 0.6787 0.0775  0.0449  0.0191  5  LYS A N   
13  C  CA  . LYS A 5  ? 0.5137 0.8842 0.6477 0.0989  0.0297  -0.0124 5  LYS A CA  
14  C  C   . LYS A 5  ? 0.4940 0.7930 0.6378 0.0887  0.0182  -0.0066 5  LYS A C   
15  O  O   . LYS A 5  ? 0.5121 0.7694 0.6451 0.1072  0.0068  -0.0266 5  LYS A O   
16  C  CB  . LYS A 5  ? 0.5392 0.8864 0.6347 0.0983  0.0245  -0.0215 5  LYS A CB  
17  C  CG  . LYS A 5  ? 0.5891 0.9746 0.6554 0.1270  0.0257  -0.0532 5  LYS A CG  
18  C  CD  . LYS A 5  ? 0.6009 1.0879 0.6840 0.1311  0.0451  -0.0460 5  LYS A CD  
19  C  CE  . LYS A 5  ? 0.6438 1.1785 0.6971 0.1629  0.0476  -0.0833 5  LYS A CE  
20  N  NZ  . LYS A 5  ? 0.6442 1.2796 0.7208 0.1744  0.0666  -0.0851 5  LYS A NZ  
21  N  N   . PHE A 6  ? 0.4734 0.7594 0.6365 0.0603  0.0199  0.0202  6  PHE A N   
22  C  CA  . PHE A 6  ? 0.4760 0.7049 0.6480 0.0498  0.0111  0.0241  6  PHE A CA  
23  C  C   . PHE A 6  ? 0.4495 0.7037 0.6662 0.0367  0.0146  0.0419  6  PHE A C   
24  O  O   . PHE A 6  ? 0.4365 0.7425 0.6805 0.0245  0.0231  0.0614  6  PHE A O   
25  C  CB  . PHE A 6  ? 0.4867 0.6750 0.6469 0.0308  0.0069  0.0323  6  PHE A CB  
26  C  CG  . PHE A 6  ? 0.5454 0.7136 0.6666 0.0393  0.0018  0.0160  6  PHE A CG  
27  C  CD1 . PHE A 6  ? 0.5782 0.6903 0.6707 0.0509  -0.0096 -0.0049 6  PHE A CD1 
28  C  CD2 . PHE A 6  ? 0.5656 0.7695 0.6780 0.0350  0.0061  0.0219  6  PHE A CD2 
29  C  CE1 . PHE A 6  ? 0.6223 0.7114 0.6824 0.0576  -0.0177 -0.0221 6  PHE A CE1 
30  C  CE2 . PHE A 6  ? 0.6122 0.7987 0.6892 0.0436  -0.0011 0.0027  6  PHE A CE2 
31  C  CZ  . PHE A 6  ? 0.6397 0.7673 0.6927 0.0549  -0.0136 -0.0208 6  PHE A CZ  
32  N  N   . GLY A 7  ? 0.4472 0.6645 0.6702 0.0379  0.0066  0.0360  7  GLY A N   
33  C  CA  . GLY A 7  ? 0.4292 0.6662 0.6939 0.0285  0.0062  0.0460  7  GLY A CA  
34  C  C   . GLY A 7  ? 0.4238 0.6265 0.7033 0.0090  0.0011  0.0547  7  GLY A C   
35  O  O   . GLY A 7  ? 0.4274 0.5878 0.6820 0.0053  -0.0017 0.0499  7  GLY A O   
36  N  N   . ILE A 8  ? 0.4176 0.6415 0.7411 -0.0035 -0.0007 0.0657  8  ILE A N   
37  C  CA  . ILE A 8  ? 0.4295 0.6255 0.7728 -0.0178 -0.0073 0.0680  8  ILE A CA  
38  C  C   . ILE A 8  ? 0.4407 0.6001 0.7618 -0.0082 -0.0137 0.0485  8  ILE A C   
39  O  O   . ILE A 8  ? 0.4626 0.6282 0.7818 0.0047  -0.0180 0.0385  8  ILE A O   
40  C  CB  . ILE A 8  ? 0.4333 0.6562 0.8320 -0.0325 -0.0120 0.0818  8  ILE A CB  
41  C  CG1 . ILE A 8  ? 0.4337 0.6868 0.8506 -0.0475 -0.0071 0.1086  8  ILE A CG1 
42  C  CG2 . ILE A 8  ? 0.4348 0.6277 0.8552 -0.0406 -0.0221 0.0744  8  ILE A CG2 
43  C  CD1 . ILE A 8  ? 0.4335 0.7071 0.9070 -0.0665 -0.0146 0.1281  8  ILE A CD1 
44  N  N   . GLY A 9  ? 0.4283 0.5538 0.7319 -0.0148 -0.0143 0.0441  9  GLY A N   
45  C  CA  . GLY A 9  ? 0.4296 0.5244 0.7072 -0.0100 -0.0185 0.0298  9  GLY A CA  
46  C  C   . GLY A 9  ? 0.4465 0.5088 0.6725 -0.0025 -0.0176 0.0256  9  GLY A C   
47  O  O   . GLY A 9  ? 0.4645 0.4974 0.6615 -0.0020 -0.0211 0.0191  9  GLY A O   
48  N  N   . GLN A 10 ? 0.4393 0.5066 0.6529 0.0025  -0.0143 0.0294  10 GLN A N   
49  C  CA  . GLN A 10 ? 0.4626 0.4943 0.6311 0.0100  -0.0172 0.0231  10 GLN A CA  
50  C  C   . GLN A 10 ? 0.4479 0.4568 0.6037 -0.0076 -0.0143 0.0265  10 GLN A C   
51  O  O   . GLN A 10 ? 0.4092 0.4393 0.5885 -0.0191 -0.0093 0.0337  10 GLN A O   
52  C  CB  . GLN A 10 ? 0.4859 0.5366 0.6468 0.0263  -0.0167 0.0189  10 GLN A CB  
53  C  CG  . GLN A 10 ? 0.5391 0.5484 0.6571 0.0346  -0.0235 0.0088  10 GLN A CG  
54  C  CD  . GLN A 10 ? 0.5622 0.5948 0.6724 0.0548  -0.0237 -0.0023 10 GLN A CD  
55  O  OE1 . GLN A 10 ? 0.5394 0.6268 0.6752 0.0601  -0.0156 0.0007  10 GLN A OE1 
56  N  NE2 . GLN A 10 ? 0.6052 0.5984 0.6808 0.0653  -0.0336 -0.0160 10 GLN A NE2 
57  N  N   . GLN A 11 ? 0.4889 0.4555 0.6090 -0.0110 -0.0187 0.0229  11 GLN A N   
58  C  CA  . GLN A 11 ? 0.5129 0.4604 0.6212 -0.0293 -0.0164 0.0253  11 GLN A CA  
59  C  C   . GLN A 11 ? 0.5448 0.4848 0.6382 -0.0247 -0.0200 0.0218  11 GLN A C   
60  O  O   . GLN A 11 ? 0.5915 0.5112 0.6605 -0.0078 -0.0281 0.0136  11 GLN A O   
61  C  CB  . GLN A 11 ? 0.5503 0.4579 0.6262 -0.0394 -0.0199 0.0265  11 GLN A CB  
62  C  CG  . GLN A 11 ? 0.5483 0.4694 0.6335 -0.0452 -0.0156 0.0273  11 GLN A CG  
63  C  CD  . GLN A 11 ? 0.5934 0.4830 0.6421 -0.0596 -0.0166 0.0327  11 GLN A CD  
64  O  OE1 . GLN A 11 ? 0.6475 0.4935 0.6599 -0.0585 -0.0264 0.0378  11 GLN A OE1 
65  N  NE2 . GLN A 11 ? 0.5743 0.4867 0.6329 -0.0737 -0.0075 0.0315  11 GLN A NE2 
66  N  N   . VAL A 12 ? 0.5200 0.4779 0.6289 -0.0373 -0.0159 0.0253  12 VAL A N   
67  C  CA  . VAL A 12 ? 0.5332 0.4902 0.6274 -0.0334 -0.0202 0.0201  12 VAL A CA  
68  C  C   . VAL A 12 ? 0.5543 0.4962 0.6448 -0.0539 -0.0224 0.0202  12 VAL A C   
69  O  O   . VAL A 12 ? 0.5477 0.4926 0.6547 -0.0710 -0.0175 0.0255  12 VAL A O   
70  C  CB  . VAL A 12 ? 0.4923 0.4985 0.6086 -0.0263 -0.0154 0.0260  12 VAL A CB  
71  C  CG1 . VAL A 12 ? 0.4859 0.5147 0.6063 -0.0067 -0.0130 0.0241  12 VAL A CG1 
72  C  CG2 . VAL A 12 ? 0.4364 0.4692 0.5911 -0.0417 -0.0105 0.0399  12 VAL A CG2 
73  N  N   . ARG A 13 ? 0.5806 0.5112 0.6516 -0.0514 -0.0302 0.0115  13 ARG A N   
74  C  CA  . ARG A 13 ? 0.5916 0.5151 0.6641 -0.0712 -0.0341 0.0104  13 ARG A CA  
75  C  C   . ARG A 13 ? 0.5809 0.5373 0.6585 -0.0667 -0.0373 0.0083  13 ARG A C   
76  O  O   . ARG A 13 ? 0.5890 0.5623 0.6542 -0.0477 -0.0381 0.0031  13 ARG A O   
77  C  CB  . ARG A 13 ? 0.6499 0.5190 0.6914 -0.0789 -0.0457 0.0014  13 ARG A CB  
78  C  CG  . ARG A 13 ? 0.6768 0.5170 0.7127 -0.0938 -0.0425 0.0104  13 ARG A CG  
79  C  CD  . ARG A 13 ? 0.7338 0.5272 0.7492 -0.1153 -0.0530 0.0096  13 ARG A CD  
80  N  NE  . ARG A 13 ? 0.7599 0.5309 0.7650 -0.1320 -0.0487 0.0231  13 ARG A NE  
81  C  CZ  . ARG A 13 ? 0.7431 0.5383 0.7653 -0.1574 -0.0365 0.0323  13 ARG A CZ  
82  N  NH1 . ARG A 13 ? 0.7083 0.5474 0.7637 -0.1674 -0.0297 0.0285  13 ARG A NH1 
83  N  NH2 . ARG A 13 ? 0.7654 0.5450 0.7716 -0.1718 -0.0318 0.0449  13 ARG A NH2 
84  N  N   . HIS A 14 ? 0.5679 0.5392 0.6643 -0.0838 -0.0389 0.0124  14 HIS A N   
85  C  CA  . HIS A 14 ? 0.5777 0.5771 0.6742 -0.0815 -0.0456 0.0113  14 HIS A CA  
86  C  C   . HIS A 14 ? 0.6141 0.5847 0.6754 -0.0770 -0.0582 -0.0086 14 HIS A C   
87  O  O   . HIS A 14 ? 0.6135 0.5473 0.6680 -0.0921 -0.0656 -0.0166 14 HIS A O   
88  C  CB  . HIS A 14 ? 0.5710 0.5920 0.6997 -0.0992 -0.0477 0.0190  14 HIS A CB  
89  C  CG  . HIS A 14 ? 0.5888 0.6455 0.7220 -0.0952 -0.0555 0.0248  14 HIS A CG  
90  N  ND1 . HIS A 14 ? 0.6375 0.6943 0.7413 -0.0906 -0.0666 0.0123  14 HIS A ND1 
91  C  CD2 . HIS A 14 ? 0.5711 0.6629 0.7328 -0.0949 -0.0562 0.0427  14 HIS A CD2 
92  C  CE1 . HIS A 14 ? 0.6320 0.7271 0.7424 -0.0882 -0.0724 0.0236  14 HIS A CE1 
93  N  NE2 . HIS A 14 ? 0.5903 0.7044 0.7364 -0.0914 -0.0670 0.0443  14 HIS A NE2 
94  N  N   . SER A 15 ? 0.6508 0.6399 0.6905 -0.0569 -0.0612 -0.0175 15 SER A N   
95  C  CA  . SER A 15 ? 0.7115 0.6739 0.7170 -0.0460 -0.0754 -0.0433 15 SER A CA  
96  C  C   . SER A 15 ? 0.7527 0.7016 0.7565 -0.0639 -0.0901 -0.0530 15 SER A C   
97  O  O   . SER A 15 ? 0.7944 0.7012 0.7772 -0.0640 -0.1055 -0.0743 15 SER A O   
98  C  CB  . SER A 15 ? 0.7156 0.7197 0.7012 -0.0206 -0.0735 -0.0528 15 SER A CB  
99  O  OG  . SER A 15 ? 0.7112 0.7299 0.7003 -0.0040 -0.0612 -0.0474 15 SER A OG  
100 N  N   . LEU A 16 ? 0.7436 0.7275 0.7730 -0.0787 -0.0880 -0.0380 16 LEU A N   
101 C  CA  . LEU A 16 ? 0.7815 0.7652 0.8153 -0.0951 -0.1029 -0.0469 16 LEU A CA  
102 C  C   . LEU A 16 ? 0.8013 0.7673 0.8653 -0.1229 -0.1012 -0.0393 16 LEU A C   
103 O  O   . LEU A 16 ? 0.8434 0.7752 0.9025 -0.1396 -0.1126 -0.0519 16 LEU A O   
104 C  CB  . LEU A 16 ? 0.7591 0.7980 0.8010 -0.0914 -0.1058 -0.0365 16 LEU A CB  
105 C  CG  . LEU A 16 ? 0.7957 0.8426 0.8190 -0.0925 -0.1259 -0.0558 16 LEU A CG  
106 C  CD1 . LEU A 16 ? 0.8303 0.8635 0.8094 -0.0708 -0.1330 -0.0827 16 LEU A CD1 
107 C  CD2 . LEU A 16 ? 0.7784 0.8798 0.8116 -0.0914 -0.1302 -0.0388 16 LEU A CD2 
108 N  N   . LEU A 17 ? 0.7679 0.7599 0.8647 -0.1285 -0.0875 -0.0198 17 LEU A N   
109 C  CA  . LEU A 17 ? 0.7585 0.7514 0.8879 -0.1527 -0.0830 -0.0146 17 LEU A CA  
110 C  C   . LEU A 17 ? 0.7722 0.7263 0.8930 -0.1626 -0.0734 -0.0124 17 LEU A C   
111 O  O   . LEU A 17 ? 0.7862 0.7332 0.9212 -0.1872 -0.0715 -0.0117 17 LEU A O   
112 C  CB  . LEU A 17 ? 0.7181 0.7563 0.8882 -0.1509 -0.0751 0.0005  17 LEU A CB  
113 C  CG  . LEU A 17 ? 0.7065 0.7844 0.8972 -0.1494 -0.0878 0.0036  17 LEU A CG  
114 C  CD1 . LEU A 17 ? 0.7349 0.8089 0.9217 -0.1646 -0.1035 -0.0122 17 LEU A CD1 
115 C  CD2 . LEU A 17 ? 0.7106 0.8062 0.8814 -0.1286 -0.0914 0.0134  17 LEU A CD2 
116 N  N   . GLY A 18 ? 0.7685 0.7028 0.8669 -0.1443 -0.0676 -0.0102 18 GLY A N   
117 C  CA  . GLY A 18 ? 0.7704 0.6644 0.8536 -0.1505 -0.0624 -0.0068 18 GLY A CA  
118 C  C   . GLY A 18 ? 0.7227 0.6362 0.8290 -0.1586 -0.0459 0.0063  18 GLY A C   
119 O  O   . GLY A 18 ? 0.7452 0.6323 0.8399 -0.1716 -0.0416 0.0114  18 GLY A O   
120 N  N   . TYR A 19 ? 0.6561 0.6150 0.7942 -0.1509 -0.0383 0.0117  19 TYR A N   
121 C  CA  . TYR A 19 ? 0.5971 0.5764 0.7595 -0.1540 -0.0249 0.0182  19 TYR A CA  
122 C  C   . TYR A 19 ? 0.6022 0.5649 0.7468 -0.1374 -0.0195 0.0222  19 TYR A C   
123 O  O   . TYR A 19 ? 0.6162 0.5692 0.7432 -0.1189 -0.0242 0.0214  19 TYR A O   
124 C  CB  . TYR A 19 ? 0.5190 0.5453 0.7252 -0.1490 -0.0237 0.0207  19 TYR A CB  
125 C  CG  . TYR A 19 ? 0.4939 0.5441 0.7256 -0.1646 -0.0294 0.0156  19 TYR A CG  
126 C  CD1 . TYR A 19 ? 0.4902 0.5464 0.7321 -0.1872 -0.0231 0.0104  19 TYR A CD1 
127 C  CD2 . TYR A 19 ? 0.4795 0.5516 0.7257 -0.1576 -0.0414 0.0171  19 TYR A CD2 
128 C  CE1 . TYR A 19 ? 0.4831 0.5685 0.7540 -0.2019 -0.0286 0.0040  19 TYR A CE1 
129 C  CE2 . TYR A 19 ? 0.4699 0.5666 0.7420 -0.1702 -0.0495 0.0112  19 TYR A CE2 
130 C  CZ  . TYR A 19 ? 0.4675 0.5721 0.7546 -0.1920 -0.0429 0.0032  19 TYR A CZ  
131 O  OH  . TYR A 19 ? 0.4699 0.6062 0.7884 -0.2050 -0.0510 -0.0043 19 TYR A OH  
132 N  N   . LEU A 20 ? 0.6656 0.5876 0.5358 -0.1088 -0.1194 0.0568  20 LEU A N   
133 C  CA  . LEU A 20 ? 0.6444 0.5198 0.5279 -0.0642 -0.1092 0.0209  20 LEU A CA  
134 C  C   . LEU A 20 ? 0.5983 0.4864 0.5062 -0.0387 -0.1163 0.0310  20 LEU A C   
135 O  O   . LEU A 20 ? 0.5847 0.5006 0.5034 -0.0226 -0.1254 0.0713  20 LEU A O   
136 C  CB  . LEU A 20 ? 0.6557 0.5030 0.5501 -0.0181 -0.1054 0.0202  20 LEU A CB  
137 C  CG  . LEU A 20 ? 0.6604 0.4677 0.5679 0.0321  -0.1004 -0.0135 20 LEU A CG  
138 C  CD1 . LEU A 20 ? 0.6883 0.4666 0.5822 0.0155  -0.0835 -0.0568 20 LEU A CD1 
139 C  CD2 . LEU A 20 ? 0.6640 0.4505 0.5755 0.0820  -0.0983 -0.0044 20 LEU A CD2 
140 N  N   . GLY A 21 ? 0.5740 0.4398 0.4906 -0.0347 -0.1097 -0.0027 21 GLY A N   
141 C  CA  . GLY A 21 ? 0.5438 0.4129 0.4840 -0.0196 -0.1161 0.0033  21 GLY A CA  
142 C  C   . GLY A 21 ? 0.5407 0.3823 0.5050 -0.0022 -0.1136 -0.0348 21 GLY A C   
143 O  O   . GLY A 21 ? 0.5343 0.3598 0.4968 0.0029  -0.1038 -0.0641 21 GLY A O   
144 N  N   . VAL A 22 ? 0.5684 0.4056 0.5563 0.0066  -0.1221 -0.0317 22 VAL A N   
145 C  CA  . VAL A 22 ? 0.6030 0.4257 0.6244 0.0168  -0.1258 -0.0627 22 VAL A CA  
146 C  C   . VAL A 22 ? 0.6172 0.4547 0.6635 -0.0118 -0.1208 -0.0565 22 VAL A C   
147 O  O   . VAL A 22 ? 0.6456 0.4808 0.6868 -0.0161 -0.1247 -0.0294 22 VAL A O   
148 C  CB  . VAL A 22 ? 0.6162 0.4046 0.6439 0.0604  -0.1479 -0.0705 22 VAL A CB  
149 C  CG1 . VAL A 22 ? 0.6144 0.3988 0.6816 0.0627  -0.1588 -0.1010 22 VAL A CG1 
150 C  CG2 . VAL A 22 ? 0.6244 0.3988 0.6282 0.0951  -0.1488 -0.0727 22 VAL A CG2 
151 N  N   . VAL A 23 ? 0.5900 0.4426 0.6635 -0.0276 -0.1084 -0.0771 23 VAL A N   
152 C  CA  . VAL A 23 ? 0.5627 0.4326 0.6678 -0.0537 -0.0998 -0.0685 23 VAL A CA  
153 C  C   . VAL A 23 ? 0.5613 0.4103 0.7047 -0.0445 -0.1218 -0.0711 23 VAL A C   
154 O  O   . VAL A 23 ? 0.5394 0.3807 0.7099 -0.0273 -0.1387 -0.0954 23 VAL A O   
155 C  CB  . VAL A 23 ? 0.5391 0.4346 0.6665 -0.0676 -0.0762 -0.0849 23 VAL A CB  
156 C  CG1 . VAL A 23 ? 0.5404 0.4578 0.7086 -0.0919 -0.0649 -0.0702 23 VAL A CG1 
157 C  CG2 . VAL A 23 ? 0.5424 0.4396 0.6149 -0.0796 -0.0533 -0.0864 23 VAL A CG2 
158 N  N   . VAL A 24 ? 0.5831 0.4198 0.7245 -0.0567 -0.1220 -0.0459 24 VAL A N   
159 C  CA  . VAL A 24 ? 0.6105 0.4076 0.7738 -0.0520 -0.1423 -0.0485 24 VAL A CA  
160 C  C   . VAL A 24 ? 0.6142 0.4250 0.8266 -0.0864 -0.1314 -0.0404 24 VAL A C   
161 O  O   . VAL A 24 ? 0.6488 0.4308 0.8934 -0.0943 -0.1496 -0.0495 24 VAL A O   
162 C  CB  . VAL A 24 ? 0.6421 0.3938 0.7579 -0.0304 -0.1485 -0.0229 24 VAL A CB  
163 C  CG1 . VAL A 24 ? 0.6321 0.3836 0.7053 0.0020  -0.1527 -0.0202 24 VAL A CG1 
164 C  CG2 . VAL A 24 ? 0.6433 0.4112 0.7479 -0.0497 -0.1249 0.0163  24 VAL A CG2 
165 N  N   . ASP A 25 ? 0.5951 0.4476 0.8108 -0.1082 -0.1018 -0.0225 25 ASP A N   
166 C  CA  . ASP A 25 ? 0.5995 0.4725 0.8645 -0.1380 -0.0842 -0.0094 25 ASP A CA  
167 C  C   . ASP A 25 ? 0.5574 0.4785 0.8122 -0.1520 -0.0496 0.0033  25 ASP A C   
168 O  O   . ASP A 25 ? 0.5333 0.4627 0.7322 -0.1454 -0.0420 0.0055  25 ASP A O   
169 C  CB  . ASP A 25 ? 0.6663 0.4993 0.9254 -0.1462 -0.0829 0.0187  25 ASP A CB  
170 C  CG  . ASP A 25 ? 0.7272 0.5691 1.0504 -0.1777 -0.0704 0.0295  25 ASP A CG  
171 O  OD1 . ASP A 25 ? 0.7273 0.5995 1.1107 -0.1908 -0.0766 0.0105  25 ASP A OD1 
172 O  OD2 . ASP A 25 ? 0.7791 0.6018 1.0957 -0.1884 -0.0526 0.0612  25 ASP A OD2 
173 N  N   . ILE A 26 ? 0.5651 0.5154 0.8715 -0.1725 -0.0288 0.0125  26 ILE A N   
174 C  CA  . ILE A 26 ? 0.5743 0.5633 0.8658 -0.1815 0.0082  0.0249  26 ILE A CA  
175 C  C   . ILE A 26 ? 0.6105 0.6132 0.9327 -0.2023 0.0335  0.0596  26 ILE A C   
176 O  O   . ILE A 26 ? 0.6277 0.6259 1.0170 -0.2161 0.0274  0.0663  26 ILE A O   
177 C  CB  . ILE A 26 ? 0.5607 0.5814 0.8846 -0.1741 0.0206  0.0033  26 ILE A CB  
178 C  CG1 . ILE A 26 ? 0.5356 0.5386 0.8323 -0.1501 -0.0020 -0.0289 26 ILE A CG1 
179 C  CG2 . ILE A 26 ? 0.5886 0.6331 0.8762 -0.1767 0.0630  0.0143  26 ILE A CG2 
180 C  CD1 . ILE A 26 ? 0.5280 0.5598 0.8568 -0.1350 0.0107  -0.0472 26 ILE A CD1 
181 N  N   . ASP A 27 ? 0.6337 0.6512 0.9041 -0.2060 0.0608  0.0822  27 ASP A N   
182 C  CA  . ASP A 27 ? 0.6780 0.7102 0.9691 -0.2202 0.0906  0.1197  27 ASP A CA  
183 C  C   . ASP A 27 ? 0.7029 0.7736 0.9880 -0.2214 0.1307  0.1272  27 ASP A C   
184 O  O   . ASP A 27 ? 0.7135 0.7885 0.9210 -0.2153 0.1425  0.1221  27 ASP A O   
185 C  CB  . ASP A 27 ? 0.7059 0.7254 0.9371 -0.2180 0.0918  0.1497  27 ASP A CB  
186 C  CG  . ASP A 27 ? 0.7241 0.6981 0.9650 -0.2119 0.0652  0.1552  27 ASP A CG  
187 O  OD1 . ASP A 27 ? 0.7350 0.6815 1.0355 -0.2186 0.0511  0.1425  27 ASP A OD1 
188 O  OD2 . ASP A 27 ? 0.7355 0.7011 0.9213 -0.1998 0.0586  0.1742  27 ASP A OD2 
189 N  N   . PRO A 28 ? 0.7266 0.8235 1.0917 -0.2298 0.1523  0.1409  28 PRO A N   
190 C  CA  . PRO A 28 ? 0.7546 0.8896 1.1244 -0.2242 0.1974  0.1544  28 PRO A CA  
191 C  C   . PRO A 28 ? 0.8113 0.9532 1.1297 -0.2251 0.2334  0.1909  28 PRO A C   
192 O  O   . PRO A 28 ? 0.8134 0.9374 1.1044 -0.2315 0.2235  0.2099  28 PRO A O   
193 C  CB  . PRO A 28 ? 0.7494 0.9183 1.2399 -0.2362 0.2032  0.1673  28 PRO A CB  
194 C  CG  . PRO A 28 ? 0.7197 0.8610 1.2546 -0.2485 0.1526  0.1453  28 PRO A CG  
195 C  CD  . PRO A 28 ? 0.7190 0.8095 1.1776 -0.2461 0.1325  0.1438  28 PRO A CD  
196 N  N   . VAL A 29 ? 0.8598 1.0274 1.1622 -0.2137 0.2773  0.2031  29 VAL A N   
197 C  CA  . VAL A 29 ? 0.9148 1.0927 1.1662 -0.2096 0.3172  0.2394  29 VAL A CA  
198 C  C   . VAL A 29 ? 0.9460 1.1018 1.0875 -0.2107 0.3001  0.2376  29 VAL A C   
199 O  O   . VAL A 29 ? 0.9658 1.1035 1.0214 -0.2066 0.2866  0.2069  29 VAL A O   
200 C  CB  . VAL A 29 ? 0.9166 1.1137 1.2559 -0.2223 0.3376  0.2857  29 VAL A CB  
201 C  CG1 . VAL A 29 ? 0.9727 1.1818 1.2544 -0.2119 0.3819  0.3265  29 VAL A CG1 
202 C  CG2 . VAL A 29 ? 0.7842 1.0172 1.2427 -0.2279 0.3529  0.2942  29 VAL A CG2 
203 N  N   . ALA A 48 ? 1.3433 1.3444 0.8979 -0.1879 0.3423  0.1073  48 ALA A N   
204 C  CA  . ALA A 48 ? 1.3087 1.3196 0.9564 -0.1605 0.3776  0.1110  48 ALA A CA  
205 C  C   . ALA A 48 ? 1.1995 1.2188 0.9478 -0.1627 0.3461  0.0908  48 ALA A C   
206 O  O   . ALA A 48 ? 1.1611 1.2119 1.0149 -0.1472 0.3631  0.1034  48 ALA A O   
207 C  CB  . ALA A 48 ? 1.4137 1.3768 0.9728 -0.1330 0.4270  0.0949  48 ALA A CB  
208 N  N   . ALA A 49 ? 1.1524 1.1470 0.8683 -0.1813 0.3003  0.0615  49 ALA A N   
209 C  CA  . ALA A 49 ? 1.0500 1.0504 0.8526 -0.1791 0.2703  0.0438  49 ALA A CA  
210 C  C   . ALA A 49 ? 0.9660 1.0019 0.8483 -0.1939 0.2342  0.0658  49 ALA A C   
211 O  O   . ALA A 49 ? 0.9809 1.0334 0.8412 -0.2068 0.2294  0.0926  49 ALA A O   
212 C  CB  . ALA A 49 ? 1.0538 1.0043 0.7854 -0.1852 0.2460  0.0032  49 ALA A CB  
213 N  N   . PRO A 50 ? 0.8817 0.9240 0.8477 -0.1891 0.2096  0.0544  50 PRO A N   
214 C  CA  . PRO A 50 ? 0.8107 0.8700 0.8450 -0.1990 0.1777  0.0720  50 PRO A CA  
215 C  C   . PRO A 50 ? 0.7798 0.8218 0.7712 -0.2078 0.1371  0.0638  50 PRO A C   
216 O  O   . PRO A 50 ? 0.7814 0.8006 0.7064 -0.2098 0.1275  0.0391  50 PRO A O   
217 C  CB  . PRO A 50 ? 0.7625 0.8312 0.8936 -0.1886 0.1685  0.0591  50 PRO A CB  
218 C  CG  . PRO A 50 ? 0.7777 0.8294 0.8747 -0.1713 0.1789  0.0277  50 PRO A CG  
219 C  CD  . PRO A 50 ? 0.8560 0.8919 0.8612 -0.1692 0.2168  0.0296  50 PRO A CD  
220 N  N   . TRP A 51 ? 0.8588 0.7023 0.6245 0.1444  0.2066  0.1771  51 TRP A N   
221 C  CA  . TRP A 51 ? 0.8276 0.6608 0.5751 0.1208  0.1605  0.1500  51 TRP A CA  
222 C  C   . TRP A 51 ? 0.7290 0.5921 0.5580 0.1127  0.1362  0.1430  51 TRP A C   
223 O  O   . TRP A 51 ? 0.6855 0.5903 0.5995 0.1185  0.1425  0.1596  51 TRP A O   
224 C  CB  . TRP A 51 ? 0.8636 0.7085 0.5989 0.1080  0.1374  0.1587  51 TRP A CB  
225 C  CG  . TRP A 51 ? 0.9825 0.7995 0.6186 0.1204  0.1509  0.1597  51 TRP A CG  
226 C  CD1 . TRP A 51 ? 1.0667 0.8753 0.6721 0.1439  0.1920  0.1882  51 TRP A CD1 
227 C  CD2 . TRP A 51 ? 1.0364 0.8359 0.5896 0.1119  0.1225  0.1292  51 TRP A CD2 
228 N  NE1 . TRP A 51 ? 1.1645 0.9471 0.6615 0.1558  0.1892  0.1771  51 TRP A NE1 
229 C  CE2 . TRP A 51 ? 1.1441 0.9244 0.6112 0.1348  0.1435  0.1380  51 TRP A CE2 
230 C  CE3 . TRP A 51 ? 1.0160 0.8205 0.5629 0.0868  0.0823  0.0946  51 TRP A CE3 
231 C  CZ2 . TRP A 51 ? 1.2053 0.9746 0.5796 0.1343  0.1185  0.1083  51 TRP A CZ2 
232 C  CZ3 . TRP A 51 ? 1.0759 0.8740 0.5435 0.0807  0.0606  0.0661  51 TRP A CZ3 
233 C  CH2 . TRP A 51 ? 1.1712 0.9533 0.5529 0.1046  0.0751  0.0706  51 TRP A CH2 
234 N  N   . TYR A 52 ? 0.7106 0.5554 0.5137 0.0991  0.1090  0.1171  52 TYR A N   
235 C  CA  . TYR A 52 ? 0.6569 0.5249 0.5181 0.0972  0.0865  0.1104  52 TYR A CA  
236 C  C   . TYR A 52 ? 0.6248 0.5154 0.5070 0.0761  0.0467  0.1015  52 TYR A C   
237 O  O   . TYR A 52 ? 0.6498 0.5261 0.4826 0.0596  0.0329  0.0876  52 TYR A O   
238 C  CB  . TYR A 52 ? 0.6903 0.5136 0.5059 0.1060  0.0971  0.0935  52 TYR A CB  
239 C  CG  . TYR A 52 ? 0.7481 0.5524 0.5529 0.1379  0.1352  0.1027  52 TYR A CG  
240 C  CD1 . TYR A 52 ? 0.7286 0.5599 0.5857 0.1650  0.1385  0.1107  52 TYR A CD1 
241 C  CD2 . TYR A 52 ? 0.8046 0.5681 0.5434 0.1469  0.1669  0.1020  52 TYR A CD2 
242 C  CE1 . TYR A 52 ? 0.7629 0.5857 0.6134 0.2008  0.1733  0.1200  52 TYR A CE1 
243 C  CE2 . TYR A 52 ? 0.8587 0.6060 0.5858 0.1820  0.2048  0.1106  52 TYR A CE2 
244 C  CZ  . TYR A 52 ? 0.8301 0.6092 0.6165 0.2094  0.2085  0.1207  52 TYR A CZ  
245 O  OH  . TYR A 52 ? 0.8705 0.6415 0.6482 0.2510  0.2465  0.1303  52 TYR A OH  
246 N  N   . HIS A 53 ? 0.5721 0.5028 0.5296 0.0787  0.0272  0.1065  53 HIS A N   
247 C  CA  . HIS A 53 ? 0.5410 0.4907 0.5173 0.0673  -0.0087 0.0948  53 HIS A CA  
248 C  C   . HIS A 53 ? 0.5694 0.5111 0.5337 0.0740  -0.0150 0.0803  53 HIS A C   
249 O  O   . HIS A 53 ? 0.5658 0.5209 0.5631 0.0942  -0.0126 0.0824  53 HIS A O   
250 C  CB  . HIS A 53 ? 0.5019 0.4884 0.5567 0.0679  -0.0272 0.1025  53 HIS A CB  
251 C  CG  . HIS A 53 ? 0.5396 0.5228 0.6048 0.0608  -0.0167 0.1225  53 HIS A CG  
252 N  ND1 . HIS A 53 ? 0.5463 0.5238 0.5918 0.0540  -0.0342 0.1251  53 HIS A ND1 
253 C  CD2 . HIS A 53 ? 0.5724 0.5566 0.6634 0.0632  0.0138  0.1445  53 HIS A CD2 
254 C  CE1 . HIS A 53 ? 0.5824 0.5484 0.6336 0.0543  -0.0147 0.1499  53 HIS A CE1 
255 N  NE2 . HIS A 53 ? 0.6038 0.5740 0.6845 0.0573  0.0165  0.1626  53 HIS A NE2 
256 N  N   . VAL A 54 ? 0.6058 0.5286 0.5234 0.0586  -0.0217 0.0666  54 VAL A N   
257 C  CA  . VAL A 54 ? 0.6423 0.5473 0.5413 0.0630  -0.0190 0.0580  54 VAL A CA  
258 C  C   . VAL A 54 ? 0.6398 0.5669 0.5407 0.0477  -0.0419 0.0475  54 VAL A C   
259 O  O   . VAL A 54 ? 0.6624 0.5987 0.5471 0.0253  -0.0506 0.0392  54 VAL A O   
260 C  CB  . VAL A 54 ? 0.7665 0.6090 0.6004 0.0578  0.0131  0.0522  54 VAL A CB  
261 C  CG1 . VAL A 54 ? 0.8006 0.6280 0.5917 0.0254  0.0116  0.0365  54 VAL A CG1 
262 C  CG2 . VAL A 54 ? 0.7923 0.6021 0.6045 0.0673  0.0251  0.0514  54 VAL A CG2 
263 N  N   . VAL A 55 ? 0.6164 0.5595 0.5370 0.0648  -0.0525 0.0476  55 VAL A N   
264 C  CA  . VAL A 55 ? 0.6091 0.5725 0.5273 0.0563  -0.0658 0.0398  55 VAL A CA  
265 C  C   . VAL A 55 ? 0.6544 0.5753 0.5257 0.0405  -0.0380 0.0371  55 VAL A C   
266 O  O   . VAL A 55 ? 0.6901 0.5693 0.5361 0.0581  -0.0152 0.0453  55 VAL A O   
267 C  CB  . VAL A 55 ? 0.5849 0.5795 0.5329 0.0857  -0.0865 0.0399  55 VAL A CB  
268 C  CG1 . VAL A 55 ? 0.5877 0.5971 0.5209 0.0824  -0.0888 0.0353  55 VAL A CG1 
269 C  CG2 . VAL A 55 ? 0.5387 0.5683 0.5383 0.0924  -0.1154 0.0367  55 VAL A CG2 
270 N  N   . MSE A 56 ? 0.6606 0.5928 0.5228 0.0078  -0.0390 0.0257  56 MSE A N   
271 C  CA  . MSE A 56 ? 0.7262 0.6127 0.5510 -0.0212 -0.0104 0.0179  56 MSE A CA  
272 C  C   . MSE A 56 ? 0.7227 0.6499 0.5642 -0.0478 -0.0144 0.0091  56 MSE A C   
273 O  O   . MSE A 56 ? 0.6762 0.6658 0.5464 -0.0567 -0.0415 0.0000  56 MSE A O   
274 C  CB  . MSE A 56 ? 0.7545 0.6092 0.5500 -0.0443 -0.0031 0.0043  56 MSE A CB  
275 C  CG  . MSE A 56 ? 0.8219 0.6186 0.5778 -0.0807 0.0245  -0.0123 56 MSE A CG  
276 SE SE  . MSE A 56 ? 1.0055 0.7519 0.7080 -0.0949 0.0312  -0.0339 56 MSE A SE  
277 C  CE  . MSE A 56 ? 1.1266 0.8150 0.8088 -0.0394 0.0590  -0.0060 56 MSE A CE  
278 N  N   . GLU A 57 ? 0.7732 0.6662 0.5974 -0.0574 0.0159  0.0145  57 GLU A N   
279 C  CA  . GLU A 57 ? 0.7838 0.7201 0.6315 -0.0845 0.0206  0.0091  57 GLU A CA  
280 C  C   . GLU A 57 ? 0.8267 0.7649 0.6783 -0.1412 0.0259  -0.0165 57 GLU A C   
281 O  O   . GLU A 57 ? 0.9062 0.7695 0.7228 -0.1656 0.0521  -0.0249 57 GLU A O   
282 C  CB  . GLU A 57 ? 0.8428 0.7407 0.6698 -0.0717 0.0571  0.0297  57 GLU A CB  
283 C  CG  . GLU A 57 ? 0.8347 0.7552 0.6607 -0.0142 0.0436  0.0482  57 GLU A CG  
284 C  CD  . GLU A 57 ? 0.9250 0.8161 0.7214 0.0041  0.0798  0.0707  57 GLU A CD  
285 O  OE1 . GLU A 57 ? 0.9987 0.8482 0.7820 -0.0328 0.1205  0.0750  57 GLU A OE1 
286 O  OE2 . GLU A 57 ? 0.9268 0.8340 0.7111 0.0554  0.0688  0.0833  57 GLU A OE2 
287 N  N   . ASP A 58 ? 0.6727 0.6830 0.8069 -0.0089 0.0329  -0.0207 58 ASP A N   
288 C  CA  . ASP A 58 ? 0.6999 0.7616 0.8691 -0.0142 0.0157  -0.0508 58 ASP A CA  
289 C  C   . ASP A 58 ? 0.7445 0.8207 0.9585 -0.0521 0.0325  -0.0748 58 ASP A C   
290 O  O   . ASP A 58 ? 0.7614 0.7844 0.9630 -0.0756 0.0581  -0.0670 58 ASP A O   
291 C  CB  . ASP A 58 ? 0.6794 0.8049 0.8678 0.0162  -0.0037 -0.0532 58 ASP A CB  
292 C  CG  . ASP A 58 ? 0.6674 0.8121 0.8813 0.0216  0.0131  -0.0427 58 ASP A CG  
293 O  OD1 . ASP A 58 ? 0.6771 0.8181 0.9179 -0.0066 0.0358  -0.0488 58 ASP A OD1 
294 O  OD2 . ASP A 58 ? 0.6576 0.8161 0.8613 0.0548  0.0072  -0.0280 58 ASP A OD2 
295 N  N   . ASP A 59 ? 0.7778 0.9282 1.0430 -0.0570 0.0185  -0.1042 59 ASP A N   
296 C  CA  . ASP A 59 ? 0.8265 1.0069 1.1476 -0.0961 0.0362  -0.1330 59 ASP A CA  
297 C  C   . ASP A 59 ? 0.8258 0.9879 1.1590 -0.1077 0.0693  -0.1169 59 ASP A C   
298 O  O   . ASP A 59 ? 0.8592 0.9657 1.1818 -0.1389 0.1001  -0.1143 59 ASP A O   
299 C  CB  . ASP A 59 ? 0.8448 1.1305 1.2274 -0.0920 0.0107  -0.1667 59 ASP A CB  
300 C  CG  . ASP A 59 ? 0.8966 1.2028 1.2873 -0.1132 -0.0077 -0.2037 59 ASP A CG  
301 O  OD1 . ASP A 59 ? 0.9357 1.1725 1.2736 -0.1163 -0.0066 -0.1973 59 ASP A OD1 
302 O  OD2 . ASP A 59 ? 0.9046 1.2999 1.3564 -0.1269 -0.0227 -0.2413 59 ASP A OD2 
303 N  N   . ASN A 60 ? 0.7951 0.9986 1.1445 -0.0805 0.0653  -0.1052 60 ASN A N   
304 C  CA  . ASN A 60 ? 0.7942 0.9896 1.1576 -0.0893 0.0972  -0.0942 60 ASN A CA  
305 C  C   . ASN A 60 ? 0.7622 0.8667 1.0599 -0.0940 0.1193  -0.0628 60 ASN A C   
306 O  O   . ASN A 60 ? 0.7840 0.8601 1.0801 -0.1165 0.1519  -0.0578 60 ASN A O   
307 C  CB  . ASN A 60 ? 0.8107 1.0623 1.1987 -0.0525 0.0881  -0.0877 60 ASN A CB  
308 C  CG  . ASN A 60 ? 0.8412 1.1923 1.2909 -0.0381 0.0598  -0.1154 60 ASN A CG  
309 O  OD1 . ASN A 60 ? 0.8672 1.2653 1.3688 -0.0691 0.0592  -0.1486 60 ASN A OD1 
310 N  ND2 . ASN A 60 ? 0.8408 1.2241 1.2831 0.0091  0.0368  -0.1029 60 ASN A ND2 
311 N  N   . GLY A 61 ? 0.7082 0.7715 0.9516 -0.0725 0.1017  -0.0427 61 GLY A N   
312 C  CA  . GLY A 61 ? 0.6838 0.6756 0.8682 -0.0728 0.1154  -0.0147 61 GLY A CA  
313 C  C   . GLY A 61 ? 0.6463 0.6346 0.8018 -0.0439 0.1086  0.0057  61 GLY A C   
314 O  O   . GLY A 61 ? 0.6531 0.5990 0.7680 -0.0459 0.1216  0.0247  61 GLY A O   
315 N  N   . LEU A 62 ? 0.6156 0.6472 0.7887 -0.0172 0.0892  0.0010  62 LEU A N   
316 C  CA  . LEU A 62 ? 0.6159 0.6355 0.7591 0.0096  0.0870  0.0190  62 LEU A CA  
317 C  C   . LEU A 62 ? 0.6223 0.6041 0.7190 0.0188  0.0735  0.0325  62 LEU A C   
318 O  O   . LEU A 62 ? 0.6300 0.6200 0.7258 0.0260  0.0543  0.0257  62 LEU A O   
319 C  CB  . LEU A 62 ? 0.6237 0.6945 0.7956 0.0399  0.0748  0.0131  62 LEU A CB  
320 C  CG  . LEU A 62 ? 0.6511 0.7576 0.8639 0.0448  0.0928  0.0073  62 LEU A CG  
321 C  CD1 . LEU A 62 ? 0.6438 0.7946 0.8745 0.0862  0.0775  0.0080  62 LEU A CD1 
322 C  CD2 . LEU A 62 ? 0.6753 0.7342 0.8575 0.0363  0.1222  0.0215  62 LEU A CD2 
323 N  N   . PRO A 63 ? 0.6220 0.5664 0.6815 0.0176  0.0843  0.0489  63 PRO A N   
324 C  CA  . PRO A 63 ? 0.6111 0.5306 0.6350 0.0272  0.0735  0.0600  63 PRO A CA  
325 C  C   . PRO A 63 ? 0.6047 0.5368 0.6241 0.0536  0.0650  0.0616  63 PRO A C   
326 O  O   . PRO A 63 ? 0.6063 0.5261 0.6101 0.0620  0.0770  0.0694  63 PRO A O   
327 C  CB  . PRO A 63 ? 0.6192 0.5108 0.6132 0.0162  0.0879  0.0717  63 PRO A CB  
328 C  CG  . PRO A 63 ? 0.6252 0.5248 0.6326 0.0104  0.1074  0.0678  63 PRO A CG  
329 C  CD  . PRO A 63 ? 0.6242 0.5530 0.6740 0.0055  0.1077  0.0548  63 PRO A CD  
330 N  N   . VAL A 64 ? 0.5966 0.5479 0.6245 0.0659  0.0469  0.0535  64 VAL A N   
331 C  CA  . VAL A 64 ? 0.6005 0.5653 0.6198 0.0949  0.0380  0.0559  64 VAL A CA  
332 C  C   . VAL A 64 ? 0.6019 0.5397 0.5843 0.1049  0.0338  0.0641  64 VAL A C   
333 O  O   . VAL A 64 ? 0.6046 0.5342 0.5811 0.0963  0.0251  0.0595  64 VAL A O   
334 C  CB  . VAL A 64 ? 0.6105 0.6224 0.6583 0.1045  0.0181  0.0394  64 VAL A CB  
335 C  CG1 . VAL A 64 ? 0.6350 0.6552 0.6583 0.1375  0.0041  0.0441  64 VAL A CG1 
336 C  CG2 . VAL A 64 ? 0.5978 0.6485 0.6897 0.1018  0.0249  0.0310  64 VAL A CG2 
337 N  N   . HIS A 65 ? 0.6132 0.5336 0.5712 0.1229  0.0443  0.0759  65 HIS A N   
338 C  CA  . HIS A 65 ? 0.6415 0.5371 0.5661 0.1317  0.0465  0.0829  65 HIS A CA  
339 C  C   . HIS A 65 ? 0.6493 0.5587 0.5607 0.1528  0.0279  0.0780  65 HIS A C   
340 O  O   . HIS A 65 ? 0.6609 0.5852 0.5654 0.1781  0.0216  0.0805  65 HIS A O   
341 C  CB  . HIS A 65 ? 0.6898 0.5550 0.5903 0.1406  0.0703  0.0953  65 HIS A CB  
342 C  CG  . HIS A 65 ? 0.7519 0.5907 0.6196 0.1480  0.0794  0.1016  65 HIS A CG  
343 N  ND1 . HIS A 65 ? 0.8142 0.6200 0.6507 0.1647  0.1011  0.1130  65 HIS A ND1 
344 C  CD2 . HIS A 65 ? 0.7624 0.5994 0.6234 0.1410  0.0742  0.0982  65 HIS A CD2 
345 C  CE1 . HIS A 65 ? 0.8308 0.6169 0.6432 0.1646  0.1099  0.1154  65 HIS A CE1 
346 N  NE2 . HIS A 65 ? 0.7974 0.6059 0.6268 0.1511  0.0929  0.1059  65 HIS A NE2 
347 N  N   . THR A 66 ? 0.6457 0.5506 0.5509 0.1445  0.0192  0.0707  66 THR A N   
348 C  CA  . THR A 66 ? 0.6668 0.5809 0.5526 0.1604  0.0028  0.0620  66 THR A CA  
349 C  C   . THR A 66 ? 0.6783 0.5614 0.5276 0.1679  0.0138  0.0690  66 THR A C   
350 O  O   . THR A 66 ? 0.6692 0.5331 0.5211 0.1551  0.0295  0.0752  66 THR A O   
351 C  CB  . THR A 66 ? 0.6642 0.5972 0.5733 0.1430  -0.0139 0.0409  66 THR A CB  
352 O  OG1 . THR A 66 ? 0.6458 0.5532 0.5606 0.1237  -0.0040 0.0423  66 THR A OG1 
353 C  CG2 . THR A 66 ? 0.6546 0.6240 0.6044 0.1325  -0.0217 0.0301  66 THR A CG2 
354 N  N   . TYR A 67 ? 0.7083 0.5914 0.5238 0.1891  0.0053  0.0663  67 TYR A N   
355 C  CA  . TYR A 67 ? 0.7265 0.5794 0.5036 0.1975  0.0193  0.0715  67 TYR A CA  
356 C  C   . TYR A 67 ? 0.7326 0.5925 0.4968 0.1983  0.0033  0.0528  67 TYR A C   
357 O  O   . TYR A 67 ? 0.7412 0.6208 0.4854 0.2132  -0.0163 0.0432  67 TYR A O   
358 C  CB  . TYR A 67 ? 0.7760 0.6072 0.5074 0.2248  0.0323  0.0888  67 TYR A CB  
359 C  CG  . TYR A 67 ? 0.8130 0.6045 0.5069 0.2283  0.0598  0.0979  67 TYR A CG  
360 C  CD1 . TYR A 67 ? 0.7946 0.5709 0.5095 0.2065  0.0846  0.1013  67 TYR A CD1 
361 C  CD2 . TYR A 67 ? 0.8695 0.6420 0.5062 0.2529  0.0622  0.1021  67 TYR A CD2 
362 C  CE1 . TYR A 67 ? 0.8190 0.5661 0.5079 0.2062  0.1130  0.1062  67 TYR A CE1 
363 C  CE2 . TYR A 67 ? 0.9023 0.6360 0.5042 0.2542  0.0933  0.1100  67 TYR A CE2 
364 C  CZ  . TYR A 67 ? 0.8725 0.5952 0.5052 0.2294  0.1199  0.1111  67 TYR A CZ  
365 O  OH  . TYR A 67 ? 0.9132 0.6042 0.5195 0.2273  0.1541  0.1156  67 TYR A OH  
366 N  N   . LEU A 68 ? 0.7305 0.5762 0.5060 0.1834  0.0117  0.0463  68 LEU A N   
367 C  CA  . LEU A 68 ? 0.7435 0.5884 0.5135 0.1789  0.0010  0.0253  68 LEU A CA  
368 C  C   . LEU A 68 ? 0.7554 0.5724 0.4998 0.1852  0.0192  0.0248  68 LEU A C   
369 O  O   . LEU A 68 ? 0.7381 0.5442 0.4966 0.1817  0.0388  0.0367  68 LEU A O   
370 C  CB  . LEU A 68 ? 0.7144 0.5641 0.5279 0.1556  -0.0045 0.0152  68 LEU A CB  
371 C  CG  . LEU A 68 ? 0.6970 0.5774 0.5387 0.1444  -0.0218 0.0052  68 LEU A CG  
372 C  CD1 . LEU A 68 ? 0.6657 0.5390 0.5453 0.1222  -0.0150 0.0079  68 LEU A CD1 
373 C  CD2 . LEU A 68 ? 0.7382 0.6355 0.5712 0.1410  -0.0404 -0.0233 68 LEU A CD2 
374 N  N   . ALA A 69 ? 0.7958 0.6061 0.5041 0.1939  0.0128  0.0083  69 ALA A N   
375 C  CA  . ALA A 69 ? 0.8096 0.5926 0.4937 0.1997  0.0324  0.0036  69 ALA A CA  
376 C  C   . ALA A 69 ? 0.7712 0.5438 0.4933 0.1860  0.0385  -0.0052 69 ALA A C   
377 O  O   . ALA A 69 ? 0.7488 0.5279 0.4992 0.1714  0.0249  -0.0142 69 ALA A O   
378 C  CB  . ALA A 69 ? 0.8536 0.6299 0.4820 0.2118  0.0237  -0.0145 69 ALA A CB  
379 N  N   . GLU A 70 ? 0.7673 0.5228 0.4899 0.1925  0.0616  -0.0017 70 GLU A N   
380 C  CA  . GLU A 70 ? 0.7572 0.5020 0.5148 0.1886  0.0695  -0.0046 70 GLU A CA  
381 C  C   . GLU A 70 ? 0.7796 0.5017 0.5295 0.1812  0.0612  -0.0285 70 GLU A C   
382 O  O   . GLU A 70 ? 0.7598 0.4681 0.5382 0.1745  0.0624  -0.0285 70 GLU A O   
383 C  CB  . GLU A 70 ? 0.7782 0.5156 0.5372 0.2019  0.0963  -0.0007 70 GLU A CB  
384 C  CG  . GLU A 70 ? 0.7724 0.5076 0.5732 0.2063  0.1040  0.0028  70 GLU A CG  
385 C  CD  . GLU A 70 ? 0.7977 0.5439 0.6151 0.2209  0.1295  0.0073  70 GLU A CD  
386 O  OE1 . GLU A 70 ? 0.8656 0.5888 0.6620 0.2326  0.1471  -0.0064 70 GLU A OE1 
387 O  OE2 . GLU A 70 ? 0.7579 0.5389 0.6110 0.2191  0.1330  0.0219  70 GLU A OE2 
388 N  N   . ALA A 71 ? 0.8232 0.5394 0.5305 0.1819  0.0538  -0.0494 71 ALA A N   
389 C  CA  . ALA A 71 ? 0.8663 0.5607 0.5628 0.1696  0.0482  -0.0797 71 ALA A CA  
390 C  C   . ALA A 71 ? 0.8563 0.5677 0.5812 0.1470  0.0276  -0.0887 71 ALA A C   
391 O  O   . ALA A 71 ? 0.9048 0.5955 0.6324 0.1294  0.0273  -0.1144 71 ALA A O   
392 C  CB  . ALA A 71 ? 0.9232 0.6136 0.5613 0.1756  0.0440  -0.1031 71 ALA A CB  
393 N  N   . GLN A 72 ? 0.8096 0.5557 0.5565 0.1458  0.0147  -0.0693 72 GLN A N   
394 C  CA  . GLN A 72 ? 0.8046 0.5740 0.5817 0.1251  -0.0022 -0.0777 72 GLN A CA  
395 C  C   . GLN A 72 ? 0.7785 0.5317 0.5956 0.1144  0.0088  -0.0605 72 GLN A C   
396 O  O   . GLN A 72 ? 0.7583 0.5246 0.6027 0.0955  0.0017  -0.0642 72 GLN A O   
397 C  CB  . GLN A 72 ? 0.8048 0.6210 0.5800 0.1332  -0.0216 -0.0679 72 GLN A CB  
398 C  CG  . GLN A 72 ? 0.8759 0.7085 0.6015 0.1506  -0.0349 -0.0791 72 GLN A CG  
399 C  CD  . GLN A 72 ? 0.8932 0.7694 0.6159 0.1651  -0.0539 -0.0670 72 GLN A CD  
400 O  OE1 . GLN A 72 ? 0.8925 0.7623 0.5861 0.1883  -0.0463 -0.0430 72 GLN A OE1 
401 N  NE2 . GLN A 72 ? 0.9079 0.8270 0.6617 0.1522  -0.0757 -0.0837 72 GLN A NE2 
402 N  N   . LEU A 73 ? 0.7754 0.5029 0.5951 0.1278  0.0267  -0.0420 73 LEU A N   
403 C  CA  . LEU A 73 ? 0.7591 0.4763 0.6080 0.1248  0.0343  -0.0207 73 LEU A CA  
404 C  C   . LEU A 73 ? 0.8315 0.5000 0.6815 0.1299  0.0520  -0.0211 73 LEU A C   
405 O  O   . LEU A 73 ? 0.8674 0.5131 0.7004 0.1438  0.0640  -0.0301 73 LEU A O   
406 C  CB  . LEU A 73 ? 0.7066 0.4497 0.5646 0.1388  0.0362  0.0057  73 LEU A CB  
407 C  CG  . LEU A 73 ? 0.6649 0.4437 0.5222 0.1351  0.0246  0.0115  73 LEU A CG  
408 C  CD1 . LEU A 73 ? 0.6237 0.4190 0.4874 0.1439  0.0328  0.0324  73 LEU A CD1 
409 C  CD2 . LEU A 73 ? 0.6514 0.4415 0.5298 0.1163  0.0148  0.0098  73 LEU A CD2 
410 N  N   . SER A 74 ? 0.8553 0.5038 0.7216 0.1207  0.0566  -0.0099 74 SER A N   
411 C  CA  . SER A 74 ? 0.9258 0.5204 0.7891 0.1305  0.0754  -0.0030 74 SER A CA  
412 C  C   . SER A 74 ? 0.9129 0.5096 0.7896 0.1396  0.0758  0.0293  74 SER A C   
413 O  O   . SER A 74 ? 0.9081 0.5308 0.7949 0.1245  0.0658  0.0376  74 SER A O   
414 C  CB  . SER A 74 ? 0.9997 0.5451 0.8544 0.1062  0.0869  -0.0285 74 SER A CB  
415 O  OG  . SER A 74 ? 1.0304 0.5827 0.8700 0.0949  0.0820  -0.0630 74 SER A OG  
416 N  N   . SER A 75 ? 0.9143 0.4858 0.7895 0.1666  0.0872  0.0471  75 SER A N   
417 C  CA  . SER A 75 ? 0.8944 0.4705 0.7754 0.1808  0.0846  0.0786  75 SER A CA  
418 C  C   . SER A 75 ? 0.9054 0.4370 0.7741 0.1611  0.0927  0.0842  75 SER A C   
419 O  O   . SER A 75 ? 0.9547 0.4324 0.8120 0.1447  0.1092  0.0662  75 SER A O   
420 C  CB  . SER A 75 ? 0.9283 0.5025 0.8148 0.2125  0.0909  0.0923  75 SER A CB  
421 O  OG  . SER A 75 ? 0.9016 0.5101 0.8012 0.2289  0.0908  0.0839  75 SER A OG  
422 N  N   . GLU A 76 ? 0.9784 0.6674 0.7214 0.0875  0.0308  -0.0368 76 GLU A N   
423 C  CA  . GLU A 76 ? 0.9697 0.6526 0.7319 0.0547  0.0384  -0.0508 76 GLU A CA  
424 C  C   . GLU A 76 ? 0.9814 0.6202 0.7690 0.0790  0.0822  0.0068  76 GLU A C   
425 O  O   . GLU A 76 ? 0.9175 0.5903 0.7286 0.1096  0.0715  0.0676  76 GLU A O   
426 C  CB  . GLU A 76 ? 0.8755 0.6466 0.6720 0.0439  -0.0107 -0.0503 76 GLU A CB  
427 C  CG  . GLU A 76 ? 0.8783 0.6454 0.6995 0.0226  0.0011  -0.0468 76 GLU A CG  
428 C  CD  . GLU A 76 ? 0.9312 0.6745 0.7445 -0.0200 0.0119  -0.0928 76 GLU A CD  
429 O  OE1 . GLU A 76 ? 0.9693 0.6911 0.7465 -0.0412 0.0131  -0.1297 76 GLU A OE1 
430 O  OE2 . GLU A 76 ? 0.9345 0.6832 0.7746 -0.0367 0.0178  -0.0902 76 GLU A OE2 
431 N  N   . LEU A 77 ? 1.0777 0.6456 0.8646 0.0603  0.1327  -0.0073 77 LEU A N   
432 C  CA  . LEU A 77 ? 1.1471 0.6740 0.9746 0.0809  0.1899  0.0533  77 LEU A CA  
433 C  C   . LEU A 77 ? 1.0916 0.6939 0.9720 0.0758  0.1669  0.0979  77 LEU A C   
434 O  O   . LEU A 77 ? 1.0573 0.7026 0.9683 0.0985  0.1655  0.1732  77 LEU A O   
435 C  CB  . LEU A 77 ? 1.2751 0.6968 1.0877 0.0568  0.2559  0.0140  77 LEU A CB  
436 C  CG  . LEU A 77 ? 1.3580 0.7356 1.0992 0.0096  0.2436  -0.0778 77 LEU A CG  
437 C  CD1 . LEU A 77 ? 1.2931 0.7603 1.0475 -0.0290 0.1754  -0.1112 77 LEU A CD1 
438 C  CD2 . LEU A 77 ? 1.5043 0.7509 1.2123 -0.0188 0.3197  -0.1161 77 LEU A CD2 
439 N  N   . GLN A 78 ? 1.0862 0.7094 0.9728 0.0415  0.1471  0.0544  78 GLN A N   
440 C  CA  . GLN A 78 ? 1.0380 0.7253 0.9623 0.0322  0.1291  0.0837  78 GLN A CA  
441 C  C   . GLN A 78 ? 0.9932 0.7538 0.9058 0.0394  0.0792  0.1103  78 GLN A C   
442 O  O   . GLN A 78 ? 0.9770 0.7541 0.8596 0.0428  0.0429  0.0815  78 GLN A O   
443 C  CB  . GLN A 78 ? 1.0247 0.7250 0.9485 -0.0014 0.1080  0.0277  78 GLN A CB  
444 C  CG  . GLN A 78 ? 1.0875 0.7312 1.0334 -0.0232 0.1496  0.0059  78 GLN A CG  
445 C  CD  . GLN A 78 ? 1.0769 0.7540 1.0300 -0.0560 0.1186  -0.0323 78 GLN A CD  
446 O  OE1 . GLN A 78 ? 1.0197 0.7619 0.9891 -0.0532 0.0903  -0.0168 78 GLN A OE1 
447 N  NE2 . GLN A 78 ? 1.1484 0.7784 1.0846 -0.0908 0.1267  -0.0790 78 GLN A NE2 
448 N  N   . ASP A 79 ? 0.9947 0.8020 0.9303 0.0361  0.0788  0.1662  79 ASP A N   
449 C  CA  . ASP A 79 ? 0.9828 0.8493 0.8921 0.0282  0.0347  0.1881  79 ASP A CA  
450 C  C   . ASP A 79 ? 0.9470 0.8450 0.8438 0.0015  0.0173  0.1604  79 ASP A C   
451 O  O   . ASP A 79 ? 0.9388 0.8675 0.7983 -0.0123 -0.0119 0.1643  79 ASP A O   
452 C  CB  . ASP A 79 ? 1.0298 0.9367 0.9589 0.0306  0.0433  0.2807  79 ASP A CB  
453 C  CG  . ASP A 79 ? 1.0939 0.9695 1.0479 0.0638  0.0751  0.3291  79 ASP A CG  
454 O  OD1 . ASP A 79 ? 1.0977 0.9649 1.0247 0.0815  0.0507  0.3229  79 ASP A OD1 
455 O  OD2 . ASP A 79 ? 1.1395 0.9973 1.1452 0.0758  0.1304  0.3779  79 ASP A OD2 
456 N  N   . GLU A 80 ? 0.9411 0.8248 0.8656 -0.0069 0.0392  0.1343  80 GLU A N   
457 C  CA  . GLU A 80 ? 0.9230 0.8344 0.8423 -0.0256 0.0315  0.1177  80 GLU A CA  
458 C  C   . GLU A 80 ? 0.9004 0.7915 0.8337 -0.0297 0.0323  0.0641  80 GLU A C   
459 O  O   . GLU A 80 ? 0.9041 0.7650 0.8687 -0.0315 0.0529  0.0526  80 GLU A O   
460 C  CB  . GLU A 80 ? 0.9561 0.8973 0.9154 -0.0334 0.0586  0.1673  80 GLU A CB  
461 C  CG  . GLU A 80 ? 0.9937 0.9918 0.9222 -0.0530 0.0445  0.2167  80 GLU A CG  
462 C  CD  . GLU A 80 ? 1.0404 1.0897 1.0216 -0.0620 0.0721  0.2774  80 GLU A CD  
463 O  OE1 . GLU A 80 ? 1.0652 1.1503 1.0288 -0.0818 0.0684  0.2762  80 GLU A OE1 
464 O  OE2 . GLU A 80 ? 1.0556 1.1102 1.1001 -0.0471 0.1039  0.3303  80 GLU A OE2 
465 N  N   . HIS A 81 ? 0.8928 0.7997 0.8032 -0.0344 0.0132  0.0365  81 HIS A N   
466 C  CA  . HIS A 81 ? 0.9248 0.8331 0.8578 -0.0408 0.0113  0.0038  81 HIS A CA  
467 C  C   . HIS A 81 ? 0.9277 0.8572 0.8606 -0.0437 0.0193  0.0083  81 HIS A C   
468 O  O   . HIS A 81 ? 0.9196 0.8545 0.8262 -0.0393 0.0159  -0.0003 81 HIS A O   
469 C  CB  . HIS A 81 ? 0.9318 0.8462 0.8540 -0.0369 -0.0105 -0.0227 81 HIS A CB  
470 C  CG  . HIS A 81 ? 0.9311 0.8219 0.8396 -0.0294 -0.0158 -0.0263 81 HIS A CG  
471 N  ND1 . HIS A 81 ? 0.9075 0.7958 0.7913 -0.0125 -0.0231 -0.0034 81 HIS A ND1 
472 C  CD2 . HIS A 81 ? 0.9204 0.7814 0.8309 -0.0384 -0.0092 -0.0460 81 HIS A CD2 
473 C  CE1 . HIS A 81 ? 0.8949 0.7562 0.7743 -0.0024 -0.0185 -0.0040 81 HIS A CE1 
474 N  NE2 . HIS A 81 ? 0.9074 0.7451 0.7960 -0.0190 -0.0068 -0.0347 81 HIS A NE2 
475 N  N   . PRO A 82 ? 0.9563 0.8929 0.9215 -0.0489 0.0369  0.0242  82 PRO A N   
476 C  CA  . PRO A 82 ? 0.9800 0.9340 0.9460 -0.0476 0.0517  0.0345  82 PRO A CA  
477 C  C   . PRO A 82 ? 0.9940 0.9567 0.9797 -0.0429 0.0524  0.0232  82 PRO A C   
478 O  O   . PRO A 82 ? 1.0197 0.9822 0.9880 -0.0340 0.0724  0.0301  82 PRO A O   
479 C  CB  . PRO A 82 ? 0.9726 0.9399 0.9921 -0.0509 0.0674  0.0582  82 PRO A CB  
480 C  CG  . PRO A 82 ? 0.9690 0.9237 0.9997 -0.0531 0.0703  0.0703  82 PRO A CG  
481 C  CD  . PRO A 82 ? 0.9641 0.8894 0.9688 -0.0525 0.0523  0.0408  82 PRO A CD  
482 N  N   . GLU A 83 ? 0.9916 0.9626 1.0112 -0.0521 0.0355  0.0116  83 GLU A N   
483 C  CA  . GLU A 83 ? 0.9890 0.9927 1.0419 -0.0534 0.0333  0.0191  83 GLU A CA  
484 C  C   . GLU A 83 ? 0.9424 0.9520 0.9714 -0.0402 0.0319  0.0107  83 GLU A C   
485 O  O   . GLU A 83 ? 0.9370 0.9726 0.9939 -0.0301 0.0485  0.0302  83 GLU A O   
486 C  CB  . GLU A 83 ? 1.0320 1.0559 1.1230 -0.0829 0.0106  0.0145  83 GLU A CB  
487 C  CG  . GLU A 83 ? 1.0639 1.1485 1.2031 -0.0944 0.0032  0.0419  83 GLU A CG  
488 C  CD  . GLU A 83 ? 1.1237 1.2326 1.2846 -0.1420 -0.0257 0.0380  83 GLU A CD  
489 O  OE1 . GLU A 83 ? 1.1696 1.2284 1.3005 -0.1622 -0.0317 0.0038  83 GLU A OE1 
490 O  OE2 . GLU A 83 ? 1.1325 1.3100 1.3391 -0.1632 -0.0382 0.0733  83 GLU A OE2 
491 N  N   . GLN A 84 ? 0.9093 0.8967 0.8962 -0.0376 0.0169  -0.0096 84 GLN A N   
492 C  CA  . GLN A 84 ? 0.8656 0.8592 0.8360 -0.0248 0.0129  -0.0168 84 GLN A CA  
493 C  C   . GLN A 84 ? 0.8854 0.8401 0.7918 -0.0196 0.0146  -0.0239 84 GLN A C   
494 O  O   . GLN A 84 ? 0.8620 0.8124 0.7489 -0.0176 -0.0077 -0.0295 84 GLN A O   
495 C  CB  . GLN A 84 ? 0.8368 0.8592 0.8257 -0.0315 -0.0166 -0.0277 84 GLN A CB  
496 C  CG  . GLN A 84 ? 0.8348 0.9105 0.8777 -0.0523 -0.0251 -0.0162 84 GLN A CG  
497 C  CD  . GLN A 84 ? 0.8490 0.9499 0.8895 -0.0714 -0.0550 -0.0328 84 GLN A CD  
498 O  OE1 . GLN A 84 ? 0.8941 0.9549 0.9037 -0.0887 -0.0629 -0.0559 84 GLN A OE1 
499 N  NE2 . GLN A 84 ? 0.8194 0.9860 0.8931 -0.0682 -0.0647 -0.0183 84 GLN A NE2 
500 N  N   . PRO A 85 ? 0.9333 1.2704 0.8412 0.1291  0.2466  0.3446  85 PRO A N   
501 C  CA  . PRO A 85 ? 0.9355 1.2567 0.7836 0.1847  0.2367  0.3268  85 PRO A CA  
502 C  C   . PRO A 85 ? 0.8825 1.1579 0.6871 0.1984  0.1907  0.2772  85 PRO A C   
503 O  O   . PRO A 85 ? 0.8945 1.1193 0.6705 0.2064  0.1728  0.2505  85 PRO A O   
504 C  CB  . PRO A 85 ? 0.9911 1.4067 0.8293 0.2584  0.2466  0.3396  85 PRO A CB  
505 C  CG  . PRO A 85 ? 1.0125 1.4850 0.9141 0.2261  0.2709  0.3750  85 PRO A CG  
506 C  CD  . PRO A 85 ? 0.9604 1.4044 0.8944 0.1634  0.2621  0.3671  85 PRO A CD  
507 N  N   . SER A 86 ? 0.8505 1.1339 0.6622 0.1964  0.1607  0.2545  86 SER A N   
508 C  CA  . SER A 86 ? 0.8224 1.0407 0.6004 0.2046  0.1034  0.2009  86 SER A CA  
509 C  C   . SER A 86 ? 0.7854 0.9042 0.5679 0.1356  0.0914  0.1870  86 SER A C   
510 O  O   . SER A 86 ? 0.7898 0.8510 0.5458 0.1372  0.0536  0.1507  86 SER A O   
511 C  CB  . SER A 86 ? 0.8392 1.0787 0.6186 0.2182  0.0742  0.1846  86 SER A CB  
512 O  OG  . SER A 86 ? 0.8253 1.0711 0.6524 0.1589  0.0947  0.2093  86 SER A OG  
513 N  N   . MSE A 87 ? 0.7543 0.8571 0.5723 0.0759  0.1225  0.2154  87 MSE A N   
514 C  CA  . MSE A 87 ? 0.7548 0.7802 0.5738 0.0181  0.1171  0.2040  87 MSE A CA  
515 C  C   . MSE A 87 ? 0.7469 0.7613 0.5546 0.0279  0.1301  0.2005  87 MSE A C   
516 O  O   . MSE A 87 ? 0.7401 0.7072 0.5398 0.0007  0.1144  0.1769  87 MSE A O   
517 C  CB  . MSE A 87 ? 0.7612 0.7734 0.6170 -0.0385 0.1392  0.2274  87 MSE A CB  
518 C  CG  . MSE A 87 ? 0.7708 0.7876 0.6388 -0.0538 0.1190  0.2216  87 MSE A CG  
519 SE SE  . MSE A 87 ? 0.9035 0.8313 0.7219 -0.0722 0.0662  0.1820  87 MSE A SE  
520 C  CE  . MSE A 87 ? 0.9239 0.8778 0.7060 0.0053  0.0267  0.1571  87 MSE A CE  
521 N  N   . ASP A 88 ? 0.7574 0.8212 0.5641 0.0678  0.1598  0.2261  88 ASP A N   
522 C  CA  . ASP A 88 ? 0.7655 0.8264 0.5521 0.0951  0.1671  0.2191  88 ASP A CA  
523 C  C   . ASP A 88 ? 0.7616 0.8300 0.5196 0.1422  0.1267  0.1749  88 ASP A C   
524 O  O   . ASP A 88 ? 0.7380 0.7831 0.4915 0.1382  0.1093  0.1448  88 ASP A O   
525 C  CB  . ASP A 88 ? 0.7903 0.8954 0.5719 0.1317  0.2086  0.2637  88 ASP A CB  
526 C  CG  . ASP A 88 ? 0.8129 0.8857 0.6407 0.0741  0.2260  0.2836  88 ASP A CG  
527 O  OD1 . ASP A 88 ? 0.8167 0.8363 0.6562 0.0230  0.2173  0.2683  88 ASP A OD1 
528 O  OD2 . ASP A 88 ? 0.8479 0.9477 0.6977 0.0813  0.2424  0.3085  88 ASP A OD2 
529 N  N   . GLU A 89 ? 0.8029 0.9074 0.5455 0.1876  0.1082  0.1677  89 GLU A N   
530 C  CA  . GLU A 89 ? 0.8608 0.9644 0.5743 0.2385  0.0596  0.1202  89 GLU A CA  
531 C  C   . GLU A 89 ? 0.8503 0.8765 0.5723 0.1862  0.0170  0.0835  89 GLU A C   
532 O  O   . GLU A 89 ? 0.8687 0.8739 0.5858 0.1966  -0.0170 0.0448  89 GLU A O   
533 C  CB  . GLU A 89 ? 0.9193 1.0758 0.6115 0.2999  0.0461  0.1184  89 GLU A CB  
534 C  CG  . GLU A 89 ? 0.9802 1.2298 0.6584 0.3623  0.0881  0.1559  89 GLU A CG  
535 C  CD  . GLU A 89 ? 1.0357 1.3571 0.6966 0.4242  0.0779  0.1535  89 GLU A CD  
536 O  OE1 . GLU A 89 ? 1.0510 1.3416 0.7133 0.4139  0.0383  0.1247  89 GLU A OE1 
537 O  OE2 . GLU A 89 ? 1.0709 1.4826 0.7127 0.4870  0.1099  0.1818  89 GLU A OE2 
538 N  N   . LEU A 90 ? 0.8382 0.8247 0.5743 0.1293  0.0189  0.0973  90 LEU A N   
539 C  CA  . LEU A 90 ? 0.8782 0.7882 0.6157 0.0748  -0.0140 0.0756  90 LEU A CA  
540 C  C   . LEU A 90 ? 0.8767 0.7685 0.6351 0.0280  -0.0012 0.0702  90 LEU A C   
541 O  O   . LEU A 90 ? 0.9213 0.7803 0.6840 0.0103  -0.0331 0.0411  90 LEU A O   
542 C  CB  . LEU A 90 ? 0.8715 0.7505 0.6115 0.0310  -0.0086 0.0965  90 LEU A CB  
543 C  CG  . LEU A 90 ? 0.9007 0.6973 0.6312 -0.0274 -0.0345 0.0874  90 LEU A CG  
544 C  CD1 . LEU A 90 ? 0.9731 0.7176 0.6759 -0.0033 -0.0917 0.0549  90 LEU A CD1 
545 C  CD2 . LEU A 90 ? 0.8850 0.6624 0.6124 -0.0603 -0.0249 0.1090  90 LEU A CD2 
546 N  N   . ALA A 91 ? 0.8337 0.7491 0.6082 0.0081  0.0435  0.0976  91 ALA A N   
547 C  CA  . ALA A 91 ? 0.8195 0.7315 0.6117 -0.0272 0.0588  0.0914  91 ALA A CA  
548 C  C   . ALA A 91 ? 0.8721 0.8135 0.6676 0.0097  0.0407  0.0585  91 ALA A C   
549 O  O   . ALA A 91 ? 0.8883 0.8224 0.7044 -0.0236 0.0267  0.0348  91 ALA A O   
550 C  CB  . ALA A 91 ? 0.7698 0.6973 0.5700 -0.0357 0.1029  0.1223  91 ALA A CB  
551 N  N   . GLN A 92 ? 0.8736 0.8559 0.6503 0.0798  0.0410  0.0571  92 GLN A N   
552 C  CA  . GLN A 92 ? 0.9093 0.9253 0.6837 0.1277  0.0199  0.0213  92 GLN A CA  
553 C  C   . GLN A 92 ? 0.9374 0.9285 0.7197 0.1266  -0.0374 -0.0246 92 GLN A C   
554 O  O   . GLN A 92 ? 0.9577 0.9591 0.7660 0.1186  -0.0616 -0.0613 92 GLN A O   
555 C  CB  . GLN A 92 ? 0.9613 1.0272 0.7008 0.2115  0.0344  0.0347  92 GLN A CB  
556 C  CG  . GLN A 92 ? 1.0360 1.1417 0.7657 0.2692  0.0175  -0.0003 92 GLN A CG  
557 C  CD  . GLN A 92 ? 1.1100 1.2653 0.7913 0.3631  0.0260  0.0116  92 GLN A CD  
558 O  OE1 . GLN A 92 ? 1.1429 1.3122 0.8011 0.4004  0.0149  0.0154  92 GLN A OE1 
559 N  NE2 . GLN A 92 ? 1.1366 1.3221 0.7965 0.4075  0.0460  0.0180  92 GLN A NE2 
560 N  N   . THR A 93 ? 0.9654 0.9237 0.7282 0.1354  -0.0622 -0.0241 93 THR A N   
561 C  CA  . THR A 93 ? 1.0278 0.9406 0.7904 0.1374  -0.1241 -0.0665 93 THR A CA  
562 C  C   . THR A 93 ? 1.0522 0.9097 0.8510 0.0487  -0.1368 -0.0719 93 THR A C   
563 O  O   . THR A 93 ? 1.0937 0.9385 0.9204 0.0351  -0.1761 -0.1098 93 THR A O   
564 C  CB  . THR A 93 ? 1.0686 0.9512 0.7950 0.1685  -0.1480 -0.0628 93 THR A CB  
565 O  OG1 . THR A 93 ? 1.0593 1.0124 0.7553 0.2518  -0.1309 -0.0540 93 THR A OG1 
566 C  CG2 . THR A 93 ? 1.1508 0.9673 0.8699 0.1765  -0.2209 -0.1102 93 THR A CG2 
567 N  N   . ILE A 94 ? 1.0350 0.8649 0.8350 -0.0113 -0.1036 -0.0333 94 ILE A N   
568 C  CA  . ILE A 94 ? 1.0596 0.8434 0.8838 -0.0947 -0.1063 -0.0271 94 ILE A CA  
569 C  C   . ILE A 94 ? 1.0524 0.8896 0.9235 -0.1243 -0.0889 -0.0409 94 ILE A C   
570 O  O   . ILE A 94 ? 1.0843 0.9045 0.9904 -0.1784 -0.1084 -0.0542 94 ILE A O   
571 C  CB  . ILE A 94 ? 1.0419 0.7976 0.8477 -0.1380 -0.0717 0.0157  94 ILE A CB  
572 C  CG1 . ILE A 94 ? 1.0953 0.7882 0.8614 -0.1226 -0.1028 0.0214  94 ILE A CG1 
573 C  CG2 . ILE A 94 ? 1.0408 0.7780 0.8676 -0.2172 -0.0563 0.0292  94 ILE A CG2 
574 C  CD1 . ILE A 94 ? 1.0978 0.7564 0.8441 -0.1643 -0.0810 0.0557  94 ILE A CD1 
575 N  N   . ARG A 95 ? 1.0246 0.9285 0.8976 -0.0868 -0.0540 -0.0377 95 ARG A N   
576 C  CA  . ARG A 95 ? 1.0325 0.9985 0.9453 -0.0989 -0.0393 -0.0562 95 ARG A CA  
577 C  C   . ARG A 95 ? 1.0820 1.0774 1.0278 -0.0739 -0.0850 -0.1076 95 ARG A C   
578 O  O   . ARG A 95 ? 1.0707 1.1335 1.0503 -0.0651 -0.0792 -0.1321 95 ARG A O   
579 C  CB  . ARG A 95 ? 1.0138 1.0268 0.9081 -0.0540 0.0027  -0.0403 95 ARG A CB  
580 C  CG  . ARG A 95 ? 1.0225 1.0203 0.9072 -0.0944 0.0459  -0.0022 95 ARG A CG  
581 C  CD  . ARG A 95 ? 1.0508 1.0750 0.9159 -0.0497 0.0794  0.0135  95 ARG A CD  
582 N  NE  . ARG A 95 ? 1.0896 1.1082 0.9568 -0.0881 0.1114  0.0317  95 ARG A NE  
583 C  CZ  . ARG A 95 ? 1.1225 1.1836 1.0098 -0.1004 0.1224  0.0133  95 ARG A CZ  
584 N  NH1 . ARG A 95 ? 1.1440 1.2611 1.0596 -0.0825 0.1049  -0.0230 95 ARG A NH1 
585 N  NH2 . ARG A 95 ? 1.1336 1.1884 1.0145 -0.1261 0.1477  0.0265  95 ARG A NH2 
586 N  N   . LYS A 96 ? 1.1476 1.0927 1.0832 -0.0577 -0.1355 -0.1289 96 LYS A N   
587 C  CA  . LYS A 96 ? 1.2066 1.1660 1.1754 -0.0352 -0.1914 -0.1847 96 LYS A CA  
588 C  C   . LYS A 96 ? 1.2830 1.1555 1.2685 -0.0870 -0.2440 -0.1974 96 LYS A C   
589 O  O   . LYS A 96 ? 1.3316 1.2049 1.3703 -0.1107 -0.2890 -0.2385 96 LYS A O   
590 C  CB  . LYS A 96 ? 1.2215 1.2099 1.1472 0.0722  -0.2128 -0.2113 96 LYS A CB  
591 C  CG  . LYS A 96 ? 1.1739 1.2377 1.0784 0.1268  -0.1656 -0.1965 96 LYS A CG  
592 C  CD  . LYS A 96 ? 1.1958 1.2872 1.0456 0.2343  -0.1801 -0.2104 96 LYS A CD  
593 C  CE  . LYS A 96 ? 1.1649 1.3169 0.9865 0.2865  -0.1325 -0.1876 96 LYS A CE  
594 N  NZ  . LYS A 96 ? 1.1199 1.2533 0.9317 0.2415  -0.0710 -0.1258 96 LYS A NZ  
595 N  N   . GLN A 97 ? 1.3013 1.0955 1.2427 -0.1044 -0.2416 -0.1628 97 GLN A N   
596 C  CA  . GLN A 97 ? 1.3786 1.0692 1.3204 -0.1511 -0.2915 -0.1669 97 GLN A CA  
597 C  C   . GLN A 97 ? 1.4000 1.0742 1.3919 -0.2589 -0.2732 -0.1414 97 GLN A C   
598 O  O   . GLN A 97 ? 1.4173 1.0350 1.3818 -0.3096 -0.2504 -0.0957 97 GLN A O   
599 C  CB  . GLN A 97 ? 1.3843 1.0018 1.2565 -0.1277 -0.2944 -0.1384 97 GLN A CB  
600 C  CG  . GLN A 97 ? 1.3987 1.0206 1.2239 -0.0243 -0.3302 -0.1697 97 GLN A CG  
601 C  CD  . GLN A 97 ? 1.4175 0.9799 1.1821 -0.0014 -0.3367 -0.1462 97 GLN A CD  
602 O  OE1 . GLN A 97 ? 1.3789 0.9276 1.1307 -0.0451 -0.2953 -0.1004 97 GLN A OE1 
603 N  NE2 . GLN A 97 ? 1.4782 1.0109 1.2038 0.0738  -0.3923 -0.1825 97 GLN A NE2 
# 
